data_5BZI
# 
_entry.id   5BZI 
# 
_audit_conform.dict_name       mmcif_pdbx.dic 
_audit_conform.dict_version    5.398 
_audit_conform.dict_location   http://mmcif.pdb.org/dictionaries/ascii/mmcif_pdbx.dic 
# 
loop_
_database_2.database_id 
_database_2.database_code 
_database_2.pdbx_database_accession 
_database_2.pdbx_DOI 
PDB   5BZI         pdb_00005bzi 10.2210/pdb5bzi/pdb 
WWPDB D_1000210175 ?            ?                   
# 
loop_
_pdbx_audit_revision_history.ordinal 
_pdbx_audit_revision_history.data_content_type 
_pdbx_audit_revision_history.major_revision 
_pdbx_audit_revision_history.minor_revision 
_pdbx_audit_revision_history.revision_date 
1 'Structure model' 1 0 2016-06-29 
2 'Structure model' 1 1 2024-11-13 
# 
_pdbx_audit_revision_details.ordinal             1 
_pdbx_audit_revision_details.revision_ordinal    1 
_pdbx_audit_revision_details.data_content_type   'Structure model' 
_pdbx_audit_revision_details.provider            repository 
_pdbx_audit_revision_details.type                'Initial release' 
_pdbx_audit_revision_details.description         ? 
_pdbx_audit_revision_details.details             ? 
# 
loop_
_pdbx_audit_revision_group.ordinal 
_pdbx_audit_revision_group.revision_ordinal 
_pdbx_audit_revision_group.data_content_type 
_pdbx_audit_revision_group.group 
1 2 'Structure model' 'Data collection'      
2 2 'Structure model' 'Database references'  
3 2 'Structure model' 'Derived calculations' 
4 2 'Structure model' 'Structure summary'    
# 
loop_
_pdbx_audit_revision_category.ordinal 
_pdbx_audit_revision_category.revision_ordinal 
_pdbx_audit_revision_category.data_content_type 
_pdbx_audit_revision_category.category 
1 2 'Structure model' chem_comp_atom              
2 2 'Structure model' chem_comp_bond              
3 2 'Structure model' citation                    
4 2 'Structure model' database_2                  
5 2 'Structure model' diffrn_radiation_wavelength 
6 2 'Structure model' pdbx_entry_details          
7 2 'Structure model' pdbx_modification_feature   
8 2 'Structure model' pdbx_struct_oper_list       
# 
loop_
_pdbx_audit_revision_item.ordinal 
_pdbx_audit_revision_item.revision_ordinal 
_pdbx_audit_revision_item.data_content_type 
_pdbx_audit_revision_item.item 
1 2 'Structure model' '_citation.journal_id_CSD'                  
2 2 'Structure model' '_database_2.pdbx_DOI'                      
3 2 'Structure model' '_database_2.pdbx_database_accession'       
4 2 'Structure model' '_pdbx_struct_oper_list.symmetry_operation' 
# 
_pdbx_database_status.status_code                     REL 
_pdbx_database_status.status_code_sf                  REL 
_pdbx_database_status.status_code_mr                  ? 
_pdbx_database_status.entry_id                        5BZI 
_pdbx_database_status.recvd_initial_deposition_date   2015-06-11 
_pdbx_database_status.SG_entry                        N 
_pdbx_database_status.deposit_site                    RCSB 
_pdbx_database_status.process_site                    RCSB 
_pdbx_database_status.status_code_cs                  ? 
_pdbx_database_status.methods_development_category    ? 
_pdbx_database_status.pdb_format_compatible           Y 
_pdbx_database_status.status_code_nmr_data            ? 
# 
loop_
_pdbx_database_related.content_type 
_pdbx_database_related.db_id 
_pdbx_database_related.db_name 
_pdbx_database_related.details 
unspecified 5BZC PDB . 
unspecified 5BZE PDB . 
unspecified 5BZF PDB . 
unspecified 5BZG PDB . 
unspecified 5BZH PDB . 
unspecified 5BZJ PDB . 
unspecified 5BZL PDB . 
unspecified 5BZM PDB . 
unspecified 5BZN PDB . 
unspecified 5BZO PDB . 
unspecified 5BZQ PDB . 
unspecified 5BZP PDB . 
unspecified 5BZR PDB . 
unspecified 5BZS PDB . 
unspecified 5BZT PDB . 
# 
loop_
_audit_author.name 
_audit_author.pdbx_ordinal 
'Liu, L.K.'    1 
'Finzel, B.C.' 2 
# 
_citation.abstract                  ? 
_citation.abstract_id_CAS           ? 
_citation.book_id_ISBN              ? 
_citation.book_publisher            ? 
_citation.book_publisher_city       ? 
_citation.book_title                ? 
_citation.coordinate_linkage        ? 
_citation.country                   ? 
_citation.database_id_Medline       ? 
_citation.details                   ? 
_citation.id                        primary 
_citation.journal_abbrev            'To Be Published' 
_citation.journal_id_ASTM           ? 
_citation.journal_id_CSD            0353 
_citation.journal_id_ISSN           ? 
_citation.journal_full              ? 
_citation.journal_issue             ? 
_citation.journal_volume            ? 
_citation.language                  ? 
_citation.page_first                ? 
_citation.page_last                 ? 
_citation.title                     'Crystal structure of the murine cd44 hyaluronan binding domain complex with a small molecule' 
_citation.year                      ? 
_citation.database_id_CSD           ? 
_citation.pdbx_database_id_DOI      ? 
_citation.pdbx_database_id_PubMed   ? 
_citation.unpublished_flag          ? 
# 
loop_
_citation_author.citation_id 
_citation_author.name 
_citation_author.ordinal 
_citation_author.identifier_ORCID 
primary 'Liu, L.K.'    1 ? 
primary 'Finzel, B.C.' 2 ? 
# 
loop_
_entity.id 
_entity.type 
_entity.src_method 
_entity.pdbx_description 
_entity.formula_weight 
_entity.pdbx_number_of_molecules 
_entity.pdbx_ec 
_entity.pdbx_mutation 
_entity.pdbx_fragment 
_entity.details 
1 polymer     man 'CD44 antigen'                        16855.803 1  ? 'H23M; Q24N' 'HYALURONAN BINDING DOMAIN, RESIDUES 21-171' ? 
2 non-polymer syn 1,2,3,4-tetrahydroisoquinolin-8-amine 148.205   1  ? ?            ?                                            ? 
3 non-polymer syn 'DIMETHYL SULFOXIDE'                  78.133    1  ? ?            ?                                            ? 
4 non-polymer syn GLYCEROL                              92.094    3  ? ?            ?                                            ? 
5 non-polymer syn 'SULFATE ION'                         96.063    1  ? ?            ?                                            ? 
6 water       nat water                                 18.015    75 ? ?            ?                                            ? 
# 
_entity_name_com.entity_id   1 
_entity_name_com.name        
;Extracellular matrix receptor III,ECMR-III,GP90 lymphocyte homing/adhesion receptor,HUTCH-I,Hermes antigen,Hyaluronate receptor,Lymphocyte antigen 24,Ly-24,Phagocytic glycoprotein 1,PGP-1,Phagocytic glycoprotein I,PGP-I
;
# 
_entity_poly.entity_id                      1 
_entity_poly.type                           'polypeptide(L)' 
_entity_poly.nstd_linkage                   no 
_entity_poly.nstd_monomer                   no 
_entity_poly.pdbx_seq_one_letter_code       
;MNQIDLNVTCRYAGVFHVEKNGRYSISRTEAADLCQAFNSTLPTMDQMKLALSKGFETCRYGFIEGNVVIPRIHPNAICA
ANHTGVYILVTSNTSHYDTYCFNASAPPEEDCTSVTDLPNSFDGPVTITIVNRDGTRYSKKGEYRTHQEDI
;
_entity_poly.pdbx_seq_one_letter_code_can   
;MNQIDLNVTCRYAGVFHVEKNGRYSISRTEAADLCQAFNSTLPTMDQMKLALSKGFETCRYGFIEGNVVIPRIHPNAICA
ANHTGVYILVTSNTSHYDTYCFNASAPPEEDCTSVTDLPNSFDGPVTITIVNRDGTRYSKKGEYRTHQEDI
;
_entity_poly.pdbx_strand_id                 A 
_entity_poly.pdbx_target_identifier         ? 
# 
loop_
_pdbx_entity_nonpoly.entity_id 
_pdbx_entity_nonpoly.name 
_pdbx_entity_nonpoly.comp_id 
2 1,2,3,4-tetrahydroisoquinolin-8-amine 4WU 
3 'DIMETHYL SULFOXIDE'                  DMS 
4 GLYCEROL                              GOL 
5 'SULFATE ION'                         SO4 
6 water                                 HOH 
# 
loop_
_entity_poly_seq.entity_id 
_entity_poly_seq.num 
_entity_poly_seq.mon_id 
_entity_poly_seq.hetero 
1 1   MET n 
1 2   ASN n 
1 3   GLN n 
1 4   ILE n 
1 5   ASP n 
1 6   LEU n 
1 7   ASN n 
1 8   VAL n 
1 9   THR n 
1 10  CYS n 
1 11  ARG n 
1 12  TYR n 
1 13  ALA n 
1 14  GLY n 
1 15  VAL n 
1 16  PHE n 
1 17  HIS n 
1 18  VAL n 
1 19  GLU n 
1 20  LYS n 
1 21  ASN n 
1 22  GLY n 
1 23  ARG n 
1 24  TYR n 
1 25  SER n 
1 26  ILE n 
1 27  SER n 
1 28  ARG n 
1 29  THR n 
1 30  GLU n 
1 31  ALA n 
1 32  ALA n 
1 33  ASP n 
1 34  LEU n 
1 35  CYS n 
1 36  GLN n 
1 37  ALA n 
1 38  PHE n 
1 39  ASN n 
1 40  SER n 
1 41  THR n 
1 42  LEU n 
1 43  PRO n 
1 44  THR n 
1 45  MET n 
1 46  ASP n 
1 47  GLN n 
1 48  MET n 
1 49  LYS n 
1 50  LEU n 
1 51  ALA n 
1 52  LEU n 
1 53  SER n 
1 54  LYS n 
1 55  GLY n 
1 56  PHE n 
1 57  GLU n 
1 58  THR n 
1 59  CYS n 
1 60  ARG n 
1 61  TYR n 
1 62  GLY n 
1 63  PHE n 
1 64  ILE n 
1 65  GLU n 
1 66  GLY n 
1 67  ASN n 
1 68  VAL n 
1 69  VAL n 
1 70  ILE n 
1 71  PRO n 
1 72  ARG n 
1 73  ILE n 
1 74  HIS n 
1 75  PRO n 
1 76  ASN n 
1 77  ALA n 
1 78  ILE n 
1 79  CYS n 
1 80  ALA n 
1 81  ALA n 
1 82  ASN n 
1 83  HIS n 
1 84  THR n 
1 85  GLY n 
1 86  VAL n 
1 87  TYR n 
1 88  ILE n 
1 89  LEU n 
1 90  VAL n 
1 91  THR n 
1 92  SER n 
1 93  ASN n 
1 94  THR n 
1 95  SER n 
1 96  HIS n 
1 97  TYR n 
1 98  ASP n 
1 99  THR n 
1 100 TYR n 
1 101 CYS n 
1 102 PHE n 
1 103 ASN n 
1 104 ALA n 
1 105 SER n 
1 106 ALA n 
1 107 PRO n 
1 108 PRO n 
1 109 GLU n 
1 110 GLU n 
1 111 ASP n 
1 112 CYS n 
1 113 THR n 
1 114 SER n 
1 115 VAL n 
1 116 THR n 
1 117 ASP n 
1 118 LEU n 
1 119 PRO n 
1 120 ASN n 
1 121 SER n 
1 122 PHE n 
1 123 ASP n 
1 124 GLY n 
1 125 PRO n 
1 126 VAL n 
1 127 THR n 
1 128 ILE n 
1 129 THR n 
1 130 ILE n 
1 131 VAL n 
1 132 ASN n 
1 133 ARG n 
1 134 ASP n 
1 135 GLY n 
1 136 THR n 
1 137 ARG n 
1 138 TYR n 
1 139 SER n 
1 140 LYS n 
1 141 LYS n 
1 142 GLY n 
1 143 GLU n 
1 144 TYR n 
1 145 ARG n 
1 146 THR n 
1 147 HIS n 
1 148 GLN n 
1 149 GLU n 
1 150 ASP n 
1 151 ILE n 
# 
_entity_src_gen.entity_id                          1 
_entity_src_gen.pdbx_src_id                        1 
_entity_src_gen.pdbx_alt_source_flag               sample 
_entity_src_gen.pdbx_seq_type                      'Biological sequence' 
_entity_src_gen.pdbx_beg_seq_num                   1 
_entity_src_gen.pdbx_end_seq_num                   151 
_entity_src_gen.gene_src_common_name               Mouse 
_entity_src_gen.gene_src_genus                     ? 
_entity_src_gen.pdbx_gene_src_gene                 'Cd44, Ly-24' 
_entity_src_gen.gene_src_species                   ? 
_entity_src_gen.gene_src_strain                    ? 
_entity_src_gen.gene_src_tissue                    ? 
_entity_src_gen.gene_src_tissue_fraction           ? 
_entity_src_gen.gene_src_details                   ? 
_entity_src_gen.pdbx_gene_src_fragment             ? 
_entity_src_gen.pdbx_gene_src_scientific_name      'Mus musculus' 
_entity_src_gen.pdbx_gene_src_ncbi_taxonomy_id     10090 
_entity_src_gen.pdbx_gene_src_variant              ? 
_entity_src_gen.pdbx_gene_src_cell_line            ? 
_entity_src_gen.pdbx_gene_src_atcc                 ? 
_entity_src_gen.pdbx_gene_src_organ                ? 
_entity_src_gen.pdbx_gene_src_organelle            ? 
_entity_src_gen.pdbx_gene_src_cell                 ? 
_entity_src_gen.pdbx_gene_src_cellular_location    ? 
_entity_src_gen.host_org_common_name               ? 
_entity_src_gen.pdbx_host_org_scientific_name      'Escherichia coli' 
_entity_src_gen.pdbx_host_org_ncbi_taxonomy_id     469008 
_entity_src_gen.host_org_genus                     ? 
_entity_src_gen.pdbx_host_org_gene                 ? 
_entity_src_gen.pdbx_host_org_organ                ? 
_entity_src_gen.host_org_species                   ? 
_entity_src_gen.pdbx_host_org_tissue               ? 
_entity_src_gen.pdbx_host_org_tissue_fraction      ? 
_entity_src_gen.pdbx_host_org_strain               'BL21(DE3)' 
_entity_src_gen.pdbx_host_org_variant              ? 
_entity_src_gen.pdbx_host_org_cell_line            ? 
_entity_src_gen.pdbx_host_org_atcc                 ? 
_entity_src_gen.pdbx_host_org_culture_collection   ? 
_entity_src_gen.pdbx_host_org_cell                 ? 
_entity_src_gen.pdbx_host_org_organelle            ? 
_entity_src_gen.pdbx_host_org_cellular_location    ? 
_entity_src_gen.pdbx_host_org_vector_type          plasmid 
_entity_src_gen.pdbx_host_org_vector               ? 
_entity_src_gen.host_org_details                   ? 
_entity_src_gen.expression_system_id               ? 
_entity_src_gen.plasmid_name                       pMCSG7 
_entity_src_gen.plasmid_details                    ? 
_entity_src_gen.pdbx_description                   ? 
# 
loop_
_chem_comp.id 
_chem_comp.type 
_chem_comp.mon_nstd_flag 
_chem_comp.name 
_chem_comp.pdbx_synonyms 
_chem_comp.formula 
_chem_comp.formula_weight 
4WU non-polymer         . 1,2,3,4-tetrahydroisoquinolin-8-amine ?                               'C9 H12 N2'      148.205 
ALA 'L-peptide linking' y ALANINE                               ?                               'C3 H7 N O2'     89.093  
ARG 'L-peptide linking' y ARGININE                              ?                               'C6 H15 N4 O2 1' 175.209 
ASN 'L-peptide linking' y ASPARAGINE                            ?                               'C4 H8 N2 O3'    132.118 
ASP 'L-peptide linking' y 'ASPARTIC ACID'                       ?                               'C4 H7 N O4'     133.103 
CYS 'L-peptide linking' y CYSTEINE                              ?                               'C3 H7 N O2 S'   121.158 
DMS non-polymer         . 'DIMETHYL SULFOXIDE'                  ?                               'C2 H6 O S'      78.133  
GLN 'L-peptide linking' y GLUTAMINE                             ?                               'C5 H10 N2 O3'   146.144 
GLU 'L-peptide linking' y 'GLUTAMIC ACID'                       ?                               'C5 H9 N O4'     147.129 
GLY 'peptide linking'   y GLYCINE                               ?                               'C2 H5 N O2'     75.067  
GOL non-polymer         . GLYCEROL                              'GLYCERIN; PROPANE-1,2,3-TRIOL' 'C3 H8 O3'       92.094  
HIS 'L-peptide linking' y HISTIDINE                             ?                               'C6 H10 N3 O2 1' 156.162 
HOH non-polymer         . WATER                                 ?                               'H2 O'           18.015  
ILE 'L-peptide linking' y ISOLEUCINE                            ?                               'C6 H13 N O2'    131.173 
LEU 'L-peptide linking' y LEUCINE                               ?                               'C6 H13 N O2'    131.173 
LYS 'L-peptide linking' y LYSINE                                ?                               'C6 H15 N2 O2 1' 147.195 
MET 'L-peptide linking' y METHIONINE                            ?                               'C5 H11 N O2 S'  149.211 
PHE 'L-peptide linking' y PHENYLALANINE                         ?                               'C9 H11 N O2'    165.189 
PRO 'L-peptide linking' y PROLINE                               ?                               'C5 H9 N O2'     115.130 
SER 'L-peptide linking' y SERINE                                ?                               'C3 H7 N O3'     105.093 
SO4 non-polymer         . 'SULFATE ION'                         ?                               'O4 S -2'        96.063  
THR 'L-peptide linking' y THREONINE                             ?                               'C4 H9 N O3'     119.119 
TYR 'L-peptide linking' y TYROSINE                              ?                               'C9 H11 N O3'    181.189 
VAL 'L-peptide linking' y VALINE                                ?                               'C5 H11 N O2'    117.146 
# 
loop_
_pdbx_poly_seq_scheme.asym_id 
_pdbx_poly_seq_scheme.entity_id 
_pdbx_poly_seq_scheme.seq_id 
_pdbx_poly_seq_scheme.mon_id 
_pdbx_poly_seq_scheme.ndb_seq_num 
_pdbx_poly_seq_scheme.pdb_seq_num 
_pdbx_poly_seq_scheme.auth_seq_num 
_pdbx_poly_seq_scheme.pdb_mon_id 
_pdbx_poly_seq_scheme.auth_mon_id 
_pdbx_poly_seq_scheme.pdb_strand_id 
_pdbx_poly_seq_scheme.pdb_ins_code 
_pdbx_poly_seq_scheme.hetero 
A 1 1   MET 1   23  ?   ?   ?   A . n 
A 1 2   ASN 2   24  24  ASN ASN A . n 
A 1 3   GLN 3   25  25  GLN GLN A . n 
A 1 4   ILE 4   26  26  ILE ILE A . n 
A 1 5   ASP 5   27  27  ASP ASP A . n 
A 1 6   LEU 6   28  28  LEU LEU A . n 
A 1 7   ASN 7   29  29  ASN ASN A . n 
A 1 8   VAL 8   30  30  VAL VAL A . n 
A 1 9   THR 9   31  31  THR THR A . n 
A 1 10  CYS 10  32  32  CYS CYS A . n 
A 1 11  ARG 11  33  33  ARG ARG A . n 
A 1 12  TYR 12  34  34  TYR TYR A . n 
A 1 13  ALA 13  35  35  ALA ALA A . n 
A 1 14  GLY 14  36  36  GLY GLY A . n 
A 1 15  VAL 15  37  37  VAL VAL A . n 
A 1 16  PHE 16  38  38  PHE PHE A . n 
A 1 17  HIS 17  39  39  HIS HIS A . n 
A 1 18  VAL 18  40  40  VAL VAL A . n 
A 1 19  GLU 19  41  41  GLU GLU A . n 
A 1 20  LYS 20  42  42  LYS LYS A . n 
A 1 21  ASN 21  43  43  ASN ASN A . n 
A 1 22  GLY 22  44  44  GLY GLY A . n 
A 1 23  ARG 23  45  45  ARG ARG A . n 
A 1 24  TYR 24  46  46  TYR TYR A . n 
A 1 25  SER 25  47  47  SER SER A . n 
A 1 26  ILE 26  48  48  ILE ILE A . n 
A 1 27  SER 27  49  49  SER SER A . n 
A 1 28  ARG 28  50  50  ARG ARG A . n 
A 1 29  THR 29  51  51  THR THR A . n 
A 1 30  GLU 30  52  52  GLU GLU A . n 
A 1 31  ALA 31  53  53  ALA ALA A . n 
A 1 32  ALA 32  54  54  ALA ALA A . n 
A 1 33  ASP 33  55  55  ASP ASP A . n 
A 1 34  LEU 34  56  56  LEU LEU A . n 
A 1 35  CYS 35  57  57  CYS CYS A . n 
A 1 36  GLN 36  58  58  GLN GLN A . n 
A 1 37  ALA 37  59  59  ALA ALA A . n 
A 1 38  PHE 38  60  60  PHE PHE A . n 
A 1 39  ASN 39  61  61  ASN ASN A . n 
A 1 40  SER 40  62  62  SER SER A . n 
A 1 41  THR 41  63  63  THR THR A . n 
A 1 42  LEU 42  64  64  LEU LEU A . n 
A 1 43  PRO 43  65  65  PRO PRO A . n 
A 1 44  THR 44  66  66  THR THR A . n 
A 1 45  MET 45  67  67  MET MET A . n 
A 1 46  ASP 46  68  68  ASP ASP A . n 
A 1 47  GLN 47  69  69  GLN GLN A . n 
A 1 48  MET 48  70  70  MET MET A . n 
A 1 49  LYS 49  71  71  LYS LYS A . n 
A 1 50  LEU 50  72  72  LEU LEU A . n 
A 1 51  ALA 51  73  73  ALA ALA A . n 
A 1 52  LEU 52  74  74  LEU LEU A . n 
A 1 53  SER 53  75  75  SER SER A . n 
A 1 54  LYS 54  76  76  LYS LYS A . n 
A 1 55  GLY 55  77  77  GLY GLY A . n 
A 1 56  PHE 56  78  78  PHE PHE A . n 
A 1 57  GLU 57  79  79  GLU GLU A . n 
A 1 58  THR 58  80  80  THR THR A . n 
A 1 59  CYS 59  81  81  CYS CYS A . n 
A 1 60  ARG 60  82  82  ARG ARG A . n 
A 1 61  TYR 61  83  83  TYR TYR A . n 
A 1 62  GLY 62  84  84  GLY GLY A . n 
A 1 63  PHE 63  85  85  PHE PHE A . n 
A 1 64  ILE 64  86  86  ILE ILE A . n 
A 1 65  GLU 65  87  87  GLU GLU A . n 
A 1 66  GLY 66  88  88  GLY GLY A . n 
A 1 67  ASN 67  89  89  ASN ASN A . n 
A 1 68  VAL 68  90  90  VAL VAL A . n 
A 1 69  VAL 69  91  91  VAL VAL A . n 
A 1 70  ILE 70  92  92  ILE ILE A . n 
A 1 71  PRO 71  93  93  PRO PRO A . n 
A 1 72  ARG 72  94  94  ARG ARG A . n 
A 1 73  ILE 73  95  95  ILE ILE A . n 
A 1 74  HIS 74  96  96  HIS HIS A . n 
A 1 75  PRO 75  97  97  PRO PRO A . n 
A 1 76  ASN 76  98  98  ASN ASN A . n 
A 1 77  ALA 77  99  99  ALA ALA A . n 
A 1 78  ILE 78  100 100 ILE ILE A . n 
A 1 79  CYS 79  101 101 CYS CYS A . n 
A 1 80  ALA 80  102 102 ALA ALA A . n 
A 1 81  ALA 81  103 103 ALA ALA A . n 
A 1 82  ASN 82  104 104 ASN ASN A . n 
A 1 83  HIS 83  105 105 HIS HIS A . n 
A 1 84  THR 84  106 106 THR THR A . n 
A 1 85  GLY 85  107 107 GLY GLY A . n 
A 1 86  VAL 86  108 108 VAL VAL A . n 
A 1 87  TYR 87  109 109 TYR TYR A . n 
A 1 88  ILE 88  110 110 ILE ILE A . n 
A 1 89  LEU 89  111 111 LEU LEU A . n 
A 1 90  VAL 90  112 112 VAL VAL A . n 
A 1 91  THR 91  113 113 THR THR A . n 
A 1 92  SER 92  114 114 SER SER A . n 
A 1 93  ASN 93  115 115 ASN ASN A . n 
A 1 94  THR 94  116 116 THR THR A . n 
A 1 95  SER 95  117 117 SER SER A . n 
A 1 96  HIS 96  118 118 HIS HIS A . n 
A 1 97  TYR 97  119 119 TYR TYR A . n 
A 1 98  ASP 98  120 120 ASP ASP A . n 
A 1 99  THR 99  121 121 THR THR A . n 
A 1 100 TYR 100 122 122 TYR TYR A . n 
A 1 101 CYS 101 123 123 CYS CYS A . n 
A 1 102 PHE 102 124 124 PHE PHE A . n 
A 1 103 ASN 103 125 125 ASN ASN A . n 
A 1 104 ALA 104 126 126 ALA ALA A . n 
A 1 105 SER 105 127 127 SER SER A . n 
A 1 106 ALA 106 128 128 ALA ALA A . n 
A 1 107 PRO 107 129 129 PRO PRO A . n 
A 1 108 PRO 108 130 130 PRO PRO A . n 
A 1 109 GLU 109 131 131 GLU GLU A . n 
A 1 110 GLU 110 132 132 GLU GLU A . n 
A 1 111 ASP 111 133 133 ASP ASP A . n 
A 1 112 CYS 112 134 134 CYS CYS A . n 
A 1 113 THR 113 135 135 THR THR A . n 
A 1 114 SER 114 136 136 SER SER A . n 
A 1 115 VAL 115 137 137 VAL VAL A . n 
A 1 116 THR 116 138 138 THR THR A . n 
A 1 117 ASP 117 139 139 ASP ASP A . n 
A 1 118 LEU 118 140 140 LEU LEU A . n 
A 1 119 PRO 119 141 141 PRO PRO A . n 
A 1 120 ASN 120 142 142 ASN ASN A . n 
A 1 121 SER 121 143 143 SER SER A . n 
A 1 122 PHE 122 144 144 PHE PHE A . n 
A 1 123 ASP 123 145 145 ASP ASP A . n 
A 1 124 GLY 124 146 146 GLY GLY A . n 
A 1 125 PRO 125 147 147 PRO PRO A . n 
A 1 126 VAL 126 148 148 VAL VAL A . n 
A 1 127 THR 127 149 149 THR THR A . n 
A 1 128 ILE 128 150 150 ILE ILE A . n 
A 1 129 THR 129 151 151 THR THR A . n 
A 1 130 ILE 130 152 152 ILE ILE A . n 
A 1 131 VAL 131 153 153 VAL VAL A . n 
A 1 132 ASN 132 154 154 ASN ASN A . n 
A 1 133 ARG 133 155 155 ARG ARG A . n 
A 1 134 ASP 134 156 156 ASP ASP A . n 
A 1 135 GLY 135 157 157 GLY GLY A . n 
A 1 136 THR 136 158 158 THR THR A . n 
A 1 137 ARG 137 159 159 ARG ARG A . n 
A 1 138 TYR 138 160 160 TYR TYR A . n 
A 1 139 SER 139 161 161 SER SER A . n 
A 1 140 LYS 140 162 162 LYS LYS A . n 
A 1 141 LYS 141 163 163 LYS LYS A . n 
A 1 142 GLY 142 164 164 GLY GLY A . n 
A 1 143 GLU 143 165 165 GLU GLU A . n 
A 1 144 TYR 144 166 166 TYR TYR A . n 
A 1 145 ARG 145 167 167 ARG ARG A . n 
A 1 146 THR 146 168 168 THR THR A . n 
A 1 147 HIS 147 169 169 HIS HIS A . n 
A 1 148 GLN 148 170 170 GLN GLN A . n 
A 1 149 GLU 149 171 171 GLU GLU A . n 
A 1 150 ASP 150 172 172 ASP ASP A . n 
A 1 151 ILE 151 173 173 ILE ILE A . n 
# 
loop_
_pdbx_nonpoly_scheme.asym_id 
_pdbx_nonpoly_scheme.entity_id 
_pdbx_nonpoly_scheme.mon_id 
_pdbx_nonpoly_scheme.ndb_seq_num 
_pdbx_nonpoly_scheme.pdb_seq_num 
_pdbx_nonpoly_scheme.auth_seq_num 
_pdbx_nonpoly_scheme.pdb_mon_id 
_pdbx_nonpoly_scheme.auth_mon_id 
_pdbx_nonpoly_scheme.pdb_strand_id 
_pdbx_nonpoly_scheme.pdb_ins_code 
B 2 4WU 1  201 1  4WU DRG A . 
C 3 DMS 1  202 1  DMS DMS A . 
D 4 GOL 1  203 1  GOL GOL A . 
E 4 GOL 1  204 1  GOL GOL A . 
F 4 GOL 1  205 1  GOL GOL A . 
G 5 SO4 1  206 1  SO4 SO4 A . 
H 6 HOH 1  301 11 HOH HOH A . 
H 6 HOH 2  302 66 HOH HOH A . 
H 6 HOH 3  303 36 HOH HOH A . 
H 6 HOH 4  304 70 HOH HOH A . 
H 6 HOH 5  305 25 HOH HOH A . 
H 6 HOH 6  306 6  HOH HOH A . 
H 6 HOH 7  307 4  HOH HOH A . 
H 6 HOH 8  308 61 HOH HOH A . 
H 6 HOH 9  309 42 HOH HOH A . 
H 6 HOH 10 310 18 HOH HOH A . 
H 6 HOH 11 311 24 HOH HOH A . 
H 6 HOH 12 312 74 HOH HOH A . 
H 6 HOH 13 313 3  HOH HOH A . 
H 6 HOH 14 314 21 HOH HOH A . 
H 6 HOH 15 315 62 HOH HOH A . 
H 6 HOH 16 316 15 HOH HOH A . 
H 6 HOH 17 317 40 HOH HOH A . 
H 6 HOH 18 318 14 HOH HOH A . 
H 6 HOH 19 319 57 HOH HOH A . 
H 6 HOH 20 320 41 HOH HOH A . 
H 6 HOH 21 321 1  HOH HOH A . 
H 6 HOH 22 322 10 HOH HOH A . 
H 6 HOH 23 323 59 HOH HOH A . 
H 6 HOH 24 324 2  HOH HOH A . 
H 6 HOH 25 325 12 HOH HOH A . 
H 6 HOH 26 326 45 HOH HOH A . 
H 6 HOH 27 327 5  HOH HOH A . 
H 6 HOH 28 328 20 HOH HOH A . 
H 6 HOH 29 329 54 HOH HOH A . 
H 6 HOH 30 330 31 HOH HOH A . 
H 6 HOH 31 331 46 HOH HOH A . 
H 6 HOH 32 332 67 HOH HOH A . 
H 6 HOH 33 333 37 HOH HOH A . 
H 6 HOH 34 334 13 HOH HOH A . 
H 6 HOH 35 335 60 HOH HOH A . 
H 6 HOH 36 336 38 HOH HOH A . 
H 6 HOH 37 337 9  HOH HOH A . 
H 6 HOH 38 338 26 HOH HOH A . 
H 6 HOH 39 339 39 HOH HOH A . 
H 6 HOH 40 340 33 HOH HOH A . 
H 6 HOH 41 341 71 HOH HOH A . 
H 6 HOH 42 342 58 HOH HOH A . 
H 6 HOH 43 343 64 HOH HOH A . 
H 6 HOH 44 344 56 HOH HOH A . 
H 6 HOH 45 345 65 HOH HOH A . 
H 6 HOH 46 346 47 HOH HOH A . 
H 6 HOH 47 347 43 HOH HOH A . 
H 6 HOH 48 348 27 HOH HOH A . 
H 6 HOH 49 349 55 HOH HOH A . 
H 6 HOH 50 350 23 HOH HOH A . 
H 6 HOH 51 351 19 HOH HOH A . 
H 6 HOH 52 352 48 HOH HOH A . 
H 6 HOH 53 353 28 HOH HOH A . 
H 6 HOH 54 354 72 HOH HOH A . 
H 6 HOH 55 355 32 HOH HOH A . 
H 6 HOH 56 356 22 HOH HOH A . 
H 6 HOH 57 357 53 HOH HOH A . 
H 6 HOH 58 358 34 HOH HOH A . 
H 6 HOH 59 359 16 HOH HOH A . 
H 6 HOH 60 360 8  HOH HOH A . 
H 6 HOH 61 361 44 HOH HOH A . 
H 6 HOH 62 362 51 HOH HOH A . 
H 6 HOH 63 363 49 HOH HOH A . 
H 6 HOH 64 364 17 HOH HOH A . 
H 6 HOH 65 365 63 HOH HOH A . 
H 6 HOH 66 366 75 HOH HOH A . 
H 6 HOH 67 367 7  HOH HOH A . 
H 6 HOH 68 368 50 HOH HOH A . 
H 6 HOH 69 369 52 HOH HOH A . 
H 6 HOH 70 370 69 HOH HOH A . 
H 6 HOH 71 371 35 HOH HOH A . 
H 6 HOH 72 372 29 HOH HOH A . 
H 6 HOH 73 373 68 HOH HOH A . 
H 6 HOH 74 374 30 HOH HOH A . 
H 6 HOH 75 375 73 HOH HOH A . 
# 
loop_
_software.citation_id 
_software.classification 
_software.compiler_name 
_software.compiler_version 
_software.contact_author 
_software.contact_author_email 
_software.date 
_software.description 
_software.dependencies 
_software.hardware 
_software.language 
_software.location 
_software.mods 
_software.name 
_software.os 
_software.os_version 
_software.type 
_software.version 
_software.pdbx_ordinal 
? 'data scaling'    ? ? ? ? ? ? ? ? ? ? ? SCALA       ? ? ? .     1 
? phasing           ? ? ? ? ? ? ? ? ? ? ? PHASER      ? ? ? 2.1.4 2 
? refinement        ? ? ? ? ? ? ? ? ? ? ? REFMAC      ? ? ? .     3 
? 'data extraction' ? ? ? ? ? ? ? ? ? ? ? PDB_EXTRACT ? ? ? 3.15  4 
# 
_cell.angle_alpha                  90.000 
_cell.angle_alpha_esd              ? 
_cell.angle_beta                   118.380 
_cell.angle_beta_esd               ? 
_cell.angle_gamma                  90.000 
_cell.angle_gamma_esd              ? 
_cell.entry_id                     5BZI 
_cell.details                      ? 
_cell.formula_units_Z              ? 
_cell.length_a                     31.095 
_cell.length_a_esd                 ? 
_cell.length_b                     81.781 
_cell.length_b_esd                 ? 
_cell.length_c                     32.193 
_cell.length_c_esd                 ? 
_cell.volume                       ? 
_cell.volume_esd                   ? 
_cell.Z_PDB                        2 
_cell.reciprocal_angle_alpha       ? 
_cell.reciprocal_angle_beta        ? 
_cell.reciprocal_angle_gamma       ? 
_cell.reciprocal_angle_alpha_esd   ? 
_cell.reciprocal_angle_beta_esd    ? 
_cell.reciprocal_angle_gamma_esd   ? 
_cell.reciprocal_length_a          ? 
_cell.reciprocal_length_b          ? 
_cell.reciprocal_length_c          ? 
_cell.reciprocal_length_a_esd      ? 
_cell.reciprocal_length_b_esd      ? 
_cell.reciprocal_length_c_esd      ? 
_cell.pdbx_unique_axis             ? 
# 
_symmetry.entry_id                         5BZI 
_symmetry.cell_setting                     ? 
_symmetry.Int_Tables_number                4 
_symmetry.space_group_name_Hall            ? 
_symmetry.space_group_name_H-M             'P 1 21 1' 
_symmetry.pdbx_full_space_group_name_H-M   ? 
# 
_exptl.absorpt_coefficient_mu     ? 
_exptl.absorpt_correction_T_max   ? 
_exptl.absorpt_correction_T_min   ? 
_exptl.absorpt_correction_type    ? 
_exptl.absorpt_process_details    ? 
_exptl.entry_id                   5BZI 
_exptl.crystals_number            1 
_exptl.details                    ? 
_exptl.method                     'X-RAY DIFFRACTION' 
_exptl.method_details             ? 
# 
_exptl_crystal.colour                      ? 
_exptl_crystal.density_diffrn              ? 
_exptl_crystal.density_Matthews            2.15 
_exptl_crystal.density_method              ? 
_exptl_crystal.density_percent_sol         42.88 
_exptl_crystal.description                 ? 
_exptl_crystal.F_000                       ? 
_exptl_crystal.id                          1 
_exptl_crystal.preparation                 ? 
_exptl_crystal.size_max                    ? 
_exptl_crystal.size_mid                    ? 
_exptl_crystal.size_min                    ? 
_exptl_crystal.size_rad                    ? 
_exptl_crystal.colour_lustre               ? 
_exptl_crystal.colour_modifier             ? 
_exptl_crystal.colour_primary              ? 
_exptl_crystal.density_meas                ? 
_exptl_crystal.density_meas_esd            ? 
_exptl_crystal.density_meas_gt             ? 
_exptl_crystal.density_meas_lt             ? 
_exptl_crystal.density_meas_temp           ? 
_exptl_crystal.density_meas_temp_esd       ? 
_exptl_crystal.density_meas_temp_gt        ? 
_exptl_crystal.density_meas_temp_lt        ? 
_exptl_crystal.pdbx_crystal_image_url      ? 
_exptl_crystal.pdbx_crystal_image_format   ? 
_exptl_crystal.pdbx_mosaicity              ? 
_exptl_crystal.pdbx_mosaicity_esd          ? 
# 
_exptl_crystal_grow.apparatus       ? 
_exptl_crystal_grow.atmosphere      ? 
_exptl_crystal_grow.crystal_id      1 
_exptl_crystal_grow.details         ? 
_exptl_crystal_grow.method          'VAPOR DIFFUSION, HANGING DROP' 
_exptl_crystal_grow.method_ref      ? 
_exptl_crystal_grow.pH              6.5 
_exptl_crystal_grow.pressure        ? 
_exptl_crystal_grow.pressure_esd    ? 
_exptl_crystal_grow.seeding         ? 
_exptl_crystal_grow.seeding_ref     ? 
_exptl_crystal_grow.temp            298 
_exptl_crystal_grow.temp_details    ? 
_exptl_crystal_grow.temp_esd        ? 
_exptl_crystal_grow.time            ? 
_exptl_crystal_grow.pdbx_details    'PEG MME 5000, MES, (NH4)2SO4' 
_exptl_crystal_grow.pdbx_pH_range   ? 
# 
_diffrn.ambient_environment    ? 
_diffrn.ambient_temp           100 
_diffrn.ambient_temp_details   ? 
_diffrn.ambient_temp_esd       ? 
_diffrn.crystal_id             1 
_diffrn.crystal_support        ? 
_diffrn.crystal_treatment      ? 
_diffrn.details                ? 
_diffrn.id                     1 
_diffrn.ambient_pressure       ? 
_diffrn.ambient_pressure_esd   ? 
_diffrn.ambient_pressure_gt    ? 
_diffrn.ambient_pressure_lt    ? 
_diffrn.ambient_temp_gt        ? 
_diffrn.ambient_temp_lt        ? 
# 
_diffrn_detector.details                      ? 
_diffrn_detector.detector                     PIXEL 
_diffrn_detector.diffrn_id                    1 
_diffrn_detector.type                         'DECTRIS PILATUS 6M' 
_diffrn_detector.area_resol_mean              ? 
_diffrn_detector.dtime                        ? 
_diffrn_detector.pdbx_frames_total            ? 
_diffrn_detector.pdbx_collection_time_total   ? 
_diffrn_detector.pdbx_collection_date         2013-12-15 
# 
_diffrn_radiation.collimation                      ? 
_diffrn_radiation.diffrn_id                        1 
_diffrn_radiation.filter_edge                      ? 
_diffrn_radiation.inhomogeneity                    ? 
_diffrn_radiation.monochromator                    'Si(111)' 
_diffrn_radiation.polarisn_norm                    ? 
_diffrn_radiation.polarisn_ratio                   ? 
_diffrn_radiation.probe                            ? 
_diffrn_radiation.type                             ? 
_diffrn_radiation.xray_symbol                      ? 
_diffrn_radiation.wavelength_id                    1 
_diffrn_radiation.pdbx_monochromatic_or_laue_m_l   M 
_diffrn_radiation.pdbx_wavelength_list             ? 
_diffrn_radiation.pdbx_wavelength                  ? 
_diffrn_radiation.pdbx_diffrn_protocol             'SINGLE WAVELENGTH' 
_diffrn_radiation.pdbx_analyzer                    ? 
_diffrn_radiation.pdbx_scattering_type             x-ray 
# 
_diffrn_radiation_wavelength.id           1 
_diffrn_radiation_wavelength.wavelength   1.000 
_diffrn_radiation_wavelength.wt           1.0 
# 
_diffrn_source.current                     ? 
_diffrn_source.details                     ? 
_diffrn_source.diffrn_id                   1 
_diffrn_source.power                       ? 
_diffrn_source.size                        ? 
_diffrn_source.source                      SYNCHROTRON 
_diffrn_source.target                      ? 
_diffrn_source.type                        'APS BEAMLINE 17-ID' 
_diffrn_source.voltage                     ? 
_diffrn_source.take-off_angle              ? 
_diffrn_source.pdbx_wavelength_list        1.000 
_diffrn_source.pdbx_wavelength             ? 
_diffrn_source.pdbx_synchrotron_beamline   17-ID 
_diffrn_source.pdbx_synchrotron_site       APS 
# 
_reflns.B_iso_Wilson_estimate            ? 
_reflns.entry_id                         5BZI 
_reflns.data_reduction_details           ? 
_reflns.data_reduction_method            ? 
_reflns.d_resolution_high                1.320 
_reflns.d_resolution_low                 28.324 
_reflns.details                          ? 
_reflns.limit_h_max                      ? 
_reflns.limit_h_min                      ? 
_reflns.limit_k_max                      ? 
_reflns.limit_k_min                      ? 
_reflns.limit_l_max                      ? 
_reflns.limit_l_min                      ? 
_reflns.number_all                       ? 
_reflns.number_obs                       31804 
_reflns.observed_criterion               ? 
_reflns.observed_criterion_F_max         ? 
_reflns.observed_criterion_F_min         ? 
_reflns.observed_criterion_I_max         ? 
_reflns.observed_criterion_I_min         ? 
_reflns.observed_criterion_sigma_F       ? 
_reflns.observed_criterion_sigma_I       ? 
_reflns.percent_possible_obs             95.800 
_reflns.R_free_details                   ? 
_reflns.Rmerge_F_all                     ? 
_reflns.Rmerge_F_obs                     ? 
_reflns.Friedel_coverage                 ? 
_reflns.number_gt                        ? 
_reflns.threshold_expression             ? 
_reflns.pdbx_redundancy                  3.400 
_reflns.pdbx_Rmerge_I_obs                0.062 
_reflns.pdbx_Rmerge_I_all                ? 
_reflns.pdbx_Rsym_value                  ? 
_reflns.pdbx_netI_over_av_sigmaI         ? 
_reflns.pdbx_netI_over_sigmaI            14.6 
_reflns.pdbx_res_netI_over_av_sigmaI_2   ? 
_reflns.pdbx_res_netI_over_sigmaI_2      ? 
_reflns.pdbx_chi_squared                 ? 
_reflns.pdbx_scaling_rejects             ? 
_reflns.pdbx_d_res_high_opt              ? 
_reflns.pdbx_d_res_low_opt               ? 
_reflns.pdbx_d_res_opt_method            ? 
_reflns.phase_calculation_details        ? 
_reflns.pdbx_Rrim_I_all                  ? 
_reflns.pdbx_Rpim_I_all                  ? 
_reflns.pdbx_d_opt                       ? 
_reflns.pdbx_number_measured_all         108804 
_reflns.pdbx_diffrn_id                   1 
_reflns.pdbx_ordinal                     1 
_reflns.pdbx_CC_half                     ? 
_reflns.pdbx_R_split                     ? 
# 
loop_
_reflns_shell.d_res_high 
_reflns_shell.d_res_low 
_reflns_shell.meanI_over_sigI_all 
_reflns_shell.meanI_over_sigI_obs 
_reflns_shell.number_measured_all 
_reflns_shell.number_measured_obs 
_reflns_shell.number_possible 
_reflns_shell.number_unique_all 
_reflns_shell.number_unique_obs 
_reflns_shell.percent_possible_all 
_reflns_shell.percent_possible_obs 
_reflns_shell.Rmerge_F_all 
_reflns_shell.Rmerge_F_obs 
_reflns_shell.Rmerge_I_all 
_reflns_shell.Rmerge_I_obs 
_reflns_shell.meanI_over_sigI_gt 
_reflns_shell.meanI_over_uI_all 
_reflns_shell.meanI_over_uI_gt 
_reflns_shell.number_measured_gt 
_reflns_shell.number_unique_gt 
_reflns_shell.percent_possible_gt 
_reflns_shell.Rmerge_F_gt 
_reflns_shell.Rmerge_I_gt 
_reflns_shell.pdbx_redundancy 
_reflns_shell.pdbx_Rsym_value 
_reflns_shell.pdbx_chi_squared 
_reflns_shell.pdbx_netI_over_sigmaI_all 
_reflns_shell.pdbx_netI_over_sigmaI_obs 
_reflns_shell.pdbx_Rrim_I_all 
_reflns_shell.pdbx_Rpim_I_all 
_reflns_shell.pdbx_rejects 
_reflns_shell.pdbx_ordinal 
_reflns_shell.pdbx_diffrn_id 
_reflns_shell.pdbx_CC_half 
_reflns_shell.pdbx_R_split 
1.320 1.325  ? ? 969  ? ? 308 ? 92.200 ? ? ? ? 0.379 ? ? ? ? ? ? ? ? 3.100 ? ? ? ? ? ? 0 1 1 ? ? 
6.107 28.324 ? ? 1201 ? ? 344 ? 99.100 ? ? ? ? 0.045 ? ? ? ? ? ? ? ? 3.500 ? ? ? ? ? ? 0 2 1 ? ? 
# 
_refine.aniso_B[1][1]                            -0.3800 
_refine.aniso_B[1][2]                            0.0000 
_refine.aniso_B[1][3]                            -0.4100 
_refine.aniso_B[2][2]                            0.0900 
_refine.aniso_B[2][3]                            0.0000 
_refine.aniso_B[3][3]                            -0.1000 
_refine.B_iso_max                                39.650 
_refine.B_iso_mean                               11.4240 
_refine.B_iso_min                                2.460 
_refine.correlation_coeff_Fo_to_Fc               0.9600 
_refine.correlation_coeff_Fo_to_Fc_free          0.9400 
_refine.details                                  
'HYDROGENS HAVE BEEN ADDED IN THE RIDING POSITIONS U VALUES      : REFINED INDIVIDUALLY' 
_refine.diff_density_max                         ? 
_refine.diff_density_max_esd                     ? 
_refine.diff_density_min                         ? 
_refine.diff_density_min_esd                     ? 
_refine.diff_density_rms                         ? 
_refine.diff_density_rms_esd                     ? 
_refine.entry_id                                 5BZI 
_refine.pdbx_refine_id                           'X-RAY DIFFRACTION' 
_refine.ls_abs_structure_details                 ? 
_refine.ls_abs_structure_Flack                   ? 
_refine.ls_abs_structure_Flack_esd               ? 
_refine.ls_abs_structure_Rogers                  ? 
_refine.ls_abs_structure_Rogers_esd              ? 
_refine.ls_d_res_high                            1.3200 
_refine.ls_d_res_low                             28.324 
_refine.ls_extinction_coef                       ? 
_refine.ls_extinction_coef_esd                   ? 
_refine.ls_extinction_expression                 ? 
_refine.ls_extinction_method                     ? 
_refine.ls_goodness_of_fit_all                   ? 
_refine.ls_goodness_of_fit_all_esd               ? 
_refine.ls_goodness_of_fit_obs                   ? 
_refine.ls_goodness_of_fit_obs_esd               ? 
_refine.ls_hydrogen_treatment                    ? 
_refine.ls_matrix_type                           ? 
_refine.ls_number_constraints                    ? 
_refine.ls_number_parameters                     ? 
_refine.ls_number_reflns_all                     ? 
_refine.ls_number_reflns_obs                     30099 
_refine.ls_number_reflns_R_free                  1601 
_refine.ls_number_reflns_R_work                  ? 
_refine.ls_number_restraints                     ? 
_refine.ls_percent_reflns_obs                    95.7200 
_refine.ls_percent_reflns_R_free                 5.1000 
_refine.ls_R_factor_all                          ? 
_refine.ls_R_factor_obs                          0.1761 
_refine.ls_R_factor_R_free                       0.2017 
_refine.ls_R_factor_R_free_error                 ? 
_refine.ls_R_factor_R_free_error_details         ? 
_refine.ls_R_factor_R_work                       0.1748 
_refine.ls_R_Fsqd_factor_obs                     ? 
_refine.ls_R_I_factor_obs                        ? 
_refine.ls_redundancy_reflns_all                 ? 
_refine.ls_redundancy_reflns_obs                 ? 
_refine.ls_restrained_S_all                      ? 
_refine.ls_restrained_S_obs                      ? 
_refine.ls_shift_over_esd_max                    ? 
_refine.ls_shift_over_esd_mean                   ? 
_refine.ls_structure_factor_coef                 ? 
_refine.ls_weighting_details                     ? 
_refine.ls_weighting_scheme                      ? 
_refine.ls_wR_factor_all                         ? 
_refine.ls_wR_factor_obs                         ? 
_refine.ls_wR_factor_R_free                      0.2089 
_refine.ls_wR_factor_R_work                      0.1825 
_refine.occupancy_max                            ? 
_refine.occupancy_min                            ? 
_refine.solvent_model_details                    MASK 
_refine.solvent_model_param_bsol                 ? 
_refine.solvent_model_param_ksol                 ? 
_refine.ls_R_factor_gt                           ? 
_refine.ls_goodness_of_fit_gt                    ? 
_refine.ls_goodness_of_fit_ref                   ? 
_refine.ls_shift_over_su_max                     ? 
_refine.ls_shift_over_su_max_lt                  ? 
_refine.ls_shift_over_su_mean                    ? 
_refine.ls_shift_over_su_mean_lt                 ? 
_refine.pdbx_ls_sigma_I                          ? 
_refine.pdbx_ls_sigma_F                          0.000 
_refine.pdbx_ls_sigma_Fsqd                       ? 
_refine.pdbx_data_cutoff_high_absF               ? 
_refine.pdbx_data_cutoff_high_rms_absF           ? 
_refine.pdbx_data_cutoff_low_absF                ? 
_refine.pdbx_isotropic_thermal_model             ? 
_refine.pdbx_ls_cross_valid_method               THROUGHOUT 
_refine.pdbx_method_to_determine_struct          'MOLECULAR REPLACEMENT' 
_refine.pdbx_starting_model                      ? 
_refine.pdbx_stereochemistry_target_values       'MAXIMUM LIKELIHOOD' 
_refine.pdbx_R_Free_selection_details            RANDOM 
_refine.pdbx_stereochem_target_val_spec_case     ? 
_refine.pdbx_overall_ESU_R                       0.0560 
_refine.pdbx_overall_ESU_R_Free                  0.0590 
_refine.pdbx_solvent_vdw_probe_radii             1.4000 
_refine.pdbx_solvent_ion_probe_radii             0.8000 
_refine.pdbx_solvent_shrinkage_radii             0.8000 
_refine.pdbx_real_space_R                        ? 
_refine.pdbx_density_correlation                 ? 
_refine.pdbx_pd_number_of_powder_patterns        ? 
_refine.pdbx_pd_number_of_points                 ? 
_refine.pdbx_pd_meas_number_of_points            ? 
_refine.pdbx_pd_proc_ls_prof_R_factor            ? 
_refine.pdbx_pd_proc_ls_prof_wR_factor           ? 
_refine.pdbx_pd_Marquardt_correlation_coeff      ? 
_refine.pdbx_pd_Fsqrd_R_factor                   ? 
_refine.pdbx_pd_ls_matrix_band_width             ? 
_refine.pdbx_overall_phase_error                 ? 
_refine.pdbx_overall_SU_R_free_Cruickshank_DPI   ? 
_refine.pdbx_overall_SU_R_free_Blow_DPI          ? 
_refine.pdbx_overall_SU_R_Blow_DPI               ? 
_refine.pdbx_TLS_residual_ADP_flag               ? 
_refine.pdbx_diffrn_id                           1 
_refine.overall_SU_B                             0.7780 
_refine.overall_SU_ML                            0.0340 
_refine.overall_SU_R_Cruickshank_DPI             0.0565 
_refine.overall_SU_R_free                        0.0589 
_refine.overall_FOM_free_R_set                   ? 
_refine.overall_FOM_work_R_set                   0.8909 
_refine.pdbx_average_fsc_overall                 ? 
_refine.pdbx_average_fsc_work                    ? 
_refine.pdbx_average_fsc_free                    ? 
# 
_refine_hist.cycle_id                         final 
_refine_hist.pdbx_refine_id                   'X-RAY DIFFRACTION' 
_refine_hist.d_res_high                       1.3200 
_refine_hist.d_res_low                        28.324 
_refine_hist.pdbx_number_atoms_ligand         38 
_refine_hist.number_atoms_solvent             75 
_refine_hist.number_atoms_total               1284 
_refine_hist.pdbx_number_residues_total       150 
_refine_hist.pdbx_B_iso_mean_ligand           24.69 
_refine_hist.pdbx_B_iso_mean_solvent          18.53 
_refine_hist.pdbx_number_atoms_protein        1171 
_refine_hist.pdbx_number_atoms_nucleic_acid   0 
# 
loop_
_refine_ls_restr.pdbx_refine_id 
_refine_ls_restr.criterion 
_refine_ls_restr.dev_ideal 
_refine_ls_restr.dev_ideal_target 
_refine_ls_restr.number 
_refine_ls_restr.rejects 
_refine_ls_restr.type 
_refine_ls_restr.weight 
_refine_ls_restr.pdbx_restraint_function 
'X-RAY DIFFRACTION' ? 0.012  0.021  1341 ? r_bond_refined_d       ? ? 
'X-RAY DIFFRACTION' ? 1.466  1.962  1838 ? r_angle_refined_deg    ? ? 
'X-RAY DIFFRACTION' ? 7.604  5.000  172  ? r_dihedral_angle_1_deg ? ? 
'X-RAY DIFFRACTION' ? 35.988 24.308 65   ? r_dihedral_angle_2_deg ? ? 
'X-RAY DIFFRACTION' ? 11.737 15.000 208  ? r_dihedral_angle_3_deg ? ? 
'X-RAY DIFFRACTION' ? 21.276 15.000 9    ? r_dihedral_angle_4_deg ? ? 
'X-RAY DIFFRACTION' ? 0.102  0.200  200  ? r_chiral_restr         ? ? 
'X-RAY DIFFRACTION' ? 0.008  0.021  1058 ? r_gen_planes_refined   ? ? 
'X-RAY DIFFRACTION' ? 0.885  1.500  819  ? r_mcbond_it            ? ? 
'X-RAY DIFFRACTION' ? 1.641  2.000  1351 ? r_mcangle_it           ? ? 
'X-RAY DIFFRACTION' ? 2.548  3.000  522  ? r_scbond_it            ? ? 
'X-RAY DIFFRACTION' ? 4.011  4.500  487  ? r_scangle_it           ? ? 
# 
_refine_ls_shell.pdbx_refine_id                   'X-RAY DIFFRACTION' 
_refine_ls_shell.d_res_high                       1.3200 
_refine_ls_shell.d_res_low                        1.3540 
_refine_ls_shell.number_reflns_all                2229 
_refine_ls_shell.number_reflns_obs                ? 
_refine_ls_shell.number_reflns_R_free             118 
_refine_ls_shell.number_reflns_R_work             2111 
_refine_ls_shell.percent_reflns_obs               93.3000 
_refine_ls_shell.percent_reflns_R_free            ? 
_refine_ls_shell.R_factor_all                     ? 
_refine_ls_shell.R_factor_obs                     ? 
_refine_ls_shell.R_factor_R_free                  0.3420 
_refine_ls_shell.R_factor_R_free_error            ? 
_refine_ls_shell.R_factor_R_work                  0.2840 
_refine_ls_shell.redundancy_reflns_all            ? 
_refine_ls_shell.redundancy_reflns_obs            ? 
_refine_ls_shell.wR_factor_all                    ? 
_refine_ls_shell.wR_factor_obs                    ? 
_refine_ls_shell.wR_factor_R_free                 ? 
_refine_ls_shell.wR_factor_R_work                 ? 
_refine_ls_shell.pdbx_total_number_of_bins_used   20 
_refine_ls_shell.pdbx_phase_error                 ? 
_refine_ls_shell.pdbx_fsc_work                    ? 
_refine_ls_shell.pdbx_fsc_free                    ? 
# 
_struct.entry_id                     5BZI 
_struct.title                        'Crystal structure of the murine cd44 hyaluronan binding domain complex with a small molecule' 
_struct.pdbx_model_details           ? 
_struct.pdbx_formula_weight          ? 
_struct.pdbx_formula_weight_method   ? 
_struct.pdbx_model_type_details      ? 
_struct.pdbx_CASP_flag               ? 
# 
_struct_keywords.entry_id        5BZI 
_struct_keywords.text            'Link module, PROTEIN BINDING' 
_struct_keywords.pdbx_keywords   'PROTEIN BINDING' 
# 
loop_
_struct_asym.id 
_struct_asym.pdbx_blank_PDB_chainid_flag 
_struct_asym.pdbx_modified 
_struct_asym.entity_id 
_struct_asym.details 
A N N 1 ? 
B N N 2 ? 
C N N 3 ? 
D N N 4 ? 
E N N 4 ? 
F N N 4 ? 
G N N 5 ? 
H N N 6 ? 
# 
_struct_ref.id                         1 
_struct_ref.db_name                    UNP 
_struct_ref.db_code                    CD44_MOUSE 
_struct_ref.pdbx_db_accession          P15379 
_struct_ref.pdbx_db_isoform            ? 
_struct_ref.entity_id                  1 
_struct_ref.pdbx_seq_one_letter_code   
;HQQIDLNVTCRYAGVFHVEKNGRYSISRTEAADLCQAFNSTLPTMDQMKLALSKGFETCRYGFIEGNVVIPRIHPNAICA
ANHTGVYILVTSNTSHYDTYCFNASAPPEEDCTSVTDLPNSFDGPVTITIVNRDGTRYSKKGEYRTHQEDI
;
_struct_ref.pdbx_align_begin           21 
# 
_struct_ref_seq.align_id                      1 
_struct_ref_seq.ref_id                        1 
_struct_ref_seq.pdbx_PDB_id_code              5BZI 
_struct_ref_seq.pdbx_strand_id                A 
_struct_ref_seq.seq_align_beg                 1 
_struct_ref_seq.pdbx_seq_align_beg_ins_code   ? 
_struct_ref_seq.seq_align_end                 151 
_struct_ref_seq.pdbx_seq_align_end_ins_code   ? 
_struct_ref_seq.pdbx_db_accession             P15379 
_struct_ref_seq.db_align_beg                  21 
_struct_ref_seq.pdbx_db_align_beg_ins_code    ? 
_struct_ref_seq.db_align_end                  171 
_struct_ref_seq.pdbx_db_align_end_ins_code    ? 
_struct_ref_seq.pdbx_auth_seq_align_beg       23 
_struct_ref_seq.pdbx_auth_seq_align_end       173 
# 
loop_
_struct_ref_seq_dif.align_id 
_struct_ref_seq_dif.pdbx_pdb_id_code 
_struct_ref_seq_dif.mon_id 
_struct_ref_seq_dif.pdbx_pdb_strand_id 
_struct_ref_seq_dif.seq_num 
_struct_ref_seq_dif.pdbx_pdb_ins_code 
_struct_ref_seq_dif.pdbx_seq_db_name 
_struct_ref_seq_dif.pdbx_seq_db_accession_code 
_struct_ref_seq_dif.db_mon_id 
_struct_ref_seq_dif.pdbx_seq_db_seq_num 
_struct_ref_seq_dif.details 
_struct_ref_seq_dif.pdbx_auth_seq_num 
_struct_ref_seq_dif.pdbx_ordinal 
1 5BZI MET A 1 ? UNP P15379 HIS 21 'initiating methionine' 23 1 
1 5BZI ASN A 2 ? UNP P15379 GLN 22 'engineered mutation'   24 2 
# 
_pdbx_struct_assembly.id                   1 
_pdbx_struct_assembly.details              author_and_software_defined_assembly 
_pdbx_struct_assembly.method_details       PISA 
_pdbx_struct_assembly.oligomeric_details   monomeric 
_pdbx_struct_assembly.oligomeric_count     1 
# 
_pdbx_struct_assembly_gen.assembly_id       1 
_pdbx_struct_assembly_gen.oper_expression   1 
_pdbx_struct_assembly_gen.asym_id_list      A,B,C,D,E,F,G,H 
# 
_pdbx_struct_oper_list.id                   1 
_pdbx_struct_oper_list.type                 'identity operation' 
_pdbx_struct_oper_list.name                 1_555 
_pdbx_struct_oper_list.symmetry_operation   x,y,z 
_pdbx_struct_oper_list.matrix[1][1]         1.0000000000 
_pdbx_struct_oper_list.matrix[1][2]         0.0000000000 
_pdbx_struct_oper_list.matrix[1][3]         0.0000000000 
_pdbx_struct_oper_list.vector[1]            0.0000000000 
_pdbx_struct_oper_list.matrix[2][1]         0.0000000000 
_pdbx_struct_oper_list.matrix[2][2]         1.0000000000 
_pdbx_struct_oper_list.matrix[2][3]         0.0000000000 
_pdbx_struct_oper_list.vector[2]            0.0000000000 
_pdbx_struct_oper_list.matrix[3][1]         0.0000000000 
_pdbx_struct_oper_list.matrix[3][2]         0.0000000000 
_pdbx_struct_oper_list.matrix[3][3]         1.0000000000 
_pdbx_struct_oper_list.vector[3]            0.0000000000 
# 
loop_
_struct_conf.conf_type_id 
_struct_conf.id 
_struct_conf.pdbx_PDB_helix_id 
_struct_conf.beg_label_comp_id 
_struct_conf.beg_label_asym_id 
_struct_conf.beg_label_seq_id 
_struct_conf.pdbx_beg_PDB_ins_code 
_struct_conf.end_label_comp_id 
_struct_conf.end_label_asym_id 
_struct_conf.end_label_seq_id 
_struct_conf.pdbx_end_PDB_ins_code 
_struct_conf.beg_auth_comp_id 
_struct_conf.beg_auth_asym_id 
_struct_conf.beg_auth_seq_id 
_struct_conf.end_auth_comp_id 
_struct_conf.end_auth_asym_id 
_struct_conf.end_auth_seq_id 
_struct_conf.pdbx_PDB_helix_class 
_struct_conf.details 
_struct_conf.pdbx_PDB_helix_length 
HELX_P HELX_P1 AA1 SER A 27  ? PHE A 38  ? SER A 49  PHE A 60  1 ? 12 
HELX_P HELX_P2 AA2 THR A 44  ? LYS A 54  ? THR A 66  LYS A 76  1 ? 11 
HELX_P HELX_P3 AA3 CYS A 79  ? HIS A 83  ? CYS A 101 HIS A 105 5 ? 5  
HELX_P HELX_P4 AA4 HIS A 147 ? ILE A 151 ? HIS A 169 ILE A 173 5 ? 5  
# 
_struct_conf_type.id          HELX_P 
_struct_conf_type.criteria    ? 
_struct_conf_type.reference   ? 
# 
loop_
_struct_conn.id 
_struct_conn.conn_type_id 
_struct_conn.pdbx_leaving_atom_flag 
_struct_conn.pdbx_PDB_id 
_struct_conn.ptnr1_label_asym_id 
_struct_conn.ptnr1_label_comp_id 
_struct_conn.ptnr1_label_seq_id 
_struct_conn.ptnr1_label_atom_id 
_struct_conn.pdbx_ptnr1_label_alt_id 
_struct_conn.pdbx_ptnr1_PDB_ins_code 
_struct_conn.pdbx_ptnr1_standard_comp_id 
_struct_conn.ptnr1_symmetry 
_struct_conn.ptnr2_label_asym_id 
_struct_conn.ptnr2_label_comp_id 
_struct_conn.ptnr2_label_seq_id 
_struct_conn.ptnr2_label_atom_id 
_struct_conn.pdbx_ptnr2_label_alt_id 
_struct_conn.pdbx_ptnr2_PDB_ins_code 
_struct_conn.ptnr1_auth_asym_id 
_struct_conn.ptnr1_auth_comp_id 
_struct_conn.ptnr1_auth_seq_id 
_struct_conn.ptnr2_auth_asym_id 
_struct_conn.ptnr2_auth_comp_id 
_struct_conn.ptnr2_auth_seq_id 
_struct_conn.ptnr2_symmetry 
_struct_conn.pdbx_ptnr3_label_atom_id 
_struct_conn.pdbx_ptnr3_label_seq_id 
_struct_conn.pdbx_ptnr3_label_comp_id 
_struct_conn.pdbx_ptnr3_label_asym_id 
_struct_conn.pdbx_ptnr3_label_alt_id 
_struct_conn.pdbx_ptnr3_PDB_ins_code 
_struct_conn.details 
_struct_conn.pdbx_dist_value 
_struct_conn.pdbx_value_order 
_struct_conn.pdbx_role 
disulf1 disulf ? ? A CYS 10 SG ? ? ? 1_555 A CYS 112 SG ? ? A CYS 32 A CYS 134 1_555 ? ? ? ? ? ? ? 2.064 ? ? 
disulf2 disulf ? ? A CYS 35 SG ? ? ? 1_555 A CYS 101 SG ? ? A CYS 57 A CYS 123 1_555 ? ? ? ? ? ? ? 2.104 ? ? 
disulf3 disulf ? ? A CYS 59 SG ? ? ? 1_555 A CYS 79  SG ? ? A CYS 81 A CYS 101 1_555 ? ? ? ? ? ? ? 2.035 ? ? 
# 
_struct_conn_type.id          disulf 
_struct_conn_type.criteria    ? 
_struct_conn_type.reference   ? 
# 
loop_
_pdbx_modification_feature.ordinal 
_pdbx_modification_feature.label_comp_id 
_pdbx_modification_feature.label_asym_id 
_pdbx_modification_feature.label_seq_id 
_pdbx_modification_feature.label_alt_id 
_pdbx_modification_feature.modified_residue_label_comp_id 
_pdbx_modification_feature.modified_residue_label_asym_id 
_pdbx_modification_feature.modified_residue_label_seq_id 
_pdbx_modification_feature.modified_residue_label_alt_id 
_pdbx_modification_feature.auth_comp_id 
_pdbx_modification_feature.auth_asym_id 
_pdbx_modification_feature.auth_seq_id 
_pdbx_modification_feature.PDB_ins_code 
_pdbx_modification_feature.symmetry 
_pdbx_modification_feature.modified_residue_auth_comp_id 
_pdbx_modification_feature.modified_residue_auth_asym_id 
_pdbx_modification_feature.modified_residue_auth_seq_id 
_pdbx_modification_feature.modified_residue_PDB_ins_code 
_pdbx_modification_feature.modified_residue_symmetry 
_pdbx_modification_feature.comp_id_linking_atom 
_pdbx_modification_feature.modified_residue_id_linking_atom 
_pdbx_modification_feature.modified_residue_id 
_pdbx_modification_feature.ref_pcm_id 
_pdbx_modification_feature.ref_comp_id 
_pdbx_modification_feature.type 
_pdbx_modification_feature.category 
1 CYS A 10 ? CYS A 112 ? CYS A 32 ? 1_555 CYS A 134 ? 1_555 SG SG . . . None 'Disulfide bridge' 
2 CYS A 35 ? CYS A 101 ? CYS A 57 ? 1_555 CYS A 123 ? 1_555 SG SG . . . None 'Disulfide bridge' 
3 CYS A 59 ? CYS A 79  ? CYS A 81 ? 1_555 CYS A 101 ? 1_555 SG SG . . . None 'Disulfide bridge' 
# 
loop_
_struct_sheet.id 
_struct_sheet.type 
_struct_sheet.number_strands 
_struct_sheet.details 
AA1 ? 8 ? 
AA2 ? 2 ? 
# 
loop_
_struct_sheet_order.sheet_id 
_struct_sheet_order.range_id_1 
_struct_sheet_order.range_id_2 
_struct_sheet_order.offset 
_struct_sheet_order.sense 
AA1 1 2 ? anti-parallel 
AA1 2 3 ? anti-parallel 
AA1 3 4 ? parallel      
AA1 4 5 ? anti-parallel 
AA1 5 6 ? anti-parallel 
AA1 6 7 ? parallel      
AA1 7 8 ? anti-parallel 
AA2 1 2 ? anti-parallel 
# 
loop_
_struct_sheet_range.sheet_id 
_struct_sheet_range.id 
_struct_sheet_range.beg_label_comp_id 
_struct_sheet_range.beg_label_asym_id 
_struct_sheet_range.beg_label_seq_id 
_struct_sheet_range.pdbx_beg_PDB_ins_code 
_struct_sheet_range.end_label_comp_id 
_struct_sheet_range.end_label_asym_id 
_struct_sheet_range.end_label_seq_id 
_struct_sheet_range.pdbx_end_PDB_ins_code 
_struct_sheet_range.beg_auth_comp_id 
_struct_sheet_range.beg_auth_asym_id 
_struct_sheet_range.beg_auth_seq_id 
_struct_sheet_range.end_auth_comp_id 
_struct_sheet_range.end_auth_asym_id 
_struct_sheet_range.end_auth_seq_id 
AA1 1 GLY A 85  ? ILE A 88  ? GLY A 107 ILE A 110 
AA1 2 VAL A 68  ? ARG A 72  ? VAL A 90  ARG A 94  
AA1 3 GLY A 62  ? PHE A 63  ? GLY A 84  PHE A 85  
AA1 4 ASP A 98  ? PHE A 102 ? ASP A 120 PHE A 124 
AA1 5 VAL A 15  ? LYS A 20  ? VAL A 37  LYS A 42  
AA1 6 GLN A 3   ? VAL A 8   ? GLN A 25  VAL A 30  
AA1 7 PHE A 122 ? ASN A 132 ? PHE A 144 ASN A 154 
AA1 8 ARG A 137 ? GLU A 143 ? ARG A 159 GLU A 165 
AA2 1 ARG A 11  ? TYR A 12  ? ARG A 33  TYR A 34  
AA2 2 GLU A 110 ? ASP A 111 ? GLU A 132 ASP A 133 
# 
loop_
_pdbx_struct_sheet_hbond.sheet_id 
_pdbx_struct_sheet_hbond.range_id_1 
_pdbx_struct_sheet_hbond.range_id_2 
_pdbx_struct_sheet_hbond.range_1_label_atom_id 
_pdbx_struct_sheet_hbond.range_1_label_comp_id 
_pdbx_struct_sheet_hbond.range_1_label_asym_id 
_pdbx_struct_sheet_hbond.range_1_label_seq_id 
_pdbx_struct_sheet_hbond.range_1_PDB_ins_code 
_pdbx_struct_sheet_hbond.range_1_auth_atom_id 
_pdbx_struct_sheet_hbond.range_1_auth_comp_id 
_pdbx_struct_sheet_hbond.range_1_auth_asym_id 
_pdbx_struct_sheet_hbond.range_1_auth_seq_id 
_pdbx_struct_sheet_hbond.range_2_label_atom_id 
_pdbx_struct_sheet_hbond.range_2_label_comp_id 
_pdbx_struct_sheet_hbond.range_2_label_asym_id 
_pdbx_struct_sheet_hbond.range_2_label_seq_id 
_pdbx_struct_sheet_hbond.range_2_PDB_ins_code 
_pdbx_struct_sheet_hbond.range_2_auth_atom_id 
_pdbx_struct_sheet_hbond.range_2_auth_comp_id 
_pdbx_struct_sheet_hbond.range_2_auth_asym_id 
_pdbx_struct_sheet_hbond.range_2_auth_seq_id 
AA1 1 2 O GLY A 85  ? O GLY A 107 N ARG A 72  ? N ARG A 94  
AA1 2 3 O VAL A 69  ? O VAL A 91  N GLY A 62  ? N GLY A 84  
AA1 3 4 N PHE A 63  ? N PHE A 85  O TYR A 100 ? O TYR A 122 
AA1 4 5 O THR A 99  ? O THR A 121 N VAL A 18  ? N VAL A 40  
AA1 5 6 O GLU A 19  ? O GLU A 41  N ASN A 7   ? N ASN A 29  
AA1 6 7 N LEU A 6   ? N LEU A 28  O THR A 129 ? O THR A 151 
AA1 7 8 N ILE A 128 ? N ILE A 150 O LYS A 140 ? O LYS A 162 
AA2 1 2 N ARG A 11  ? N ARG A 33  O ASP A 111 ? O ASP A 133 
# 
loop_
_struct_site.id 
_struct_site.pdbx_evidence_code 
_struct_site.pdbx_auth_asym_id 
_struct_site.pdbx_auth_comp_id 
_struct_site.pdbx_auth_seq_id 
_struct_site.pdbx_auth_ins_code 
_struct_site.pdbx_num_residues 
_struct_site.details 
AC1 Software A 4WU 201 ? 12 'binding site for residue 4WU A 201' 
AC2 Software A DMS 202 ? 9  'binding site for residue DMS A 202' 
AC3 Software A GOL 203 ? 7  'binding site for residue GOL A 203' 
AC4 Software A GOL 204 ? 6  'binding site for residue GOL A 204' 
AC5 Software A GOL 205 ? 5  'binding site for residue GOL A 205' 
AC6 Software A SO4 206 ? 5  'binding site for residue SO4 A 206' 
# 
loop_
_struct_site_gen.id 
_struct_site_gen.site_id 
_struct_site_gen.pdbx_num_res 
_struct_site_gen.label_comp_id 
_struct_site_gen.label_asym_id 
_struct_site_gen.label_seq_id 
_struct_site_gen.pdbx_auth_ins_code 
_struct_site_gen.auth_comp_id 
_struct_site_gen.auth_asym_id 
_struct_site_gen.auth_seq_id 
_struct_site_gen.label_atom_id 
_struct_site_gen.label_alt_id 
_struct_site_gen.symmetry 
_struct_site_gen.details 
1  AC1 12 ASN A 7   ? ASN A 29  . ? 1_555 ? 
2  AC1 12 VAL A 8   ? VAL A 30  . ? 1_555 ? 
3  AC1 12 THR A 9   ? THR A 31  . ? 1_555 ? 
4  AC1 12 GLU A 19  ? GLU A 41  . ? 1_555 ? 
5  AC1 12 ASP A 46  ? ASP A 68  . ? 1_655 ? 
6  AC1 12 VAL A 131 ? VAL A 153 . ? 1_555 ? 
7  AC1 12 ASN A 132 ? ASN A 154 . ? 1_555 ? 
8  AC1 12 ARG A 133 ? ARG A 155 . ? 1_555 ? 
9  AC1 12 GOL D .   ? GOL A 203 . ? 1_555 ? 
10 AC1 12 HOH H .   ? HOH A 305 . ? 1_555 ? 
11 AC1 12 HOH H .   ? HOH A 327 . ? 1_555 ? 
12 AC1 12 HOH H .   ? HOH A 363 . ? 1_555 ? 
13 AC2 9  CYS A 10  ? CYS A 32  . ? 1_555 ? 
14 AC2 9  ASN A 67  ? ASN A 89  . ? 1_554 ? 
15 AC2 9  CYS A 112 ? CYS A 134 . ? 1_555 ? 
16 AC2 9  THR A 113 ? THR A 135 . ? 1_555 ? 
17 AC2 9  SER A 114 ? SER A 136 . ? 1_555 ? 
18 AC2 9  ARG A 133 ? ARG A 155 . ? 1_555 ? 
19 AC2 9  ASP A 134 ? ASP A 156 . ? 1_555 ? 
20 AC2 9  HOH H .   ? HOH A 318 . ? 1_555 ? 
21 AC2 9  HOH H .   ? HOH A 322 . ? 1_555 ? 
22 AC3 7  ASP A 5   ? ASP A 27  . ? 1_555 ? 
23 AC3 7  ASN A 7   ? ASN A 29  . ? 1_555 ? 
24 AC3 7  ASN A 21  ? ASN A 43  . ? 1_555 ? 
25 AC3 7  GLY A 22  ? GLY A 44  . ? 1_555 ? 
26 AC3 7  4WU B .   ? 4WU A 201 . ? 1_555 ? 
27 AC3 7  HOH H .   ? HOH A 305 . ? 1_555 ? 
28 AC3 7  HOH H .   ? HOH A 310 . ? 1_555 ? 
29 AC4 6  TYR A 24  ? TYR A 46  . ? 1_555 ? 
30 AC4 6  CYS A 59  ? CYS A 81  . ? 1_555 ? 
31 AC4 6  ILE A 70  ? ILE A 92  . ? 1_555 ? 
32 AC4 6  ILE A 78  ? ILE A 100 . ? 1_555 ? 
33 AC4 6  ALA A 80  ? ALA A 102 . ? 1_555 ? 
34 AC4 6  GLU A 109 ? GLU A 131 . ? 1_656 ? 
35 AC5 5  SER A 27  ? SER A 49  . ? 1_454 ? 
36 AC5 5  SER A 95  ? SER A 117 . ? 1_454 ? 
37 AC5 5  HIS A 96  ? HIS A 118 . ? 1_454 ? 
38 AC5 5  ARG A 137 ? ARG A 159 . ? 1_455 ? 
39 AC5 5  HOH H .   ? HOH A 311 . ? 1_555 ? 
40 AC6 5  ARG A 11  ? ARG A 33  . ? 1_555 ? 
41 AC6 5  PHE A 16  ? PHE A 38  . ? 1_555 ? 
42 AC6 5  PHE A 38  ? PHE A 60  . ? 1_555 ? 
43 AC6 5  SER A 40  ? SER A 62  . ? 1_555 ? 
44 AC6 5  ASN A 103 ? ASN A 125 . ? 1_555 ? 
# 
_pdbx_entry_details.entry_id                   5BZI 
_pdbx_entry_details.compound_details           ? 
_pdbx_entry_details.source_details             ? 
_pdbx_entry_details.nonpolymer_details         ? 
_pdbx_entry_details.sequence_details           ? 
_pdbx_entry_details.has_ligand_of_interest     ? 
_pdbx_entry_details.has_protein_modification   Y 
# 
_pdbx_validate_close_contact.id               1 
_pdbx_validate_close_contact.PDB_model_num    1 
_pdbx_validate_close_contact.auth_atom_id_1   O 
_pdbx_validate_close_contact.auth_asym_id_1   A 
_pdbx_validate_close_contact.auth_comp_id_1   HOH 
_pdbx_validate_close_contact.auth_seq_id_1    343 
_pdbx_validate_close_contact.PDB_ins_code_1   ? 
_pdbx_validate_close_contact.label_alt_id_1   ? 
_pdbx_validate_close_contact.auth_atom_id_2   O 
_pdbx_validate_close_contact.auth_asym_id_2   A 
_pdbx_validate_close_contact.auth_comp_id_2   HOH 
_pdbx_validate_close_contact.auth_seq_id_2    346 
_pdbx_validate_close_contact.PDB_ins_code_2   ? 
_pdbx_validate_close_contact.label_alt_id_2   ? 
_pdbx_validate_close_contact.dist             2.13 
# 
loop_
_pdbx_validate_torsion.id 
_pdbx_validate_torsion.PDB_model_num 
_pdbx_validate_torsion.auth_comp_id 
_pdbx_validate_torsion.auth_asym_id 
_pdbx_validate_torsion.auth_seq_id 
_pdbx_validate_torsion.PDB_ins_code 
_pdbx_validate_torsion.label_alt_id 
_pdbx_validate_torsion.phi 
_pdbx_validate_torsion.psi 
1 1 CYS A 32  ? ? -47.02  153.13  
2 1 SER A 47  ? ? -155.94 11.29   
3 1 GLU A 87  ? B -68.06  95.25   
4 1 GLU A 131 ? ? -117.56 -132.34 
# 
_phasing.method   MR 
# 
_pdbx_unobs_or_zero_occ_residues.id               1 
_pdbx_unobs_or_zero_occ_residues.PDB_model_num    1 
_pdbx_unobs_or_zero_occ_residues.polymer_flag     Y 
_pdbx_unobs_or_zero_occ_residues.occupancy_flag   1 
_pdbx_unobs_or_zero_occ_residues.auth_asym_id     A 
_pdbx_unobs_or_zero_occ_residues.auth_comp_id     MET 
_pdbx_unobs_or_zero_occ_residues.auth_seq_id      23 
_pdbx_unobs_or_zero_occ_residues.PDB_ins_code     ? 
_pdbx_unobs_or_zero_occ_residues.label_asym_id    A 
_pdbx_unobs_or_zero_occ_residues.label_comp_id    MET 
_pdbx_unobs_or_zero_occ_residues.label_seq_id     1 
# 
loop_
_chem_comp_atom.comp_id 
_chem_comp_atom.atom_id 
_chem_comp_atom.type_symbol 
_chem_comp_atom.pdbx_aromatic_flag 
_chem_comp_atom.pdbx_stereo_config 
_chem_comp_atom.pdbx_ordinal 
4WU CAF  C N N 1   
4WU CAE  C N N 2   
4WU NAH  N N N 3   
4WU CAG  C N N 4   
4WU CAK  C Y N 5   
4WU CAJ  C Y N 6   
4WU CAD  C Y N 7   
4WU CAB  C Y N 8   
4WU CAC  C Y N 9   
4WU CAI  C Y N 10  
4WU NAA  N N N 11  
4WU H1   H N N 12  
4WU H2   H N N 13  
4WU H3   H N N 14  
4WU H4   H N N 15  
4WU H5   H N N 16  
4WU H7   H N N 17  
4WU H8   H N N 18  
4WU H9   H N N 19  
4WU H10  H N N 20  
4WU H11  H N N 21  
4WU H12  H N N 22  
4WU H13  H N N 23  
ALA N    N N N 24  
ALA CA   C N S 25  
ALA C    C N N 26  
ALA O    O N N 27  
ALA CB   C N N 28  
ALA OXT  O N N 29  
ALA H    H N N 30  
ALA H2   H N N 31  
ALA HA   H N N 32  
ALA HB1  H N N 33  
ALA HB2  H N N 34  
ALA HB3  H N N 35  
ALA HXT  H N N 36  
ARG N    N N N 37  
ARG CA   C N S 38  
ARG C    C N N 39  
ARG O    O N N 40  
ARG CB   C N N 41  
ARG CG   C N N 42  
ARG CD   C N N 43  
ARG NE   N N N 44  
ARG CZ   C N N 45  
ARG NH1  N N N 46  
ARG NH2  N N N 47  
ARG OXT  O N N 48  
ARG H    H N N 49  
ARG H2   H N N 50  
ARG HA   H N N 51  
ARG HB2  H N N 52  
ARG HB3  H N N 53  
ARG HG2  H N N 54  
ARG HG3  H N N 55  
ARG HD2  H N N 56  
ARG HD3  H N N 57  
ARG HE   H N N 58  
ARG HH11 H N N 59  
ARG HH12 H N N 60  
ARG HH21 H N N 61  
ARG HH22 H N N 62  
ARG HXT  H N N 63  
ASN N    N N N 64  
ASN CA   C N S 65  
ASN C    C N N 66  
ASN O    O N N 67  
ASN CB   C N N 68  
ASN CG   C N N 69  
ASN OD1  O N N 70  
ASN ND2  N N N 71  
ASN OXT  O N N 72  
ASN H    H N N 73  
ASN H2   H N N 74  
ASN HA   H N N 75  
ASN HB2  H N N 76  
ASN HB3  H N N 77  
ASN HD21 H N N 78  
ASN HD22 H N N 79  
ASN HXT  H N N 80  
ASP N    N N N 81  
ASP CA   C N S 82  
ASP C    C N N 83  
ASP O    O N N 84  
ASP CB   C N N 85  
ASP CG   C N N 86  
ASP OD1  O N N 87  
ASP OD2  O N N 88  
ASP OXT  O N N 89  
ASP H    H N N 90  
ASP H2   H N N 91  
ASP HA   H N N 92  
ASP HB2  H N N 93  
ASP HB3  H N N 94  
ASP HD2  H N N 95  
ASP HXT  H N N 96  
CYS N    N N N 97  
CYS CA   C N R 98  
CYS C    C N N 99  
CYS O    O N N 100 
CYS CB   C N N 101 
CYS SG   S N N 102 
CYS OXT  O N N 103 
CYS H    H N N 104 
CYS H2   H N N 105 
CYS HA   H N N 106 
CYS HB2  H N N 107 
CYS HB3  H N N 108 
CYS HG   H N N 109 
CYS HXT  H N N 110 
DMS S    S N N 111 
DMS O    O N N 112 
DMS C1   C N N 113 
DMS C2   C N N 114 
DMS H11  H N N 115 
DMS H12  H N N 116 
DMS H13  H N N 117 
DMS H21  H N N 118 
DMS H22  H N N 119 
DMS H23  H N N 120 
GLN N    N N N 121 
GLN CA   C N S 122 
GLN C    C N N 123 
GLN O    O N N 124 
GLN CB   C N N 125 
GLN CG   C N N 126 
GLN CD   C N N 127 
GLN OE1  O N N 128 
GLN NE2  N N N 129 
GLN OXT  O N N 130 
GLN H    H N N 131 
GLN H2   H N N 132 
GLN HA   H N N 133 
GLN HB2  H N N 134 
GLN HB3  H N N 135 
GLN HG2  H N N 136 
GLN HG3  H N N 137 
GLN HE21 H N N 138 
GLN HE22 H N N 139 
GLN HXT  H N N 140 
GLU N    N N N 141 
GLU CA   C N S 142 
GLU C    C N N 143 
GLU O    O N N 144 
GLU CB   C N N 145 
GLU CG   C N N 146 
GLU CD   C N N 147 
GLU OE1  O N N 148 
GLU OE2  O N N 149 
GLU OXT  O N N 150 
GLU H    H N N 151 
GLU H2   H N N 152 
GLU HA   H N N 153 
GLU HB2  H N N 154 
GLU HB3  H N N 155 
GLU HG2  H N N 156 
GLU HG3  H N N 157 
GLU HE2  H N N 158 
GLU HXT  H N N 159 
GLY N    N N N 160 
GLY CA   C N N 161 
GLY C    C N N 162 
GLY O    O N N 163 
GLY OXT  O N N 164 
GLY H    H N N 165 
GLY H2   H N N 166 
GLY HA2  H N N 167 
GLY HA3  H N N 168 
GLY HXT  H N N 169 
GOL C1   C N N 170 
GOL O1   O N N 171 
GOL C2   C N N 172 
GOL O2   O N N 173 
GOL C3   C N N 174 
GOL O3   O N N 175 
GOL H11  H N N 176 
GOL H12  H N N 177 
GOL HO1  H N N 178 
GOL H2   H N N 179 
GOL HO2  H N N 180 
GOL H31  H N N 181 
GOL H32  H N N 182 
GOL HO3  H N N 183 
HIS N    N N N 184 
HIS CA   C N S 185 
HIS C    C N N 186 
HIS O    O N N 187 
HIS CB   C N N 188 
HIS CG   C Y N 189 
HIS ND1  N Y N 190 
HIS CD2  C Y N 191 
HIS CE1  C Y N 192 
HIS NE2  N Y N 193 
HIS OXT  O N N 194 
HIS H    H N N 195 
HIS H2   H N N 196 
HIS HA   H N N 197 
HIS HB2  H N N 198 
HIS HB3  H N N 199 
HIS HD1  H N N 200 
HIS HD2  H N N 201 
HIS HE1  H N N 202 
HIS HE2  H N N 203 
HIS HXT  H N N 204 
HOH O    O N N 205 
HOH H1   H N N 206 
HOH H2   H N N 207 
ILE N    N N N 208 
ILE CA   C N S 209 
ILE C    C N N 210 
ILE O    O N N 211 
ILE CB   C N S 212 
ILE CG1  C N N 213 
ILE CG2  C N N 214 
ILE CD1  C N N 215 
ILE OXT  O N N 216 
ILE H    H N N 217 
ILE H2   H N N 218 
ILE HA   H N N 219 
ILE HB   H N N 220 
ILE HG12 H N N 221 
ILE HG13 H N N 222 
ILE HG21 H N N 223 
ILE HG22 H N N 224 
ILE HG23 H N N 225 
ILE HD11 H N N 226 
ILE HD12 H N N 227 
ILE HD13 H N N 228 
ILE HXT  H N N 229 
LEU N    N N N 230 
LEU CA   C N S 231 
LEU C    C N N 232 
LEU O    O N N 233 
LEU CB   C N N 234 
LEU CG   C N N 235 
LEU CD1  C N N 236 
LEU CD2  C N N 237 
LEU OXT  O N N 238 
LEU H    H N N 239 
LEU H2   H N N 240 
LEU HA   H N N 241 
LEU HB2  H N N 242 
LEU HB3  H N N 243 
LEU HG   H N N 244 
LEU HD11 H N N 245 
LEU HD12 H N N 246 
LEU HD13 H N N 247 
LEU HD21 H N N 248 
LEU HD22 H N N 249 
LEU HD23 H N N 250 
LEU HXT  H N N 251 
LYS N    N N N 252 
LYS CA   C N S 253 
LYS C    C N N 254 
LYS O    O N N 255 
LYS CB   C N N 256 
LYS CG   C N N 257 
LYS CD   C N N 258 
LYS CE   C N N 259 
LYS NZ   N N N 260 
LYS OXT  O N N 261 
LYS H    H N N 262 
LYS H2   H N N 263 
LYS HA   H N N 264 
LYS HB2  H N N 265 
LYS HB3  H N N 266 
LYS HG2  H N N 267 
LYS HG3  H N N 268 
LYS HD2  H N N 269 
LYS HD3  H N N 270 
LYS HE2  H N N 271 
LYS HE3  H N N 272 
LYS HZ1  H N N 273 
LYS HZ2  H N N 274 
LYS HZ3  H N N 275 
LYS HXT  H N N 276 
MET N    N N N 277 
MET CA   C N S 278 
MET C    C N N 279 
MET O    O N N 280 
MET CB   C N N 281 
MET CG   C N N 282 
MET SD   S N N 283 
MET CE   C N N 284 
MET OXT  O N N 285 
MET H    H N N 286 
MET H2   H N N 287 
MET HA   H N N 288 
MET HB2  H N N 289 
MET HB3  H N N 290 
MET HG2  H N N 291 
MET HG3  H N N 292 
MET HE1  H N N 293 
MET HE2  H N N 294 
MET HE3  H N N 295 
MET HXT  H N N 296 
PHE N    N N N 297 
PHE CA   C N S 298 
PHE C    C N N 299 
PHE O    O N N 300 
PHE CB   C N N 301 
PHE CG   C Y N 302 
PHE CD1  C Y N 303 
PHE CD2  C Y N 304 
PHE CE1  C Y N 305 
PHE CE2  C Y N 306 
PHE CZ   C Y N 307 
PHE OXT  O N N 308 
PHE H    H N N 309 
PHE H2   H N N 310 
PHE HA   H N N 311 
PHE HB2  H N N 312 
PHE HB3  H N N 313 
PHE HD1  H N N 314 
PHE HD2  H N N 315 
PHE HE1  H N N 316 
PHE HE2  H N N 317 
PHE HZ   H N N 318 
PHE HXT  H N N 319 
PRO N    N N N 320 
PRO CA   C N S 321 
PRO C    C N N 322 
PRO O    O N N 323 
PRO CB   C N N 324 
PRO CG   C N N 325 
PRO CD   C N N 326 
PRO OXT  O N N 327 
PRO H    H N N 328 
PRO HA   H N N 329 
PRO HB2  H N N 330 
PRO HB3  H N N 331 
PRO HG2  H N N 332 
PRO HG3  H N N 333 
PRO HD2  H N N 334 
PRO HD3  H N N 335 
PRO HXT  H N N 336 
SER N    N N N 337 
SER CA   C N S 338 
SER C    C N N 339 
SER O    O N N 340 
SER CB   C N N 341 
SER OG   O N N 342 
SER OXT  O N N 343 
SER H    H N N 344 
SER H2   H N N 345 
SER HA   H N N 346 
SER HB2  H N N 347 
SER HB3  H N N 348 
SER HG   H N N 349 
SER HXT  H N N 350 
SO4 S    S N N 351 
SO4 O1   O N N 352 
SO4 O2   O N N 353 
SO4 O3   O N N 354 
SO4 O4   O N N 355 
THR N    N N N 356 
THR CA   C N S 357 
THR C    C N N 358 
THR O    O N N 359 
THR CB   C N R 360 
THR OG1  O N N 361 
THR CG2  C N N 362 
THR OXT  O N N 363 
THR H    H N N 364 
THR H2   H N N 365 
THR HA   H N N 366 
THR HB   H N N 367 
THR HG1  H N N 368 
THR HG21 H N N 369 
THR HG22 H N N 370 
THR HG23 H N N 371 
THR HXT  H N N 372 
TYR N    N N N 373 
TYR CA   C N S 374 
TYR C    C N N 375 
TYR O    O N N 376 
TYR CB   C N N 377 
TYR CG   C Y N 378 
TYR CD1  C Y N 379 
TYR CD2  C Y N 380 
TYR CE1  C Y N 381 
TYR CE2  C Y N 382 
TYR CZ   C Y N 383 
TYR OH   O N N 384 
TYR OXT  O N N 385 
TYR H    H N N 386 
TYR H2   H N N 387 
TYR HA   H N N 388 
TYR HB2  H N N 389 
TYR HB3  H N N 390 
TYR HD1  H N N 391 
TYR HD2  H N N 392 
TYR HE1  H N N 393 
TYR HE2  H N N 394 
TYR HH   H N N 395 
TYR HXT  H N N 396 
VAL N    N N N 397 
VAL CA   C N S 398 
VAL C    C N N 399 
VAL O    O N N 400 
VAL CB   C N N 401 
VAL CG1  C N N 402 
VAL CG2  C N N 403 
VAL OXT  O N N 404 
VAL H    H N N 405 
VAL H2   H N N 406 
VAL HA   H N N 407 
VAL HB   H N N 408 
VAL HG11 H N N 409 
VAL HG12 H N N 410 
VAL HG13 H N N 411 
VAL HG21 H N N 412 
VAL HG22 H N N 413 
VAL HG23 H N N 414 
VAL HXT  H N N 415 
# 
loop_
_chem_comp_bond.comp_id 
_chem_comp_bond.atom_id_1 
_chem_comp_bond.atom_id_2 
_chem_comp_bond.value_order 
_chem_comp_bond.pdbx_aromatic_flag 
_chem_comp_bond.pdbx_stereo_config 
_chem_comp_bond.pdbx_ordinal 
4WU CAC CAB  doub Y N 1   
4WU CAC CAI  sing Y N 2   
4WU CAB CAD  sing Y N 3   
4WU NAA CAI  sing N N 4   
4WU CAI CAK  doub Y N 5   
4WU CAD CAJ  doub Y N 6   
4WU CAK CAJ  sing Y N 7   
4WU CAK CAG  sing N N 8   
4WU CAJ CAF  sing N N 9   
4WU CAG NAH  sing N N 10  
4WU CAF CAE  sing N N 11  
4WU CAE NAH  sing N N 12  
4WU CAF H1   sing N N 13  
4WU CAF H2   sing N N 14  
4WU CAE H3   sing N N 15  
4WU CAE H4   sing N N 16  
4WU NAH H5   sing N N 17  
4WU CAG H7   sing N N 18  
4WU CAG H8   sing N N 19  
4WU CAD H9   sing N N 20  
4WU CAB H10  sing N N 21  
4WU CAC H11  sing N N 22  
4WU NAA H12  sing N N 23  
4WU NAA H13  sing N N 24  
ALA N   CA   sing N N 25  
ALA N   H    sing N N 26  
ALA N   H2   sing N N 27  
ALA CA  C    sing N N 28  
ALA CA  CB   sing N N 29  
ALA CA  HA   sing N N 30  
ALA C   O    doub N N 31  
ALA C   OXT  sing N N 32  
ALA CB  HB1  sing N N 33  
ALA CB  HB2  sing N N 34  
ALA CB  HB3  sing N N 35  
ALA OXT HXT  sing N N 36  
ARG N   CA   sing N N 37  
ARG N   H    sing N N 38  
ARG N   H2   sing N N 39  
ARG CA  C    sing N N 40  
ARG CA  CB   sing N N 41  
ARG CA  HA   sing N N 42  
ARG C   O    doub N N 43  
ARG C   OXT  sing N N 44  
ARG CB  CG   sing N N 45  
ARG CB  HB2  sing N N 46  
ARG CB  HB3  sing N N 47  
ARG CG  CD   sing N N 48  
ARG CG  HG2  sing N N 49  
ARG CG  HG3  sing N N 50  
ARG CD  NE   sing N N 51  
ARG CD  HD2  sing N N 52  
ARG CD  HD3  sing N N 53  
ARG NE  CZ   sing N N 54  
ARG NE  HE   sing N N 55  
ARG CZ  NH1  sing N N 56  
ARG CZ  NH2  doub N N 57  
ARG NH1 HH11 sing N N 58  
ARG NH1 HH12 sing N N 59  
ARG NH2 HH21 sing N N 60  
ARG NH2 HH22 sing N N 61  
ARG OXT HXT  sing N N 62  
ASN N   CA   sing N N 63  
ASN N   H    sing N N 64  
ASN N   H2   sing N N 65  
ASN CA  C    sing N N 66  
ASN CA  CB   sing N N 67  
ASN CA  HA   sing N N 68  
ASN C   O    doub N N 69  
ASN C   OXT  sing N N 70  
ASN CB  CG   sing N N 71  
ASN CB  HB2  sing N N 72  
ASN CB  HB3  sing N N 73  
ASN CG  OD1  doub N N 74  
ASN CG  ND2  sing N N 75  
ASN ND2 HD21 sing N N 76  
ASN ND2 HD22 sing N N 77  
ASN OXT HXT  sing N N 78  
ASP N   CA   sing N N 79  
ASP N   H    sing N N 80  
ASP N   H2   sing N N 81  
ASP CA  C    sing N N 82  
ASP CA  CB   sing N N 83  
ASP CA  HA   sing N N 84  
ASP C   O    doub N N 85  
ASP C   OXT  sing N N 86  
ASP CB  CG   sing N N 87  
ASP CB  HB2  sing N N 88  
ASP CB  HB3  sing N N 89  
ASP CG  OD1  doub N N 90  
ASP CG  OD2  sing N N 91  
ASP OD2 HD2  sing N N 92  
ASP OXT HXT  sing N N 93  
CYS N   CA   sing N N 94  
CYS N   H    sing N N 95  
CYS N   H2   sing N N 96  
CYS CA  C    sing N N 97  
CYS CA  CB   sing N N 98  
CYS CA  HA   sing N N 99  
CYS C   O    doub N N 100 
CYS C   OXT  sing N N 101 
CYS CB  SG   sing N N 102 
CYS CB  HB2  sing N N 103 
CYS CB  HB3  sing N N 104 
CYS SG  HG   sing N N 105 
CYS OXT HXT  sing N N 106 
DMS S   O    doub N N 107 
DMS S   C1   sing N N 108 
DMS S   C2   sing N N 109 
DMS C1  H11  sing N N 110 
DMS C1  H12  sing N N 111 
DMS C1  H13  sing N N 112 
DMS C2  H21  sing N N 113 
DMS C2  H22  sing N N 114 
DMS C2  H23  sing N N 115 
GLN N   CA   sing N N 116 
GLN N   H    sing N N 117 
GLN N   H2   sing N N 118 
GLN CA  C    sing N N 119 
GLN CA  CB   sing N N 120 
GLN CA  HA   sing N N 121 
GLN C   O    doub N N 122 
GLN C   OXT  sing N N 123 
GLN CB  CG   sing N N 124 
GLN CB  HB2  sing N N 125 
GLN CB  HB3  sing N N 126 
GLN CG  CD   sing N N 127 
GLN CG  HG2  sing N N 128 
GLN CG  HG3  sing N N 129 
GLN CD  OE1  doub N N 130 
GLN CD  NE2  sing N N 131 
GLN NE2 HE21 sing N N 132 
GLN NE2 HE22 sing N N 133 
GLN OXT HXT  sing N N 134 
GLU N   CA   sing N N 135 
GLU N   H    sing N N 136 
GLU N   H2   sing N N 137 
GLU CA  C    sing N N 138 
GLU CA  CB   sing N N 139 
GLU CA  HA   sing N N 140 
GLU C   O    doub N N 141 
GLU C   OXT  sing N N 142 
GLU CB  CG   sing N N 143 
GLU CB  HB2  sing N N 144 
GLU CB  HB3  sing N N 145 
GLU CG  CD   sing N N 146 
GLU CG  HG2  sing N N 147 
GLU CG  HG3  sing N N 148 
GLU CD  OE1  doub N N 149 
GLU CD  OE2  sing N N 150 
GLU OE2 HE2  sing N N 151 
GLU OXT HXT  sing N N 152 
GLY N   CA   sing N N 153 
GLY N   H    sing N N 154 
GLY N   H2   sing N N 155 
GLY CA  C    sing N N 156 
GLY CA  HA2  sing N N 157 
GLY CA  HA3  sing N N 158 
GLY C   O    doub N N 159 
GLY C   OXT  sing N N 160 
GLY OXT HXT  sing N N 161 
GOL C1  O1   sing N N 162 
GOL C1  C2   sing N N 163 
GOL C1  H11  sing N N 164 
GOL C1  H12  sing N N 165 
GOL O1  HO1  sing N N 166 
GOL C2  O2   sing N N 167 
GOL C2  C3   sing N N 168 
GOL C2  H2   sing N N 169 
GOL O2  HO2  sing N N 170 
GOL C3  O3   sing N N 171 
GOL C3  H31  sing N N 172 
GOL C3  H32  sing N N 173 
GOL O3  HO3  sing N N 174 
HIS N   CA   sing N N 175 
HIS N   H    sing N N 176 
HIS N   H2   sing N N 177 
HIS CA  C    sing N N 178 
HIS CA  CB   sing N N 179 
HIS CA  HA   sing N N 180 
HIS C   O    doub N N 181 
HIS C   OXT  sing N N 182 
HIS CB  CG   sing N N 183 
HIS CB  HB2  sing N N 184 
HIS CB  HB3  sing N N 185 
HIS CG  ND1  sing Y N 186 
HIS CG  CD2  doub Y N 187 
HIS ND1 CE1  doub Y N 188 
HIS ND1 HD1  sing N N 189 
HIS CD2 NE2  sing Y N 190 
HIS CD2 HD2  sing N N 191 
HIS CE1 NE2  sing Y N 192 
HIS CE1 HE1  sing N N 193 
HIS NE2 HE2  sing N N 194 
HIS OXT HXT  sing N N 195 
HOH O   H1   sing N N 196 
HOH O   H2   sing N N 197 
ILE N   CA   sing N N 198 
ILE N   H    sing N N 199 
ILE N   H2   sing N N 200 
ILE CA  C    sing N N 201 
ILE CA  CB   sing N N 202 
ILE CA  HA   sing N N 203 
ILE C   O    doub N N 204 
ILE C   OXT  sing N N 205 
ILE CB  CG1  sing N N 206 
ILE CB  CG2  sing N N 207 
ILE CB  HB   sing N N 208 
ILE CG1 CD1  sing N N 209 
ILE CG1 HG12 sing N N 210 
ILE CG1 HG13 sing N N 211 
ILE CG2 HG21 sing N N 212 
ILE CG2 HG22 sing N N 213 
ILE CG2 HG23 sing N N 214 
ILE CD1 HD11 sing N N 215 
ILE CD1 HD12 sing N N 216 
ILE CD1 HD13 sing N N 217 
ILE OXT HXT  sing N N 218 
LEU N   CA   sing N N 219 
LEU N   H    sing N N 220 
LEU N   H2   sing N N 221 
LEU CA  C    sing N N 222 
LEU CA  CB   sing N N 223 
LEU CA  HA   sing N N 224 
LEU C   O    doub N N 225 
LEU C   OXT  sing N N 226 
LEU CB  CG   sing N N 227 
LEU CB  HB2  sing N N 228 
LEU CB  HB3  sing N N 229 
LEU CG  CD1  sing N N 230 
LEU CG  CD2  sing N N 231 
LEU CG  HG   sing N N 232 
LEU CD1 HD11 sing N N 233 
LEU CD1 HD12 sing N N 234 
LEU CD1 HD13 sing N N 235 
LEU CD2 HD21 sing N N 236 
LEU CD2 HD22 sing N N 237 
LEU CD2 HD23 sing N N 238 
LEU OXT HXT  sing N N 239 
LYS N   CA   sing N N 240 
LYS N   H    sing N N 241 
LYS N   H2   sing N N 242 
LYS CA  C    sing N N 243 
LYS CA  CB   sing N N 244 
LYS CA  HA   sing N N 245 
LYS C   O    doub N N 246 
LYS C   OXT  sing N N 247 
LYS CB  CG   sing N N 248 
LYS CB  HB2  sing N N 249 
LYS CB  HB3  sing N N 250 
LYS CG  CD   sing N N 251 
LYS CG  HG2  sing N N 252 
LYS CG  HG3  sing N N 253 
LYS CD  CE   sing N N 254 
LYS CD  HD2  sing N N 255 
LYS CD  HD3  sing N N 256 
LYS CE  NZ   sing N N 257 
LYS CE  HE2  sing N N 258 
LYS CE  HE3  sing N N 259 
LYS NZ  HZ1  sing N N 260 
LYS NZ  HZ2  sing N N 261 
LYS NZ  HZ3  sing N N 262 
LYS OXT HXT  sing N N 263 
MET N   CA   sing N N 264 
MET N   H    sing N N 265 
MET N   H2   sing N N 266 
MET CA  C    sing N N 267 
MET CA  CB   sing N N 268 
MET CA  HA   sing N N 269 
MET C   O    doub N N 270 
MET C   OXT  sing N N 271 
MET CB  CG   sing N N 272 
MET CB  HB2  sing N N 273 
MET CB  HB3  sing N N 274 
MET CG  SD   sing N N 275 
MET CG  HG2  sing N N 276 
MET CG  HG3  sing N N 277 
MET SD  CE   sing N N 278 
MET CE  HE1  sing N N 279 
MET CE  HE2  sing N N 280 
MET CE  HE3  sing N N 281 
MET OXT HXT  sing N N 282 
PHE N   CA   sing N N 283 
PHE N   H    sing N N 284 
PHE N   H2   sing N N 285 
PHE CA  C    sing N N 286 
PHE CA  CB   sing N N 287 
PHE CA  HA   sing N N 288 
PHE C   O    doub N N 289 
PHE C   OXT  sing N N 290 
PHE CB  CG   sing N N 291 
PHE CB  HB2  sing N N 292 
PHE CB  HB3  sing N N 293 
PHE CG  CD1  doub Y N 294 
PHE CG  CD2  sing Y N 295 
PHE CD1 CE1  sing Y N 296 
PHE CD1 HD1  sing N N 297 
PHE CD2 CE2  doub Y N 298 
PHE CD2 HD2  sing N N 299 
PHE CE1 CZ   doub Y N 300 
PHE CE1 HE1  sing N N 301 
PHE CE2 CZ   sing Y N 302 
PHE CE2 HE2  sing N N 303 
PHE CZ  HZ   sing N N 304 
PHE OXT HXT  sing N N 305 
PRO N   CA   sing N N 306 
PRO N   CD   sing N N 307 
PRO N   H    sing N N 308 
PRO CA  C    sing N N 309 
PRO CA  CB   sing N N 310 
PRO CA  HA   sing N N 311 
PRO C   O    doub N N 312 
PRO C   OXT  sing N N 313 
PRO CB  CG   sing N N 314 
PRO CB  HB2  sing N N 315 
PRO CB  HB3  sing N N 316 
PRO CG  CD   sing N N 317 
PRO CG  HG2  sing N N 318 
PRO CG  HG3  sing N N 319 
PRO CD  HD2  sing N N 320 
PRO CD  HD3  sing N N 321 
PRO OXT HXT  sing N N 322 
SER N   CA   sing N N 323 
SER N   H    sing N N 324 
SER N   H2   sing N N 325 
SER CA  C    sing N N 326 
SER CA  CB   sing N N 327 
SER CA  HA   sing N N 328 
SER C   O    doub N N 329 
SER C   OXT  sing N N 330 
SER CB  OG   sing N N 331 
SER CB  HB2  sing N N 332 
SER CB  HB3  sing N N 333 
SER OG  HG   sing N N 334 
SER OXT HXT  sing N N 335 
SO4 S   O1   doub N N 336 
SO4 S   O2   doub N N 337 
SO4 S   O3   sing N N 338 
SO4 S   O4   sing N N 339 
THR N   CA   sing N N 340 
THR N   H    sing N N 341 
THR N   H2   sing N N 342 
THR CA  C    sing N N 343 
THR CA  CB   sing N N 344 
THR CA  HA   sing N N 345 
THR C   O    doub N N 346 
THR C   OXT  sing N N 347 
THR CB  OG1  sing N N 348 
THR CB  CG2  sing N N 349 
THR CB  HB   sing N N 350 
THR OG1 HG1  sing N N 351 
THR CG2 HG21 sing N N 352 
THR CG2 HG22 sing N N 353 
THR CG2 HG23 sing N N 354 
THR OXT HXT  sing N N 355 
TYR N   CA   sing N N 356 
TYR N   H    sing N N 357 
TYR N   H2   sing N N 358 
TYR CA  C    sing N N 359 
TYR CA  CB   sing N N 360 
TYR CA  HA   sing N N 361 
TYR C   O    doub N N 362 
TYR C   OXT  sing N N 363 
TYR CB  CG   sing N N 364 
TYR CB  HB2  sing N N 365 
TYR CB  HB3  sing N N 366 
TYR CG  CD1  doub Y N 367 
TYR CG  CD2  sing Y N 368 
TYR CD1 CE1  sing Y N 369 
TYR CD1 HD1  sing N N 370 
TYR CD2 CE2  doub Y N 371 
TYR CD2 HD2  sing N N 372 
TYR CE1 CZ   doub Y N 373 
TYR CE1 HE1  sing N N 374 
TYR CE2 CZ   sing Y N 375 
TYR CE2 HE2  sing N N 376 
TYR CZ  OH   sing N N 377 
TYR OH  HH   sing N N 378 
TYR OXT HXT  sing N N 379 
VAL N   CA   sing N N 380 
VAL N   H    sing N N 381 
VAL N   H2   sing N N 382 
VAL CA  C    sing N N 383 
VAL CA  CB   sing N N 384 
VAL CA  HA   sing N N 385 
VAL C   O    doub N N 386 
VAL C   OXT  sing N N 387 
VAL CB  CG1  sing N N 388 
VAL CB  CG2  sing N N 389 
VAL CB  HB   sing N N 390 
VAL CG1 HG11 sing N N 391 
VAL CG1 HG12 sing N N 392 
VAL CG1 HG13 sing N N 393 
VAL CG2 HG21 sing N N 394 
VAL CG2 HG22 sing N N 395 
VAL CG2 HG23 sing N N 396 
VAL OXT HXT  sing N N 397 
# 
_atom_sites.entry_id                    5BZI 
_atom_sites.fract_transf_matrix[1][1]   0.01619892 
_atom_sites.fract_transf_matrix[1][2]   0.01730912 
_atom_sites.fract_transf_matrix[1][3]   0.02782222 
_atom_sites.fract_transf_matrix[2][1]   0.00319088 
_atom_sites.fract_transf_matrix[2][2]   -0.01076634 
_atom_sites.fract_transf_matrix[2][3]   0.00484027 
_atom_sites.fract_transf_matrix[3][1]   0.03407701 
_atom_sites.fract_transf_matrix[3][2]   0.00866699 
_atom_sites.fract_transf_matrix[3][3]   -0.00318658 
_atom_sites.fract_transf_vector[1]      0.091127 
_atom_sites.fract_transf_vector[2]      -0.006180 
_atom_sites.fract_transf_vector[3]      0.075278 
# 
loop_
_atom_type.symbol 
C 
N 
O 
S 
# 
loop_
_atom_site.group_PDB 
_atom_site.id 
_atom_site.type_symbol 
_atom_site.label_atom_id 
_atom_site.label_alt_id 
_atom_site.label_comp_id 
_atom_site.label_asym_id 
_atom_site.label_entity_id 
_atom_site.label_seq_id 
_atom_site.pdbx_PDB_ins_code 
_atom_site.Cartn_x 
_atom_site.Cartn_y 
_atom_site.Cartn_z 
_atom_site.occupancy 
_atom_site.B_iso_or_equiv 
_atom_site.pdbx_formal_charge 
_atom_site.auth_seq_id 
_atom_site.auth_comp_id 
_atom_site.auth_asym_id 
_atom_site.auth_atom_id 
_atom_site.pdbx_PDB_model_num 
ATOM   1    N N   . ASN A 1 2   ? 5.570   -6.108  20.665  1.00 22.59 ? 24  ASN A N   1 
ATOM   2    C CA  . ASN A 1 2   ? 5.930   -6.595  19.302  1.00 21.54 ? 24  ASN A CA  1 
ATOM   3    C C   . ASN A 1 2   ? 4.734   -6.395  18.382  1.00 20.26 ? 24  ASN A C   1 
ATOM   4    O O   . ASN A 1 2   ? 3.892   -7.285  18.226  1.00 19.03 ? 24  ASN A O   1 
ATOM   5    C CB  . ASN A 1 2   ? 6.353   -8.063  19.348  1.00 22.18 ? 24  ASN A CB  1 
ATOM   6    C CG  . ASN A 1 2   ? 7.068   -8.506  18.087  1.00 24.09 ? 24  ASN A CG  1 
ATOM   7    O OD1 . ASN A 1 2   ? 7.179   -7.757  17.114  1.00 28.43 ? 24  ASN A OD1 1 
ATOM   8    N ND2 . ASN A 1 2   ? 7.566   -9.728  18.101  1.00 24.47 ? 24  ASN A ND2 1 
ATOM   9    N N   . GLN A 1 3   ? 4.665   -5.202  17.795  1.00 18.87 ? 25  GLN A N   1 
ATOM   10   C CA  . GLN A 1 3   ? 3.440   -4.696  17.184  1.00 17.43 ? 25  GLN A CA  1 
ATOM   11   C C   . GLN A 1 3   ? 3.753   -3.927  15.906  1.00 15.65 ? 25  GLN A C   1 
ATOM   12   O O   . GLN A 1 3   ? 4.711   -3.158  15.861  1.00 16.13 ? 25  GLN A O   1 
ATOM   13   C CB  . GLN A 1 3   ? 2.706   -3.793  18.180  1.00 18.61 ? 25  GLN A CB  1 
ATOM   14   C CG  . GLN A 1 3   ? 1.558   -2.990  17.614  1.00 22.54 ? 25  GLN A CG  1 
ATOM   15   C CD  . GLN A 1 3   ? 0.245   -3.714  17.681  1.00 26.18 ? 25  GLN A CD  1 
ATOM   16   O OE1 . GLN A 1 3   ? -0.190  -4.127  18.762  1.00 28.98 ? 25  GLN A OE1 1 
ATOM   17   N NE2 . GLN A 1 3   ? -0.424  -3.850  16.528  1.00 22.81 ? 25  GLN A NE2 1 
ATOM   18   N N   . ILE A 1 4   ? 2.954   -4.171  14.868  1.00 12.05 ? 26  ILE A N   1 
ATOM   19   C CA  . ILE A 1 4   ? 3.056   -3.428  13.599  1.00 10.73 ? 26  ILE A CA  1 
ATOM   20   C C   . ILE A 1 4   ? 1.667   -2.895  13.274  1.00 10.57 ? 26  ILE A C   1 
ATOM   21   O O   . ILE A 1 4   ? 0.704   -3.669  13.283  1.00 10.36 ? 26  ILE A O   1 
ATOM   22   C CB  . ILE A 1 4   ? 3.567   -4.342  12.472  1.00 11.34 ? 26  ILE A CB  1 
ATOM   23   C CG1 . ILE A 1 4   ? 5.017   -4.786  12.745  1.00 11.16 ? 26  ILE A CG1 1 
ATOM   24   C CG2 . ILE A 1 4   ? 3.471   -3.635  11.112  1.00 10.55 ? 26  ILE A CG2 1 
ATOM   25   C CD1 . ILE A 1 4   ? 5.540   -5.828  11.789  1.00 15.59 ? 26  ILE A CD1 1 
ATOM   26   N N   . ASP A 1 5   ? 1.546   -1.596  13.014  1.00 9.61  ? 27  ASP A N   1 
ATOM   27   C CA  . ASP A 1 5   ? 0.297   -1.018  12.486  1.00 9.50  ? 27  ASP A CA  1 
ATOM   28   C C   . ASP A 1 5   ? 0.437   -0.836  10.996  1.00 7.61  ? 27  ASP A C   1 
ATOM   29   O O   . ASP A 1 5   ? 1.465   -0.358  10.503  1.00 8.17  ? 27  ASP A O   1 
ATOM   30   C CB  . ASP A 1 5   ? -0.047  0.319   13.128  1.00 10.70 ? 27  ASP A CB  1 
ATOM   31   C CG  . ASP A 1 5   ? -0.620  0.158   14.536  1.00 15.60 ? 27  ASP A CG  1 
ATOM   32   O OD1 . ASP A 1 5   ? -0.519  -0.946  15.107  1.00 20.81 ? 27  ASP A OD1 1 
ATOM   33   O OD2 . ASP A 1 5   ? -1.152  1.151   15.067  1.00 23.95 ? 27  ASP A OD2 1 
ATOM   34   N N   . LEU A 1 6   ? -0.608  -1.219  10.281  1.00 5.87  ? 28  LEU A N   1 
ATOM   35   C CA  . LEU A 1 6   ? -0.683  -1.065  8.816   1.00 6.05  ? 28  LEU A CA  1 
ATOM   36   C C   . LEU A 1 6   ? -1.869  -0.185  8.485   1.00 5.20  ? 28  LEU A C   1 
ATOM   37   O O   . LEU A 1 6   ? -3.021  -0.625  8.627   1.00 6.97  ? 28  LEU A O   1 
ATOM   38   C CB  . LEU A 1 6   ? -0.804  -2.436  8.127   1.00 6.13  ? 28  LEU A CB  1 
ATOM   39   C CG  . LEU A 1 6   ? 0.314   -3.428  8.419   1.00 6.45  ? 28  LEU A CG  1 
ATOM   40   C CD1 . LEU A 1 6   ? -0.045  -4.752  7.787   1.00 8.67  ? 28  LEU A CD1 1 
ATOM   41   C CD2 . LEU A 1 6   ? 1.664   -2.937  7.877   1.00 8.24  ? 28  LEU A CD2 1 
ATOM   42   N N   . ASN A 1 7   ? -1.608  1.047   8.071   1.00 4.66  ? 29  ASN A N   1 
ATOM   43   C CA  . ASN A 1 7   ? -2.678  1.990   7.708   1.00 5.39  ? 29  ASN A CA  1 
ATOM   44   C C   . ASN A 1 7   ? -3.012  1.770   6.256   1.00 5.57  ? 29  ASN A C   1 
ATOM   45   O O   . ASN A 1 7   ? -2.109  1.819   5.417   1.00 6.04  ? 29  ASN A O   1 
ATOM   46   C CB  . ASN A 1 7   ? -2.239  3.454   7.865   1.00 6.37  ? 29  ASN A CB  1 
ATOM   47   C CG  . ASN A 1 7   ? -1.771  3.805   9.259   1.00 11.88 ? 29  ASN A CG  1 
ATOM   48   O OD1 . ASN A 1 7   ? -2.166  3.197   10.231  1.00 14.25 ? 29  ASN A OD1 1 
ATOM   49   N ND2 . ASN A 1 7   ? -0.877  4.793   9.342   1.00 14.25 ? 29  ASN A ND2 1 
ATOM   50   N N   . VAL A 1 8   ? -4.269  1.490   5.948   1.00 4.94  ? 30  VAL A N   1 
ATOM   51   C CA  . VAL A 1 8   ? -4.673  1.113   4.594   1.00 5.51  ? 30  VAL A CA  1 
ATOM   52   C C   . VAL A 1 8   ? -5.720  2.076   4.033   1.00 5.33  ? 30  VAL A C   1 
ATOM   53   O O   . VAL A 1 8   ? -6.490  2.691   4.788   1.00 6.97  ? 30  VAL A O   1 
ATOM   54   C CB  . VAL A 1 8   ? -5.207  -0.322  4.534   1.00 5.23  ? 30  VAL A CB  1 
ATOM   55   C CG1 . VAL A 1 8   ? -4.180  -1.309  5.048   1.00 8.87  ? 30  VAL A CG1 1 
ATOM   56   C CG2 . VAL A 1 8   ? -6.478  -0.470  5.325   1.00 7.23  ? 30  VAL A CG2 1 
ATOM   57   N N   . THR A 1 9   ? -5.762  2.209   2.714   1.00 5.34  ? 31  THR A N   1 
ATOM   58   C CA  . THR A 1 9   ? -6.737  3.059   2.068   1.00 5.35  ? 31  THR A CA  1 
ATOM   59   C C   . THR A 1 9   ? -7.871  2.264   1.430   1.00 5.02  ? 31  THR A C   1 
ATOM   60   O O   . THR A 1 9   ? -7.854  1.033   1.360   1.00 5.34  ? 31  THR A O   1 
ATOM   61   C CB  . THR A 1 9   ? -6.080  3.903   0.958   1.00 5.38  ? 31  THR A CB  1 
ATOM   62   O OG1 . THR A 1 9   ? -5.594  3.031   -0.071  1.00 5.31  ? 31  THR A OG1 1 
ATOM   63   C CG2 . THR A 1 9   ? -4.933  4.745   1.515   1.00 6.68  ? 31  THR A CG2 1 
ATOM   64   N N   . CYS A 1 10  ? -8.837  3.029   0.958   1.00 4.82  ? 32  CYS A N   1 
ATOM   65   C CA  . CYS A 1 10  ? -9.775  2.542   -0.059  1.00 3.98  ? 32  CYS A CA  1 
ATOM   66   C C   . CYS A 1 10  ? -9.055  1.852   -1.183  1.00 4.71  ? 32  CYS A C   1 
ATOM   67   O O   . CYS A 1 10  ? -7.903  2.204   -1.481  1.00 4.76  ? 32  CYS A O   1 
ATOM   68   C CB  . CYS A 1 10  ? -10.480 3.759   -0.674  1.00 4.92  ? 32  CYS A CB  1 
ATOM   69   S SG  . CYS A 1 10  ? -11.522 4.759   0.408   1.00 10.37 ? 32  CYS A SG  1 
ATOM   70   N N   . ARG A 1 11  ? -9.735  0.925   -1.845  1.00 4.49  ? 33  ARG A N   1 
ATOM   71   C CA  . ARG A 1 11  ? -9.215  0.319   -3.063  1.00 4.51  ? 33  ARG A CA  1 
ATOM   72   C C   . ARG A 1 11  ? -9.830  0.980   -4.277  1.00 5.29  ? 33  ARG A C   1 
ATOM   73   O O   . ARG A 1 11  ? -11.027 1.325   -4.282  1.00 6.22  ? 33  ARG A O   1 
ATOM   74   C CB  . ARG A 1 11  ? -9.501  -1.189  -3.108  1.00 5.18  ? 33  ARG A CB  1 
ATOM   75   C CG  . ARG A 1 11  ? -8.536  -2.102  -2.320  1.00 5.47  ? 33  ARG A CG  1 
ATOM   76   C CD  . ARG A 1 11  ? -8.629  -1.925  -0.801  1.00 5.22  ? 33  ARG A CD  1 
ATOM   77   N NE  . ARG A 1 11  ? -9.964  -2.314  -0.333  1.00 5.73  ? 33  ARG A NE  1 
ATOM   78   C CZ  . ARG A 1 11  ? -10.670 -1.727  0.621   1.00 6.15  ? 33  ARG A CZ  1 
ATOM   79   N NH1 . ARG A 1 11  ? -10.216 -0.707  1.310   1.00 5.88  ? 33  ARG A NH1 1 
ATOM   80   N NH2 . ARG A 1 11  ? -11.862 -2.256  0.920   1.00 7.08  ? 33  ARG A NH2 1 
ATOM   81   N N   . TYR A 1 12  ? -9.037  1.158   -5.308  1.00 3.99  ? 34  TYR A N   1 
ATOM   82   C CA  . TYR A 1 12  ? -9.499  1.702   -6.583  1.00 4.13  ? 34  TYR A CA  1 
ATOM   83   C C   . TYR A 1 12  ? -9.034  0.777   -7.685  1.00 3.92  ? 34  TYR A C   1 
ATOM   84   O O   . TYR A 1 12  ? -7.822  0.626   -7.893  1.00 3.68  ? 34  TYR A O   1 
ATOM   85   C CB  . TYR A 1 12  ? -8.873  3.087   -6.818  1.00 5.41  ? 34  TYR A CB  1 
ATOM   86   C CG  . TYR A 1 12  ? -9.469  4.127   -5.916  1.00 7.76  ? 34  TYR A CG  1 
ATOM   87   C CD1 . TYR A 1 12  ? -10.568 4.857   -6.347  1.00 9.46  ? 34  TYR A CD1 1 
ATOM   88   C CD2 . TYR A 1 12  ? -8.986  4.358   -4.626  1.00 10.19 ? 34  TYR A CD2 1 
ATOM   89   C CE1 . TYR A 1 12  ? -11.178 5.799   -5.550  1.00 13.22 ? 34  TYR A CE1 1 
ATOM   90   C CE2 . TYR A 1 12  ? -9.588  5.345   -3.802  1.00 11.42 ? 34  TYR A CE2 1 
ATOM   91   C CZ  . TYR A 1 12  ? -10.686 6.044   -4.293  1.00 11.36 ? 34  TYR A CZ  1 
ATOM   92   O OH  . TYR A 1 12  ? -11.333 7.016   -3.525  1.00 17.56 ? 34  TYR A OH  1 
ATOM   93   N N   . ALA A 1 13  ? -9.966  0.114   -8.381  1.00 3.36  ? 35  ALA A N   1 
ATOM   94   C CA  . ALA A 1 13  ? -9.588  -0.906  -9.341  1.00 3.69  ? 35  ALA A CA  1 
ATOM   95   C C   . ALA A 1 13  ? -8.567  -1.886  -8.727  1.00 3.37  ? 35  ALA A C   1 
ATOM   96   O O   . ALA A 1 13  ? -7.610  -2.312  -9.383  1.00 4.19  ? 35  ALA A O   1 
ATOM   97   C CB  . ALA A 1 13  ? -9.052  -0.258  -10.632 1.00 5.44  ? 35  ALA A CB  1 
ATOM   98   N N   . GLY A 1 14  ? -8.801  -2.237  -7.466  1.00 2.86  ? 36  GLY A N   1 
ATOM   99   C CA  . GLY A 1 14  ? -7.954  -3.192  -6.758  1.00 3.74  ? 36  GLY A CA  1 
ATOM   100  C C   . GLY A 1 14  ? -6.688  -2.635  -6.094  1.00 2.56  ? 36  GLY A C   1 
ATOM   101  O O   . GLY A 1 14  ? -6.006  -3.380  -5.383  1.00 4.29  ? 36  GLY A O   1 
ATOM   102  N N   . VAL A 1 15  ? -6.334  -1.382  -6.400  1.00 3.22  ? 37  VAL A N   1 
ATOM   103  C CA  . VAL A 1 15  ? -5.082  -0.812  -5.905  1.00 3.02  ? 37  VAL A CA  1 
ATOM   104  C C   . VAL A 1 15  ? -5.344  -0.041  -4.628  1.00 3.71  ? 37  VAL A C   1 
ATOM   105  O O   . VAL A 1 15  ? -6.305  0.730   -4.541  1.00 3.51  ? 37  VAL A O   1 
ATOM   106  C CB  . VAL A 1 15  ? -4.442  0.105   -6.978  1.00 3.12  ? 37  VAL A CB  1 
ATOM   107  C CG1 . VAL A 1 15  ? -3.141  0.767   -6.467  1.00 4.61  ? 37  VAL A CG1 1 
ATOM   108  C CG2 . VAL A 1 15  ? -4.188  -0.702  -8.269  1.00 5.20  ? 37  VAL A CG2 1 
ATOM   109  N N   . PHE A 1 16  ? -4.473  -0.255  -3.644  1.00 3.07  ? 38  PHE A N   1 
ATOM   110  C CA  . PHE A 1 16  ? -4.547  0.476   -2.394  1.00 3.15  ? 38  PHE A CA  1 
ATOM   111  C C   . PHE A 1 16  ? -3.163  0.817   -1.881  1.00 3.67  ? 38  PHE A C   1 
ATOM   112  O O   . PHE A 1 16  ? -2.149  0.258   -2.348  1.00 3.88  ? 38  PHE A O   1 
ATOM   113  C CB  . PHE A 1 16  ? -5.387  -0.264  -1.333  1.00 4.20  ? 38  PHE A CB  1 
ATOM   114  C CG  . PHE A 1 16  ? -4.882  -1.639  -0.961  1.00 4.33  ? 38  PHE A CG  1 
ATOM   115  C CD1 . PHE A 1 16  ? -4.297  -1.879  0.294   1.00 6.06  ? 38  PHE A CD1 1 
ATOM   116  C CD2 . PHE A 1 16  ? -4.997  -2.720  -1.831  1.00 4.33  ? 38  PHE A CD2 1 
ATOM   117  C CE1 . PHE A 1 16  ? -3.848  -3.135  0.647   1.00 7.07  ? 38  PHE A CE1 1 
ATOM   118  C CE2 . PHE A 1 16  ? -4.579  -3.993  -1.458  1.00 4.42  ? 38  PHE A CE2 1 
ATOM   119  C CZ  . PHE A 1 16  ? -3.978  -4.186  -0.221  1.00 8.13  ? 38  PHE A CZ  1 
ATOM   120  N N   . HIS A 1 17  ? -3.113  1.740   -0.931  1.00 3.69  ? 39  HIS A N   1 
ATOM   121  C CA  . HIS A 1 17  ? -1.867  2.213   -0.290  1.00 4.22  ? 39  HIS A CA  1 
ATOM   122  C C   . HIS A 1 17  ? -1.784  1.646   1.126   1.00 4.07  ? 39  HIS A C   1 
ATOM   123  O O   . HIS A 1 17  ? -2.785  1.583   1.835   1.00 4.37  ? 39  HIS A O   1 
ATOM   124  C CB  . HIS A 1 17  ? -1.914  3.735   -0.314  1.00 3.93  ? 39  HIS A CB  1 
ATOM   125  C CG  . HIS A 1 17  ? -0.890  4.414   0.538   1.00 5.09  ? 39  HIS A CG  1 
ATOM   126  N ND1 . HIS A 1 17  ? -1.202  4.938   1.771   1.00 11.57 ? 39  HIS A ND1 1 
ATOM   127  C CD2 . HIS A 1 17  ? 0.424   4.657   0.352   1.00 7.75  ? 39  HIS A CD2 1 
ATOM   128  C CE1 . HIS A 1 17  ? -0.123  5.481   2.312   1.00 9.72  ? 39  HIS A CE1 1 
ATOM   129  N NE2 . HIS A 1 17  ? 0.871   5.345   1.459   1.00 6.97  ? 39  HIS A NE2 1 
ATOM   130  N N   . VAL A 1 18  ? -0.573  1.234   1.521   1.00 3.80  ? 40  VAL A N   1 
ATOM   131  C CA  . VAL A 1 18  ? -0.294  0.755   2.868   1.00 4.79  ? 40  VAL A CA  1 
ATOM   132  C C   . VAL A 1 18  ? 0.914   1.509   3.414   1.00 4.22  ? 40  VAL A C   1 
ATOM   133  O O   . VAL A 1 18  ? 1.966   1.601   2.753   1.00 4.74  ? 40  VAL A O   1 
ATOM   134  C CB  . VAL A 1 18  ? 0.021   -0.743  2.901   1.00 5.56  ? 40  VAL A CB  1 
ATOM   135  C CG1 . VAL A 1 18  ? 0.210   -1.248  4.357   1.00 7.25  ? 40  VAL A CG1 1 
ATOM   136  C CG2 . VAL A 1 18  ? -1.073  -1.567  2.189   1.00 6.81  ? 40  VAL A CG2 1 
ATOM   137  N N   A GLU A 1 19  ? 0.756   2.049   4.613   0.50 5.42  ? 41  GLU A N   1 
ATOM   138  N N   B GLU A 1 19  ? 0.758   2.047   4.613   0.50 5.39  ? 41  GLU A N   1 
ATOM   139  C CA  A GLU A 1 19  ? 1.810   2.757   5.342   0.50 6.37  ? 41  GLU A CA  1 
ATOM   140  C CA  B GLU A 1 19  ? 1.832   2.727   5.332   0.50 6.29  ? 41  GLU A CA  1 
ATOM   141  C C   A GLU A 1 19  ? 2.073   1.972   6.624   0.50 6.60  ? 41  GLU A C   1 
ATOM   142  C C   B GLU A 1 19  ? 2.076   1.958   6.619   0.50 6.57  ? 41  GLU A C   1 
ATOM   143  O O   A GLU A 1 19  ? 1.129   1.650   7.349   0.50 7.07  ? 41  GLU A O   1 
ATOM   144  O O   B GLU A 1 19  ? 1.128   1.644   7.343   0.50 7.06  ? 41  GLU A O   1 
ATOM   145  C CB  A GLU A 1 19  ? 1.312   4.166   5.662   0.50 7.18  ? 41  GLU A CB  1 
ATOM   146  C CB  B GLU A 1 19  ? 1.391   4.148   5.648   0.50 7.06  ? 41  GLU A CB  1 
ATOM   147  C CG  A GLU A 1 19  ? 2.158   4.985   6.621   0.50 10.71 ? 41  GLU A CG  1 
ATOM   148  C CG  B GLU A 1 19  ? 2.412   5.038   6.341   0.50 10.26 ? 41  GLU A CG  1 
ATOM   149  C CD  A GLU A 1 19  ? 1.447   6.271   7.056   0.50 13.40 ? 41  GLU A CD  1 
ATOM   150  C CD  B GLU A 1 19  ? 1.839   6.425   6.559   0.50 13.49 ? 41  GLU A CD  1 
ATOM   151  O OE1 A GLU A 1 19  ? 2.141   7.291   7.249   0.50 18.17 ? 41  GLU A OE1 1 
ATOM   152  O OE1 B GLU A 1 19  ? 0.841   6.751   5.882   0.50 14.84 ? 41  GLU A OE1 1 
ATOM   153  O OE2 A GLU A 1 19  ? 0.203   6.264   7.222   0.50 13.49 ? 41  GLU A OE2 1 
ATOM   154  O OE2 B GLU A 1 19  ? 2.385   7.173   7.401   0.50 17.28 ? 41  GLU A OE2 1 
ATOM   155  N N   . LYS A 1 20  ? 3.331   1.654   6.906   1.00 6.40  ? 42  LYS A N   1 
ATOM   156  C CA  . LYS A 1 20  ? 3.662   0.874   8.098   1.00 7.16  ? 42  LYS A CA  1 
ATOM   157  C C   . LYS A 1 20  ? 4.032   1.828   9.226   1.00 7.18  ? 42  LYS A C   1 
ATOM   158  O O   . LYS A 1 20  ? 4.944   2.671   9.070   1.00 7.89  ? 42  LYS A O   1 
ATOM   159  C CB  . LYS A 1 20  ? 4.846   -0.026  7.778   1.00 7.15  ? 42  LYS A CB  1 
ATOM   160  C CG  . LYS A 1 20  ? 5.294   -0.912  8.942   1.00 10.69 ? 42  LYS A CG  1 
ATOM   161  C CD  . LYS A 1 20  ? 6.509   -1.730  8.558   1.00 13.40 ? 42  LYS A CD  1 
ATOM   162  C CE  . LYS A 1 20  ? 7.060   -2.505  9.775   1.00 14.49 ? 42  LYS A CE  1 
ATOM   163  N NZ  . LYS A 1 20  ? 8.370   -3.093  9.423   1.00 16.46 ? 42  LYS A NZ  1 
ATOM   164  N N   . ASN A 1 21  ? 3.338   1.723   10.364  1.00 8.63  ? 43  ASN A N   1 
ATOM   165  C CA  . ASN A 1 21  ? 3.667   2.501   11.574  1.00 11.04 ? 43  ASN A CA  1 
ATOM   166  C C   . ASN A 1 21  ? 3.645   4.006   11.356  1.00 12.49 ? 43  ASN A C   1 
ATOM   167  O O   . ASN A 1 21  ? 4.319   4.751   12.084  1.00 13.75 ? 43  ASN A O   1 
ATOM   168  C CB  . ASN A 1 21  ? 5.000   2.039   12.176  1.00 11.80 ? 43  ASN A CB  1 
ATOM   169  C CG  . ASN A 1 21  ? 4.912   0.639   12.746  1.00 12.93 ? 43  ASN A CG  1 
ATOM   170  O OD1 . ASN A 1 21  ? 3.839   0.215   13.207  1.00 13.92 ? 43  ASN A OD1 1 
ATOM   171  N ND2 . ASN A 1 21  ? 6.007   -0.101  12.664  1.00 14.90 ? 43  ASN A ND2 1 
ATOM   172  N N   . GLY A 1 22  ? 2.852   4.461   10.403  1.00 13.45 ? 44  GLY A N   1 
ATOM   173  C CA  . GLY A 1 22  ? 2.664   5.898   10.234  1.00 14.23 ? 44  GLY A CA  1 
ATOM   174  C C   . GLY A 1 22  ? 3.889   6.673   9.757   1.00 14.12 ? 44  GLY A C   1 
ATOM   175  O O   . GLY A 1 22  ? 3.943   7.892   9.941   1.00 16.02 ? 44  GLY A O   1 
ATOM   176  N N   . ARG A 1 23  ? 4.860   6.002   9.138   1.00 12.05 ? 45  ARG A N   1 
ATOM   177  C CA  . ARG A 1 23  ? 6.046   6.683   8.620   1.00 11.77 ? 45  ARG A CA  1 
ATOM   178  C C   . ARG A 1 23  ? 6.632   5.851   7.485   1.00 9.41  ? 45  ARG A C   1 
ATOM   179  O O   . ARG A 1 23  ? 6.385   4.634   7.391   1.00 8.74  ? 45  ARG A O   1 
ATOM   180  C CB  . ARG A 1 23  ? 7.069   6.866   9.738   1.00 12.54 ? 45  ARG A CB  1 
ATOM   181  C CG  . ARG A 1 23  ? 7.593   5.560   10.317  1.00 15.59 ? 45  ARG A CG  1 
ATOM   182  C CD  . ARG A 1 23  ? 8.385   5.775   11.622  1.00 21.98 ? 45  ARG A CD  1 
ATOM   183  N NE  . ARG A 1 23  ? 8.735   4.498   12.270  1.00 26.72 ? 45  ARG A NE  1 
ATOM   184  C CZ  . ARG A 1 23  ? 8.087   3.944   13.300  1.00 28.17 ? 45  ARG A CZ  1 
ATOM   185  N NH1 . ARG A 1 23  ? 7.021   4.526   13.846  1.00 29.11 ? 45  ARG A NH1 1 
ATOM   186  N NH2 . ARG A 1 23  ? 8.507   2.785   13.795  1.00 30.49 ? 45  ARG A NH2 1 
ATOM   187  N N   . TYR A 1 24  ? 7.422   6.483   6.620   1.00 7.33  ? 46  TYR A N   1 
ATOM   188  C CA  . TYR A 1 24  ? 8.101   5.776   5.523   1.00 7.51  ? 46  TYR A CA  1 
ATOM   189  C C   . TYR A 1 24  ? 9.038   4.752   6.119   1.00 7.72  ? 46  TYR A C   1 
ATOM   190  O O   . TYR A 1 24  ? 10.006  5.106   6.804   1.00 9.79  ? 46  TYR A O   1 
ATOM   191  C CB  . TYR A 1 24  ? 8.890   6.770   4.690   1.00 6.37  ? 46  TYR A CB  1 
ATOM   192  C CG  . TYR A 1 24  ? 8.062   7.673   3.810   1.00 4.48  ? 46  TYR A CG  1 
ATOM   193  C CD1 . TYR A 1 24  ? 7.187   7.141   2.859   1.00 5.44  ? 46  TYR A CD1 1 
ATOM   194  C CD2 . TYR A 1 24  ? 8.241   9.047   3.831   1.00 6.33  ? 46  TYR A CD2 1 
ATOM   195  C CE1 . TYR A 1 24  ? 6.484   7.953   2.020   1.00 4.67  ? 46  TYR A CE1 1 
ATOM   196  C CE2 . TYR A 1 24  ? 7.522   9.893   2.971   1.00 6.45  ? 46  TYR A CE2 1 
ATOM   197  C CZ  . TYR A 1 24  ? 6.632   9.318   2.068   1.00 4.72  ? 46  TYR A CZ  1 
ATOM   198  O OH  . TYR A 1 24  ? 5.930   10.124  1.207   1.00 6.88  ? 46  TYR A OH  1 
ATOM   199  N N   . SER A 1 25  ? 8.771   3.481   5.916   1.00 7.03  ? 47  SER A N   1 
ATOM   200  C CA  . SER A 1 25  ? 9.512   2.459   6.664   1.00 6.82  ? 47  SER A CA  1 
ATOM   201  C C   . SER A 1 25  ? 9.587   1.086   6.025   1.00 6.92  ? 47  SER A C   1 
ATOM   202  O O   . SER A 1 25  ? 10.006  0.126   6.661   1.00 8.04  ? 47  SER A O   1 
ATOM   203  C CB  . SER A 1 25  ? 8.993   2.336   8.106   1.00 9.01  ? 47  SER A CB  1 
ATOM   204  O OG  . SER A 1 25  ? 7.653   1.910   8.132   1.00 10.27 ? 47  SER A OG  1 
ATOM   205  N N   . ILE A 1 26  ? 9.185   0.987   4.758   1.00 6.56  ? 48  ILE A N   1 
ATOM   206  C CA  . ILE A 1 26  ? 9.095   -0.289  4.054   1.00 7.05  ? 48  ILE A CA  1 
ATOM   207  C C   . ILE A 1 26  ? 10.179  -0.366  2.985   1.00 6.00  ? 48  ILE A C   1 
ATOM   208  O O   . ILE A 1 26  ? 10.262  0.519   2.177   1.00 6.27  ? 48  ILE A O   1 
ATOM   209  C CB  . ILE A 1 26  ? 7.692   -0.455  3.405   1.00 6.47  ? 48  ILE A CB  1 
ATOM   210  C CG1 . ILE A 1 26  ? 6.603   -0.307  4.462   1.00 7.51  ? 48  ILE A CG1 1 
ATOM   211  C CG2 . ILE A 1 26  ? 7.567   -1.801  2.747   1.00 9.77  ? 48  ILE A CG2 1 
ATOM   212  C CD1 . ILE A 1 26  ? 5.138   -0.260  3.910   1.00 6.67  ? 48  ILE A CD1 1 
ATOM   213  N N   . SER A 1 27  ? 11.007  -1.405  3.011   1.00 6.46  ? 49  SER A N   1 
ATOM   214  C CA  . SER A 1 27  ? 11.943  -1.678  1.914   1.00 6.86  ? 49  SER A CA  1 
ATOM   215  C C   . SER A 1 27  ? 11.249  -2.332  0.719   1.00 8.14  ? 49  SER A C   1 
ATOM   216  O O   . SER A 1 27  ? 10.120  -2.834  0.846   1.00 7.29  ? 49  SER A O   1 
ATOM   217  C CB  . SER A 1 27  ? 13.061  -2.605  2.377   1.00 8.32  ? 49  SER A CB  1 
ATOM   218  O OG  . SER A 1 27  ? 12.533  -3.903  2.605   1.00 11.29 ? 49  SER A OG  1 
ATOM   219  N N   . ARG A 1 28  ? 11.934  -2.421  -0.413  1.00 8.30  ? 50  ARG A N   1 
ATOM   220  C CA  . ARG A 1 28  ? 11.325  -3.031  -1.578  1.00 9.53  ? 50  ARG A CA  1 
ATOM   221  C C   . ARG A 1 28  ? 10.992  -4.524  -1.330  1.00 10.03 ? 50  ARG A C   1 
ATOM   222  O O   . ARG A 1 28  ? 9.931   -4.999  -1.739  1.00 9.44  ? 50  ARG A O   1 
ATOM   223  C CB  . ARG A 1 28  ? 12.241  -2.826  -2.788  1.00 10.49 ? 50  ARG A CB  1 
ATOM   224  C CG  . ARG A 1 28  ? 11.795  -3.477  -4.069  1.00 14.73 ? 50  ARG A CG  1 
ATOM   225  C CD  . ARG A 1 28  ? 10.425  -3.038  -4.512  1.00 18.05 ? 50  ARG A CD  1 
ATOM   226  N NE  . ARG A 1 28  ? 10.054  -3.687  -5.767  1.00 20.24 ? 50  ARG A NE  1 
ATOM   227  C CZ  . ARG A 1 28  ? 9.757   -4.983  -5.882  1.00 22.14 ? 50  ARG A CZ  1 
ATOM   228  N NH1 . ARG A 1 28  ? 9.747   -5.774  -4.810  1.00 21.49 ? 50  ARG A NH1 1 
ATOM   229  N NH2 . ARG A 1 28  ? 9.453   -5.486  -7.070  1.00 21.83 ? 50  ARG A NH2 1 
ATOM   230  N N   . THR A 1 29  ? 11.860  -5.244  -0.613  1.00 9.62  ? 51  THR A N   1 
ATOM   231  C CA  . THR A 1 29  ? 11.577  -6.665  -0.271  1.00 10.52 ? 51  THR A CA  1 
ATOM   232  C C   . THR A 1 29  ? 10.409  -6.799  0.681   1.00 9.63  ? 51  THR A C   1 
ATOM   233  O O   . THR A 1 29  ? 9.541   -7.646  0.487   1.00 10.61 ? 51  THR A O   1 
ATOM   234  C CB  . THR A 1 29  ? 12.806  -7.401  0.302   1.00 12.12 ? 51  THR A CB  1 
ATOM   235  O OG1 . THR A 1 29  ? 13.387  -6.638  1.358   1.00 14.81 ? 51  THR A OG1 1 
ATOM   236  C CG2 . THR A 1 29  ? 13.829  -7.601  -0.785  1.00 15.98 ? 51  THR A CG2 1 
ATOM   237  N N   . GLU A 1 30  ? 10.369  -5.957  1.697   1.00 8.80  ? 52  GLU A N   1 
ATOM   238  C CA  . GLU A 1 30  ? 9.284   -5.991  2.647   1.00 8.70  ? 52  GLU A CA  1 
ATOM   239  C C   . GLU A 1 30  ? 7.950   -5.636  1.961   1.00 8.39  ? 52  GLU A C   1 
ATOM   240  O O   . GLU A 1 30  ? 6.915   -6.185  2.342   1.00 8.28  ? 52  GLU A O   1 
ATOM   241  C CB  . GLU A 1 30  ? 9.543   -5.088  3.861   1.00 9.73  ? 52  GLU A CB  1 
ATOM   242  C CG  . GLU A 1 30  ? 8.435   -5.218  4.919   1.00 11.18 ? 52  GLU A CG  1 
ATOM   243  C CD  . GLU A 1 30  ? 8.786   -4.668  6.295   1.00 13.79 ? 52  GLU A CD  1 
ATOM   244  O OE1 . GLU A 1 30  ? 9.983   -4.439  6.596   1.00 17.48 ? 52  GLU A OE1 1 
ATOM   245  O OE2 . GLU A 1 30  ? 7.873   -4.499  7.113   1.00 14.46 ? 52  GLU A OE2 1 
ATOM   246  N N   . ALA A 1 31  ? 7.965   -4.703  1.002   1.00 7.07  ? 53  ALA A N   1 
ATOM   247  C CA  . ALA A 1 31  ? 6.753   -4.302  0.264   1.00 6.08  ? 53  ALA A CA  1 
ATOM   248  C C   . ALA A 1 31  ? 6.139   -5.497  -0.454  1.00 6.42  ? 53  ALA A C   1 
ATOM   249  O O   . ALA A 1 31  ? 4.922   -5.718  -0.363  1.00 5.91  ? 53  ALA A O   1 
ATOM   250  C CB  . ALA A 1 31  ? 7.081   -3.228  -0.733  1.00 5.83  ? 53  ALA A CB  1 
ATOM   251  N N   . ALA A 1 32  ? 6.968   -6.278  -1.161  1.00 6.49  ? 54  ALA A N   1 
ATOM   252  C CA  . ALA A 1 32  ? 6.451   -7.468  -1.838  1.00 7.45  ? 54  ALA A CA  1 
ATOM   253  C C   . ALA A 1 32  ? 5.840   -8.439  -0.835  1.00 7.79  ? 54  ALA A C   1 
ATOM   254  O O   . ALA A 1 32  ? 4.803   -9.026  -1.105  1.00 8.10  ? 54  ALA A O   1 
ATOM   255  C CB  . ALA A 1 32  ? 7.559   -8.143  -2.652  1.00 8.70  ? 54  ALA A CB  1 
ATOM   256  N N   . ASP A 1 33  ? 6.486   -8.639  0.313   1.00 7.80  ? 55  ASP A N   1 
ATOM   257  C CA  . ASP A 1 33  ? 5.979   -9.587  1.335   1.00 7.75  ? 55  ASP A CA  1 
ATOM   258  C C   . ASP A 1 33  ? 4.676   -9.076  1.959   1.00 7.33  ? 55  ASP A C   1 
ATOM   259  O O   . ASP A 1 33  ? 3.764   -9.849  2.250   1.00 7.25  ? 55  ASP A O   1 
ATOM   260  C CB  . ASP A 1 33  ? 7.036   -9.808  2.436   1.00 9.37  ? 55  ASP A CB  1 
ATOM   261  C CG  . ASP A 1 33  ? 8.196   -10.677 1.986   1.00 11.77 ? 55  ASP A CG  1 
ATOM   262  O OD1 . ASP A 1 33  ? 8.141   -11.278 0.902   1.00 16.06 ? 55  ASP A OD1 1 
ATOM   263  O OD2 . ASP A 1 33  ? 9.187   -10.710 2.744   1.00 14.44 ? 55  ASP A OD2 1 
ATOM   264  N N   . LEU A 1 34  ? 4.573   -7.768  2.153   1.00 6.73  ? 56  LEU A N   1 
ATOM   265  C CA  . LEU A 1 34  ? 3.388   -7.164  2.738   1.00 6.91  ? 56  LEU A CA  1 
ATOM   266  C C   . LEU A 1 34  ? 2.214   -7.322  1.791   1.00 6.47  ? 56  LEU A C   1 
ATOM   267  O O   . LEU A 1 34  ? 1.126   -7.778  2.184   1.00 7.29  ? 56  LEU A O   1 
ATOM   268  C CB  . LEU A 1 34  ? 3.673   -5.692  3.012   1.00 7.63  ? 56  LEU A CB  1 
ATOM   269  C CG  . LEU A 1 34  ? 2.649   -4.911  3.796   1.00 10.01 ? 56  LEU A CG  1 
ATOM   270  C CD1 . LEU A 1 34  ? 2.239   -5.699  5.047   1.00 13.59 ? 56  LEU A CD1 1 
ATOM   271  C CD2 . LEU A 1 34  ? 3.227   -3.567  4.187   1.00 11.80 ? 56  LEU A CD2 1 
ATOM   272  N N   . CYS A 1 35  ? 2.430   -7.012  0.517   1.00 6.29  ? 57  CYS A N   1 
ATOM   273  C CA  . CYS A 1 35  ? 1.319   -7.231  -0.409  1.00 6.35  ? 57  CYS A CA  1 
ATOM   274  C C   . CYS A 1 35  ? 0.912   -8.690  -0.459  1.00 7.36  ? 57  CYS A C   1 
ATOM   275  O O   . CYS A 1 35  ? -0.292  -8.963  -0.510  1.00 6.79  ? 57  CYS A O   1 
ATOM   276  C CB  . CYS A 1 35  ? 1.655   -6.714  -1.804  1.00 6.53  ? 57  CYS A CB  1 
ATOM   277  S SG  . CYS A 1 35  ? 1.939   -4.934  -1.965  1.00 8.57  ? 57  CYS A SG  1 
ATOM   278  N N   A GLN A 1 36  ? 1.883   -9.602  -0.456  0.50 7.57  ? 58  GLN A N   1 
ATOM   279  N N   B GLN A 1 36  ? 1.882   -9.602  -0.462  0.50 7.61  ? 58  GLN A N   1 
ATOM   280  C CA  A GLN A 1 36  ? 1.580   -11.037 -0.451  0.50 8.17  ? 58  GLN A CA  1 
ATOM   281  C CA  B GLN A 1 36  ? 1.584   -11.035 -0.441  0.50 8.22  ? 58  GLN A CA  1 
ATOM   282  C C   A GLN A 1 36  ? 0.679   -11.424 0.732   0.50 7.89  ? 58  GLN A C   1 
ATOM   283  C C   B GLN A 1 36  ? 0.670   -11.414 0.730   0.50 7.94  ? 58  GLN A C   1 
ATOM   284  O O   A GLN A 1 36  ? -0.216  -12.252 0.578   0.50 7.93  ? 58  GLN A O   1 
ATOM   285  O O   B GLN A 1 36  ? -0.233  -12.234 0.569   0.50 7.96  ? 58  GLN A O   1 
ATOM   286  C CB  A GLN A 1 36  ? 2.852   -11.903 -0.523  0.50 8.68  ? 58  GLN A CB  1 
ATOM   287  C CB  B GLN A 1 36  ? 2.865   -11.874 -0.428  0.50 8.90  ? 58  GLN A CB  1 
ATOM   288  C CG  A GLN A 1 36  ? 2.563   -13.407 -0.704  0.50 11.25 ? 58  GLN A CG  1 
ATOM   289  C CG  B GLN A 1 36  ? 2.629   -13.358 -0.117  0.50 11.13 ? 58  GLN A CG  1 
ATOM   290  C CD  A GLN A 1 36  ? 3.694   -14.155 -1.392  0.50 15.94 ? 58  GLN A CD  1 
ATOM   291  C CD  B GLN A 1 36  ? 1.994   -14.136 -1.264  0.50 14.81 ? 58  GLN A CD  1 
ATOM   292  O OE1 A GLN A 1 36  ? 3.987   -15.298 -1.055  0.50 19.00 ? 58  GLN A OE1 1 
ATOM   293  O OE1 B GLN A 1 36  ? 1.457   -15.226 -1.060  0.50 18.44 ? 58  GLN A OE1 1 
ATOM   294  N NE2 A GLN A 1 36  ? 4.330   -13.512 -2.363  0.50 18.04 ? 58  GLN A NE2 1 
ATOM   295  N NE2 B GLN A 1 36  ? 2.074   -13.600 -2.469  0.50 14.22 ? 58  GLN A NE2 1 
ATOM   296  N N   . ALA A 1 37  ? 0.874   -10.800 1.888   1.00 7.06  ? 59  ALA A N   1 
ATOM   297  C CA  . ALA A 1 37  ? 0.026   -11.047 3.060   1.00 7.44  ? 59  ALA A CA  1 
ATOM   298  C C   . ALA A 1 37  ? -1.419  -10.624 2.877   1.00 8.06  ? 59  ALA A C   1 
ATOM   299  O O   . ALA A 1 37  ? -2.314  -11.181 3.521   1.00 8.01  ? 59  ALA A O   1 
ATOM   300  C CB  . ALA A 1 37  ? 0.625   -10.391 4.326   1.00 8.93  ? 59  ALA A CB  1 
ATOM   301  N N   . PHE A 1 38  ? -1.643  -9.626  2.008   1.00 7.39  ? 60  PHE A N   1 
ATOM   302  C CA  . PHE A 1 38  ? -2.975  -9.186  1.594   1.00 7.90  ? 60  PHE A CA  1 
ATOM   303  C C   . PHE A 1 38  ? -3.468  -9.949  0.346   1.00 8.25  ? 60  PHE A C   1 
ATOM   304  O O   . PHE A 1 38  ? -4.410  -9.497  -0.320  1.00 8.64  ? 60  PHE A O   1 
ATOM   305  C CB  . PHE A 1 38  ? -2.999  -7.670  1.285   1.00 8.09  ? 60  PHE A CB  1 
ATOM   306  C CG  . PHE A 1 38  ? -2.917  -6.783  2.495   1.00 7.28  ? 60  PHE A CG  1 
ATOM   307  C CD1 . PHE A 1 38  ? -4.038  -6.590  3.309   1.00 9.59  ? 60  PHE A CD1 1 
ATOM   308  C CD2 . PHE A 1 38  ? -1.749  -6.083  2.791   1.00 8.69  ? 60  PHE A CD2 1 
ATOM   309  C CE1 . PHE A 1 38  ? -3.974  -5.730  4.419   1.00 10.08 ? 60  PHE A CE1 1 
ATOM   310  C CE2 . PHE A 1 38  ? -1.684  -5.236  3.877   1.00 7.79  ? 60  PHE A CE2 1 
ATOM   311  C CZ  . PHE A 1 38  ? -2.790  -5.062  4.701   1.00 9.01  ? 60  PHE A CZ  1 
ATOM   312  N N   . ASN A 1 39  ? -2.833  -11.076 -0.001  1.00 8.52  ? 61  ASN A N   1 
ATOM   313  C CA  . ASN A 1 39  ? -3.200  -11.776 -1.237  1.00 9.64  ? 61  ASN A CA  1 
ATOM   314  C C   . ASN A 1 39  ? -3.154  -10.858 -2.446  1.00 9.04  ? 61  ASN A C   1 
ATOM   315  O O   . ASN A 1 39  ? -4.006  -10.923 -3.338  1.00 10.12 ? 61  ASN A O   1 
ATOM   316  C CB  . ASN A 1 39  ? -4.575  -12.481 -1.126  1.00 10.92 ? 61  ASN A CB  1 
ATOM   317  C CG  . ASN A 1 39  ? -4.485  -13.829 -0.410  1.00 15.48 ? 61  ASN A CG  1 
ATOM   318  O OD1 . ASN A 1 39  ? -3.482  -14.542 -0.517  1.00 19.63 ? 61  ASN A OD1 1 
ATOM   319  N ND2 . ASN A 1 39  ? -5.538  -14.181 0.312   1.00 21.19 ? 61  ASN A ND2 1 
ATOM   320  N N   . SER A 1 40  ? -2.122  -10.029 -2.481  1.00 7.37  ? 62  SER A N   1 
ATOM   321  C CA  . SER A 1 40  ? -1.989  -8.961  -3.475  1.00 7.43  ? 62  SER A CA  1 
ATOM   322  C C   . SER A 1 40  ? -0.572  -8.962  -4.025  1.00 7.22  ? 62  SER A C   1 
ATOM   323  O O   . SER A 1 40  ? 0.306   -9.643  -3.500  1.00 8.62  ? 62  SER A O   1 
ATOM   324  C CB  . SER A 1 40  ? -2.312  -7.632  -2.801  1.00 6.79  ? 62  SER A CB  1 
ATOM   325  O OG  . SER A 1 40  ? -3.660  -7.561  -2.398  1.00 7.99  ? 62  SER A OG  1 
ATOM   326  N N   . THR A 1 41  ? -0.341  -8.155  -5.044  1.00 7.09  ? 63  THR A N   1 
ATOM   327  C CA  . THR A 1 41  ? 0.975   -7.991  -5.646  1.00 7.61  ? 63  THR A CA  1 
ATOM   328  C C   . THR A 1 41  ? 1.297   -6.506  -5.732  1.00 6.59  ? 63  THR A C   1 
ATOM   329  O O   . THR A 1 41  ? 0.422   -5.654  -5.613  1.00 6.96  ? 63  THR A O   1 
ATOM   330  C CB  . THR A 1 41  ? 1.015   -8.586  -7.081  1.00 7.63  ? 63  THR A CB  1 
ATOM   331  O OG1 . THR A 1 41  ? -0.071  -8.044  -7.856  1.00 9.63  ? 63  THR A OG1 1 
ATOM   332  C CG2 . THR A 1 41  ? 0.930   -10.126 -7.063  1.00 12.03 ? 63  THR A CG2 1 
ATOM   333  N N   A LEU A 1 42  ? 2.561   -6.167  -5.925  0.50 6.01  ? 64  LEU A N   1 
ATOM   334  N N   B LEU A 1 42  ? 2.555   -6.162  -5.945  0.50 5.91  ? 64  LEU A N   1 
ATOM   335  C CA  A LEU A 1 42  ? 2.877   -4.791  -6.292  0.50 6.22  ? 64  LEU A CA  1 
ATOM   336  C CA  B LEU A 1 42  ? 2.865   -4.771  -6.266  0.50 5.97  ? 64  LEU A CA  1 
ATOM   337  C C   A LEU A 1 42  ? 2.172   -4.486  -7.615  0.50 5.81  ? 64  LEU A C   1 
ATOM   338  C C   B LEU A 1 42  ? 2.275   -4.420  -7.633  0.50 5.72  ? 64  LEU A C   1 
ATOM   339  O O   A LEU A 1 42  ? 2.227   -5.299  -8.525  0.50 5.82  ? 64  LEU A O   1 
ATOM   340  O O   B LEU A 1 42  ? 2.546   -5.115  -8.601  0.50 5.41  ? 64  LEU A O   1 
ATOM   341  C CB  A LEU A 1 42  ? 4.379   -4.603  -6.458  0.50 6.40  ? 64  LEU A CB  1 
ATOM   342  C CB  B LEU A 1 42  ? 4.364   -4.560  -6.319  0.50 6.05  ? 64  LEU A CB  1 
ATOM   343  C CG  A LEU A 1 42  ? 5.151   -4.505  -5.150  0.50 7.26  ? 64  LEU A CG  1 
ATOM   344  C CG  B LEU A 1 42  ? 5.109   -4.829  -5.027  0.50 6.35  ? 64  LEU A CG  1 
ATOM   345  C CD1 A LEU A 1 42  ? 4.789   -3.240  -4.430  0.50 7.34  ? 64  LEU A CD1 1 
ATOM   346  C CD1 B LEU A 1 42  ? 6.567   -4.800  -5.368  0.50 7.34  ? 64  LEU A CD1 1 
ATOM   347  C CD2 A LEU A 1 42  ? 4.861   -5.704  -4.305  0.50 10.38 ? 64  LEU A CD2 1 
ATOM   348  C CD2 B LEU A 1 42  ? 4.779   -3.786  -3.992  0.50 7.16  ? 64  LEU A CD2 1 
ATOM   349  N N   . PRO A 1 43  ? 1.509   -3.317  -7.733  1.00 5.64  ? 65  PRO A N   1 
ATOM   350  C CA  . PRO A 1 43  ? 0.835   -2.992  -8.995  1.00 5.49  ? 65  PRO A CA  1 
ATOM   351  C C   . PRO A 1 43  ? 1.826   -2.740  -10.137 1.00 5.59  ? 65  PRO A C   1 
ATOM   352  O O   . PRO A 1 43  ? 2.944   -2.216  -9.906  1.00 6.58  ? 65  PRO A O   1 
ATOM   353  C CB  . PRO A 1 43  ? 0.077   -1.691  -8.672  1.00 5.67  ? 65  PRO A CB  1 
ATOM   354  C CG  . PRO A 1 43  ? 0.060   -1.566  -7.165  1.00 6.34  ? 65  PRO A CG  1 
ATOM   355  C CD  . PRO A 1 43  ? 1.264   -2.301  -6.687  1.00 5.62  ? 65  PRO A CD  1 
ATOM   356  N N   . THR A 1 44  ? 1.429   -3.061  -11.366 1.00 6.36  ? 66  THR A N   1 
ATOM   357  C CA  . THR A 1 44  ? 2.146   -2.532  -12.518 1.00 6.26  ? 66  THR A CA  1 
ATOM   358  C C   . THR A 1 44  ? 1.763   -1.073  -12.722 1.00 5.47  ? 66  THR A C   1 
ATOM   359  O O   . THR A 1 44  ? 0.788   -0.560  -12.141 1.00 5.68  ? 66  THR A O   1 
ATOM   360  C CB  . THR A 1 44  ? 1.799   -3.255  -13.804 1.00 6.36  ? 66  THR A CB  1 
ATOM   361  O OG1 . THR A 1 44  ? 0.404   -3.070  -14.068 1.00 7.24  ? 66  THR A OG1 1 
ATOM   362  C CG2 . THR A 1 44  ? 2.158   -4.735  -13.707 1.00 8.29  ? 66  THR A CG2 1 
ATOM   363  N N   . MET A 1 45  ? 2.562   -0.369  -13.514 1.00 5.77  ? 67  MET A N   1 
ATOM   364  C CA  . MET A 1 45  ? 2.234   0.985   -13.879 1.00 5.97  ? 67  MET A CA  1 
ATOM   365  C C   . MET A 1 45  ? 0.848   1.095   -14.520 1.00 5.83  ? 67  MET A C   1 
ATOM   366  O O   . MET A 1 45  ? 0.094   2.022   -14.185 1.00 6.06  ? 67  MET A O   1 
ATOM   367  C CB  . MET A 1 45  ? 3.312   1.616   -14.779 1.00 6.55  ? 67  MET A CB  1 
ATOM   368  C CG  . MET A 1 45  ? 2.992   3.034   -15.252 1.00 9.05  ? 67  MET A CG  1 
ATOM   369  S SD  . MET A 1 45  ? 2.861   4.217   -13.910 1.00 13.24 ? 67  MET A SD  1 
ATOM   370  C CE  . MET A 1 45  ? 4.555   4.447   -13.546 1.00 14.80 ? 67  MET A CE  1 
ATOM   371  N N   A ASP A 1 46  ? 0.499   0.151   -15.400 0.50 6.22  ? 68  ASP A N   1 
ATOM   372  N N   B ASP A 1 46  ? 0.501   0.163   -15.402 0.50 6.14  ? 68  ASP A N   1 
ATOM   373  C CA  A ASP A 1 46  ? -0.830  0.133   -16.042 0.50 6.96  ? 68  ASP A CA  1 
ATOM   374  C CA  B ASP A 1 46  ? -0.814  0.197   -16.036 0.50 6.82  ? 68  ASP A CA  1 
ATOM   375  C C   A ASP A 1 46  ? -1.954  -0.011  -15.016 0.50 5.72  ? 68  ASP A C   1 
ATOM   376  C C   B ASP A 1 46  ? -1.960  -0.016  -15.028 0.50 5.66  ? 68  ASP A C   1 
ATOM   377  O O   A ASP A 1 46  ? -2.971  0.672   -15.101 0.50 5.83  ? 68  ASP A O   1 
ATOM   378  O O   B ASP A 1 46  ? -3.000  0.623   -15.135 0.50 5.84  ? 68  ASP A O   1 
ATOM   379  C CB  A ASP A 1 46  ? -0.946  -1.007  -17.082 0.50 7.85  ? 68  ASP A CB  1 
ATOM   380  C CB  B ASP A 1 46  ? -0.900  -0.822  -17.188 0.50 7.60  ? 68  ASP A CB  1 
ATOM   381  C CG  A ASP A 1 46  ? -2.153  -0.839  -18.018 0.50 10.43 ? 68  ASP A CG  1 
ATOM   382  C CG  B ASP A 1 46  ? -0.179  -0.361  -18.443 0.50 10.56 ? 68  ASP A CG  1 
ATOM   383  O OD1 A ASP A 1 46  ? -2.156  0.141   -18.794 0.50 16.26 ? 68  ASP A OD1 1 
ATOM   384  O OD1 B ASP A 1 46  ? 0.153   0.837   -18.549 0.50 14.19 ? 68  ASP A OD1 1 
ATOM   385  O OD2 A ASP A 1 46  ? -3.089  -1.670  -17.988 0.50 13.86 ? 68  ASP A OD2 1 
ATOM   386  O OD2 B ASP A 1 46  ? 0.031   -1.213  -19.340 0.50 13.93 ? 68  ASP A OD2 1 
ATOM   387  N N   . GLN A 1 47  ? -1.759  -0.885  -14.041 1.00 5.23  ? 69  GLN A N   1 
ATOM   388  C CA  . GLN A 1 47  ? -2.762  -1.081  -12.981 1.00 4.11  ? 69  GLN A CA  1 
ATOM   389  C C   . GLN A 1 47  ? -2.907  0.194   -12.180 1.00 4.28  ? 69  GLN A C   1 
ATOM   390  O O   . GLN A 1 47  ? -4.016  0.619   -11.867 1.00 3.70  ? 69  GLN A O   1 
ATOM   391  C CB  . GLN A 1 47  ? -2.393  -2.260  -12.089 1.00 4.46  ? 69  GLN A CB  1 
ATOM   392  C CG  . GLN A 1 47  ? -2.602  -3.600  -12.799 1.00 5.85  ? 69  GLN A CG  1 
ATOM   393  C CD  . GLN A 1 47  ? -1.936  -4.766  -12.103 1.00 7.01  ? 69  GLN A CD  1 
ATOM   394  O OE1 . GLN A 1 47  ? -1.029  -4.610  -11.290 1.00 6.77  ? 69  GLN A OE1 1 
ATOM   395  N NE2 . GLN A 1 47  ? -2.434  -5.963  -12.380 1.00 7.02  ? 69  GLN A NE2 1 
ATOM   396  N N   . MET A 1 48  ? -1.800  0.873   -11.880 1.00 3.58  ? 70  MET A N   1 
ATOM   397  C CA  . MET A 1 48  ? -1.862  2.119   -11.161 1.00 4.85  ? 70  MET A CA  1 
ATOM   398  C C   . MET A 1 48  ? -2.542  3.228   -11.960 1.00 4.46  ? 70  MET A C   1 
ATOM   399  O O   . MET A 1 48  ? -3.312  4.012   -11.421 1.00 4.55  ? 70  MET A O   1 
ATOM   400  C CB  . MET A 1 48  ? -0.432  2.557   -10.777 1.00 5.50  ? 70  MET A CB  1 
ATOM   401  C CG  . MET A 1 48  ? -0.367  3.862   -9.947  1.00 5.71  ? 70  MET A CG  1 
ATOM   402  S SD  . MET A 1 48  ? -1.344  3.921   -8.445  1.00 6.01  ? 70  MET A SD  1 
ATOM   403  C CE  . MET A 1 48  ? -0.218  3.055   -7.411  1.00 9.33  ? 70  MET A CE  1 
ATOM   404  N N   . LYS A 1 49  ? -2.260  3.311   -13.259 1.00 4.87  ? 71  LYS A N   1 
ATOM   405  C CA  . LYS A 1 49  ? -2.933  4.320   -14.084 1.00 4.88  ? 71  LYS A CA  1 
ATOM   406  C C   . LYS A 1 49  ? -4.438  4.106   -14.109 1.00 4.55  ? 71  LYS A C   1 
ATOM   407  O O   . LYS A 1 49  ? -5.202  5.063   -14.056 1.00 5.45  ? 71  LYS A O   1 
ATOM   408  C CB  . LYS A 1 49  ? -2.357  4.300   -15.506 1.00 6.36  ? 71  LYS A CB  1 
ATOM   409  C CG  . LYS A 1 49  ? -0.969  4.970   -15.581 1.00 8.66  ? 71  LYS A CG  1 
ATOM   410  C CD  . LYS A 1 49  ? -0.373  4.886   -16.978 1.00 11.99 ? 71  LYS A CD  1 
ATOM   411  C CE  . LYS A 1 49  ? 0.915   5.702   -17.055 1.00 15.57 ? 71  LYS A CE  1 
ATOM   412  N NZ  . LYS A 1 49  ? 1.586   5.548   -18.381 1.00 19.46 ? 71  LYS A NZ  1 
ATOM   413  N N   . LEU A 1 50  ? -4.886  2.854   -14.185 1.00 4.96  ? 72  LEU A N   1 
ATOM   414  C CA  . LEU A 1 50  ? -6.326  2.624   -14.155 1.00 5.70  ? 72  LEU A CA  1 
ATOM   415  C C   . LEU A 1 50  ? -6.922  3.005   -12.799 1.00 4.84  ? 72  LEU A C   1 
ATOM   416  O O   . LEU A 1 50  ? -7.971  3.636   -12.736 1.00 4.79  ? 72  LEU A O   1 
ATOM   417  C CB  . LEU A 1 50  ? -6.652  1.179   -14.498 1.00 6.17  ? 72  LEU A CB  1 
ATOM   418  C CG  . LEU A 1 50  ? -8.153  0.966   -14.788 1.00 9.20  ? 72  LEU A CG  1 
ATOM   419  C CD1 . LEU A 1 50  ? -8.613  1.686   -16.058 1.00 12.85 ? 72  LEU A CD1 1 
ATOM   420  C CD2 . LEU A 1 50  ? -8.495  -0.524  -14.838 1.00 12.61 ? 72  LEU A CD2 1 
ATOM   421  N N   . ALA A 1 51  ? -6.221  2.669   -11.710 1.00 3.94  ? 73  ALA A N   1 
ATOM   422  C CA  . ALA A 1 51  ? -6.673  3.083   -10.378 1.00 4.55  ? 73  ALA A CA  1 
ATOM   423  C C   . ALA A 1 51  ? -6.823  4.607   -10.279 1.00 5.24  ? 73  ALA A C   1 
ATOM   424  O O   . ALA A 1 51  ? -7.813  5.130   -9.744  1.00 4.86  ? 73  ALA A O   1 
ATOM   425  C CB  . ALA A 1 51  ? -5.723  2.580   -9.319  1.00 4.44  ? 73  ALA A CB  1 
ATOM   426  N N   . LEU A 1 52  ? -5.817  5.330   -10.765 1.00 4.68  ? 74  LEU A N   1 
ATOM   427  C CA  . LEU A 1 52  ? -5.883  6.783   -10.817 1.00 6.42  ? 74  LEU A CA  1 
ATOM   428  C C   . LEU A 1 52  ? -7.129  7.255   -11.543 1.00 7.02  ? 74  LEU A C   1 
ATOM   429  O O   . LEU A 1 52  ? -7.857  8.147   -11.063 1.00 6.91  ? 74  LEU A O   1 
ATOM   430  C CB  . LEU A 1 52  ? -4.576  7.307   -11.410 1.00 7.14  ? 74  LEU A CB  1 
ATOM   431  C CG  . LEU A 1 52  ? -4.364  8.818   -11.252 1.00 10.36 ? 74  LEU A CG  1 
ATOM   432  C CD1 . LEU A 1 52  ? -2.879  9.110   -11.277 1.00 14.46 ? 74  LEU A CD1 1 
ATOM   433  C CD2 . LEU A 1 52  ? -5.076  9.611   -12.257 1.00 14.48 ? 74  LEU A CD2 1 
ATOM   434  N N   . SER A 1 53  ? -7.419  6.613   -12.667 1.00 6.51  ? 75  SER A N   1 
ATOM   435  C CA  . SER A 1 53  ? -8.570  7.042   -13.496 1.00 8.48  ? 75  SER A CA  1 
ATOM   436  C C   . SER A 1 53  ? -9.894  6.835   -12.774 1.00 9.10  ? 75  SER A C   1 
ATOM   437  O O   . SER A 1 53  ? -10.875 7.494   -13.124 1.00 10.90 ? 75  SER A O   1 
ATOM   438  C CB  . SER A 1 53  ? -8.552  6.321   -14.853 1.00 9.79  ? 75  SER A CB  1 
ATOM   439  O OG  . SER A 1 53  ? -9.072  5.012   -14.733 1.00 10.10 ? 75  SER A OG  1 
ATOM   440  N N   . LYS A 1 54  ? -9.936  5.939   -11.791 1.00 7.56  ? 76  LYS A N   1 
ATOM   441  C CA  . LYS A 1 54  ? -11.113 5.698   -10.952 1.00 7.82  ? 76  LYS A CA  1 
ATOM   442  C C   . LYS A 1 54  ? -11.194 6.554   -9.686  1.00 7.79  ? 76  LYS A C   1 
ATOM   443  O O   . LYS A 1 54  ? -12.169 6.478   -8.951  1.00 9.38  ? 76  LYS A O   1 
ATOM   444  C CB  . LYS A 1 54  ? -11.163 4.223   -10.524 1.00 8.54  ? 76  LYS A CB  1 
ATOM   445  C CG  . LYS A 1 54  ? -11.122 3.199   -11.653 1.00 10.87 ? 76  LYS A CG  1 
ATOM   446  C CD  . LYS A 1 54  ? -12.230 3.376   -12.650 1.00 14.84 ? 76  LYS A CD  1 
ATOM   447  C CE  . LYS A 1 54  ? -12.172 2.242   -13.680 1.00 17.44 ? 76  LYS A CE  1 
ATOM   448  N NZ  . LYS A 1 54  ? -13.256 2.398   -14.658 1.00 19.52 ? 76  LYS A NZ  1 
ATOM   449  N N   . GLY A 1 55  ? -10.192 7.390   -9.447  1.00 7.63  ? 77  GLY A N   1 
ATOM   450  C CA  . GLY A 1 55  ? -10.252 8.310   -8.321  1.00 7.85  ? 77  GLY A CA  1 
ATOM   451  C C   . GLY A 1 55  ? -9.154  8.179   -7.273  1.00 7.19  ? 77  GLY A C   1 
ATOM   452  O O   . GLY A 1 55  ? -9.187  8.878   -6.252  1.00 8.00  ? 77  GLY A O   1 
ATOM   453  N N   . PHE A 1 56  ? -8.157  7.335   -7.524  1.00 5.74  ? 78  PHE A N   1 
ATOM   454  C CA  . PHE A 1 56  ? -7.105  7.114   -6.530  1.00 5.45  ? 78  PHE A CA  1 
ATOM   455  C C   . PHE A 1 56  ? -6.084  8.238   -6.530  1.00 5.01  ? 78  PHE A C   1 
ATOM   456  O O   . PHE A 1 56  ? -5.439  8.476   -7.571  1.00 6.37  ? 78  PHE A O   1 
ATOM   457  C CB  . PHE A 1 56  ? -6.383  5.810   -6.825  1.00 5.49  ? 78  PHE A CB  1 
ATOM   458  C CG  . PHE A 1 56  ? -5.455  5.316   -5.734  1.00 5.30  ? 78  PHE A CG  1 
ATOM   459  C CD1 . PHE A 1 56  ? -5.773  5.428   -4.382  1.00 8.45  ? 78  PHE A CD1 1 
ATOM   460  C CD2 . PHE A 1 56  ? -4.288  4.665   -6.094  1.00 6.60  ? 78  PHE A CD2 1 
ATOM   461  C CE1 . PHE A 1 56  ? -4.918  4.890   -3.405  1.00 7.50  ? 78  PHE A CE1 1 
ATOM   462  C CE2 . PHE A 1 56  ? -3.438  4.146   -5.134  1.00 7.01  ? 78  PHE A CE2 1 
ATOM   463  C CZ  . PHE A 1 56  ? -3.774  4.223   -3.782  1.00 6.31  ? 78  PHE A CZ  1 
ATOM   464  N N   . GLU A 1 57  ? -5.865  8.865   -5.375  1.00 5.27  ? 79  GLU A N   1 
ATOM   465  C CA  . GLU A 1 57  ? -4.698  9.713   -5.206  1.00 6.10  ? 79  GLU A CA  1 
ATOM   466  C C   . GLU A 1 57  ? -4.228  9.658   -3.766  1.00 5.38  ? 79  GLU A C   1 
ATOM   467  O O   . GLU A 1 57  ? -5.005  9.396   -2.856  1.00 6.08  ? 79  GLU A O   1 
ATOM   468  C CB  . GLU A 1 57  ? -4.946  11.148  -5.686  1.00 7.21  ? 79  GLU A CB  1 
ATOM   469  C CG  . GLU A 1 57  ? -5.995  11.895  -4.919  1.00 9.11  ? 79  GLU A CG  1 
ATOM   470  C CD  . GLU A 1 57  ? -6.075  13.384  -5.295  1.00 11.58 ? 79  GLU A CD  1 
ATOM   471  O OE1 . GLU A 1 57  ? -5.204  13.932  -6.019  1.00 10.54 ? 79  GLU A OE1 1 
ATOM   472  O OE2 . GLU A 1 57  ? -7.054  14.016  -4.848  1.00 10.32 ? 79  GLU A OE2 1 
ATOM   473  N N   . THR A 1 58  ? -2.929  9.866   -3.581  1.00 5.52  ? 80  THR A N   1 
ATOM   474  C CA  . THR A 1 58  ? -2.364  9.945   -2.222  1.00 6.00  ? 80  THR A CA  1 
ATOM   475  C C   . THR A 1 58  ? -1.372  11.104  -2.206  1.00 5.94  ? 80  THR A C   1 
ATOM   476  O O   . THR A 1 58  ? -1.069  11.715  -3.223  1.00 6.18  ? 80  THR A O   1 
ATOM   477  C CB  . THR A 1 58  ? -1.592  8.677   -1.799  1.00 6.02  ? 80  THR A CB  1 
ATOM   478  O OG1 . THR A 1 58  ? -0.327  8.686   -2.455  1.00 6.74  ? 80  THR A OG1 1 
ATOM   479  C CG2 . THR A 1 58  ? -2.362  7.394   -2.138  1.00 6.72  ? 80  THR A CG2 1 
ATOM   480  N N   . CYS A 1 59  ? -0.789  11.350  -1.051  1.00 6.32  ? 81  CYS A N   1 
ATOM   481  C CA  . CYS A 1 59  ? 0.301   12.293  -0.980  1.00 8.17  ? 81  CYS A CA  1 
ATOM   482  C C   . CYS A 1 59  ? 1.531   11.624  -0.409  1.00 7.64  ? 81  CYS A C   1 
ATOM   483  O O   . CYS A 1 59  ? 2.281   12.239  0.348   1.00 9.05  ? 81  CYS A O   1 
ATOM   484  C CB  . CYS A 1 59  ? -0.099  13.509  -0.141  1.00 9.43  ? 81  CYS A CB  1 
ATOM   485  S SG  . CYS A 1 59  ? 1.031   14.939  -0.206  1.00 14.46 ? 81  CYS A SG  1 
ATOM   486  N N   . ARG A 1 60  ? 1.761   10.360  -0.775  1.00 6.70  ? 82  ARG A N   1 
ATOM   487  C CA  . ARG A 1 60  ? 2.882   9.586   -0.213  1.00 6.80  ? 82  ARG A CA  1 
ATOM   488  C C   . ARG A 1 60  ? 3.555   8.755   -1.258  1.00 5.67  ? 82  ARG A C   1 
ATOM   489  O O   . ARG A 1 60  ? 2.892   8.113   -2.080  1.00 6.49  ? 82  ARG A O   1 
ATOM   490  C CB  . ARG A 1 60  ? 2.358   8.598   0.841   1.00 8.38  ? 82  ARG A CB  1 
ATOM   491  C CG  . ARG A 1 60  ? 1.580   9.193   1.980   1.00 11.42 ? 82  ARG A CG  1 
ATOM   492  C CD  . ARG A 1 60  ? 2.514   9.726   3.070   1.00 12.63 ? 82  ARG A CD  1 
ATOM   493  N NE  . ARG A 1 60  ? 3.266   8.615   3.706   1.00 14.30 ? 82  ARG A NE  1 
ATOM   494  C CZ  . ARG A 1 60  ? 4.189   8.755   4.660   1.00 13.44 ? 82  ARG A CZ  1 
ATOM   495  N NH1 . ARG A 1 60  ? 4.487   9.964   5.117   1.00 14.99 ? 82  ARG A NH1 1 
ATOM   496  N NH2 . ARG A 1 60  ? 4.813   7.687   5.168   1.00 11.77 ? 82  ARG A NH2 1 
ATOM   497  N N   . TYR A 1 61  ? 4.885   8.737   -1.243  1.00 4.39  ? 83  TYR A N   1 
ATOM   498  C CA  . TYR A 1 61  ? 5.653   7.841   -2.102  1.00 4.95  ? 83  TYR A CA  1 
ATOM   499  C C   . TYR A 1 61  ? 5.416   6.388   -1.710  1.00 3.81  ? 83  TYR A C   1 
ATOM   500  O O   . TYR A 1 61  ? 5.478   6.030   -0.518  1.00 5.90  ? 83  TYR A O   1 
ATOM   501  C CB  . TYR A 1 61  ? 7.142   8.097   -1.912  1.00 6.48  ? 83  TYR A CB  1 
ATOM   502  C CG  . TYR A 1 61  ? 7.593   9.399   -2.457  1.00 8.37  ? 83  TYR A CG  1 
ATOM   503  C CD1 . TYR A 1 61  ? 7.531   9.672   -3.832  1.00 9.70  ? 83  TYR A CD1 1 
ATOM   504  C CD2 . TYR A 1 61  ? 8.110   10.360  -1.597  1.00 11.94 ? 83  TYR A CD2 1 
ATOM   505  C CE1 . TYR A 1 61  ? 7.983   10.912  -4.345  1.00 14.57 ? 83  TYR A CE1 1 
ATOM   506  C CE2 . TYR A 1 61  ? 8.557   11.589  -2.084  1.00 17.39 ? 83  TYR A CE2 1 
ATOM   507  C CZ  . TYR A 1 61  ? 8.485   11.840  -3.452  1.00 14.86 ? 83  TYR A CZ  1 
ATOM   508  O OH  . TYR A 1 61  ? 8.934   13.065  -3.912  1.00 22.07 ? 83  TYR A OH  1 
ATOM   509  N N   . GLY A 1 62  ? 5.228   5.540   -2.714  1.00 4.05  ? 84  GLY A N   1 
ATOM   510  C CA  . GLY A 1 62  ? 5.178   4.110   -2.432  1.00 3.46  ? 84  GLY A CA  1 
ATOM   511  C C   . GLY A 1 62  ? 5.607   3.282   -3.616  1.00 3.33  ? 84  GLY A C   1 
ATOM   512  O O   . GLY A 1 62  ? 5.552   3.720   -4.758  1.00 3.70  ? 84  GLY A O   1 
ATOM   513  N N   . PHE A 1 63  ? 6.051   2.070   -3.309  1.00 3.32  ? 85  PHE A N   1 
ATOM   514  C CA  . PHE A 1 63  ? 6.500   1.131   -4.345  1.00 4.40  ? 85  PHE A CA  1 
ATOM   515  C C   . PHE A 1 63  ? 5.343   0.657   -5.204  1.00 4.59  ? 85  PHE A C   1 
ATOM   516  O O   . PHE A 1 63  ? 4.263   0.349   -4.698  1.00 4.21  ? 85  PHE A O   1 
ATOM   517  C CB  . PHE A 1 63  ? 7.132   -0.117  -3.723  1.00 5.08  ? 85  PHE A CB  1 
ATOM   518  C CG  . PHE A 1 63  ? 8.363   0.156   -2.955  1.00 6.23  ? 85  PHE A CG  1 
ATOM   519  C CD1 . PHE A 1 63  ? 9.537   0.401   -3.596  1.00 7.36  ? 85  PHE A CD1 1 
ATOM   520  C CD2 . PHE A 1 63  ? 8.341   0.095   -1.572  1.00 9.02  ? 85  PHE A CD2 1 
ATOM   521  C CE1 . PHE A 1 63  ? 10.709  0.632   -2.827  1.00 10.07 ? 85  PHE A CE1 1 
ATOM   522  C CE2 . PHE A 1 63  ? 9.468   0.328   -0.832  1.00 11.46 ? 85  PHE A CE2 1 
ATOM   523  C CZ  . PHE A 1 63  ? 10.610  0.599   -1.454  1.00 7.66  ? 85  PHE A CZ  1 
ATOM   524  N N   . ILE A 1 64  ? 5.596   0.600   -6.497  1.00 4.31  ? 86  ILE A N   1 
ATOM   525  C CA  . ILE A 1 64  ? 4.896   -0.285  -7.433  1.00 4.63  ? 86  ILE A CA  1 
ATOM   526  C C   . ILE A 1 64  ? 5.956   -1.231  -8.002  1.00 5.29  ? 86  ILE A C   1 
ATOM   527  O O   . ILE A 1 64  ? 7.083   -1.214  -7.537  1.00 6.90  ? 86  ILE A O   1 
ATOM   528  C CB  . ILE A 1 64  ? 4.153   0.504   -8.530  1.00 4.44  ? 86  ILE A CB  1 
ATOM   529  C CG1 . ILE A 1 64  ? 5.106   1.284   -9.473  1.00 6.57  ? 86  ILE A CG1 1 
ATOM   530  C CG2 . ILE A 1 64  ? 3.027   1.353   -7.897  1.00 5.17  ? 86  ILE A CG2 1 
ATOM   531  C CD1 . ILE A 1 64  ? 4.382   1.889   -10.719 1.00 8.12  ? 86  ILE A CD1 1 
ATOM   532  N N   A GLU A 1 65  ? 5.652   -2.096  -8.959  0.50 5.76  ? 87  GLU A N   1 
ATOM   533  N N   B GLU A 1 65  ? 5.547   -2.048  -8.977  0.50 5.47  ? 87  GLU A N   1 
ATOM   534  C CA  A GLU A 1 65  ? 6.626   -3.168  -9.319  0.50 7.39  ? 87  GLU A CA  1 
ATOM   535  C CA  B GLU A 1 65  ? 6.464   -2.869  -9.763  0.50 7.05  ? 87  GLU A CA  1 
ATOM   536  C C   A GLU A 1 65  ? 8.148   -2.806  -9.483  0.50 8.00  ? 87  GLU A C   1 
ATOM   537  C C   B GLU A 1 65  ? 7.296   -1.943  -10.615 0.50 7.46  ? 87  GLU A C   1 
ATOM   538  O O   A GLU A 1 65  ? 8.994   -3.504  -8.983  0.50 8.95  ? 87  GLU A O   1 
ATOM   539  O O   B GLU A 1 65  ? 6.868   -1.370  -11.590 0.50 8.02  ? 87  GLU A O   1 
ATOM   540  C CB  A GLU A 1 65  ? 6.116   -3.976  -10.520 0.50 8.48  ? 87  GLU A CB  1 
ATOM   541  C CB  B GLU A 1 65  ? 5.707   -3.878  -10.625 0.50 7.43  ? 87  GLU A CB  1 
ATOM   542  C CG  A GLU A 1 65  ? 7.055   -5.114  -10.917 0.50 11.97 ? 87  GLU A CG  1 
ATOM   543  C CG  B GLU A 1 65  ? 6.601   -4.949  -11.229 0.50 12.20 ? 87  GLU A CG  1 
ATOM   544  C CD  A GLU A 1 65  ? 7.415   -6.050  -9.762  0.50 17.01 ? 87  GLU A CD  1 
ATOM   545  C CD  B GLU A 1 65  ? 7.513   -5.609  -10.207 0.50 16.31 ? 87  GLU A CD  1 
ATOM   546  O OE1 A GLU A 1 65  ? 8.598   -6.452  -9.665  0.50 20.05 ? 87  GLU A OE1 1 
ATOM   547  O OE1 B GLU A 1 65  ? 8.741   -5.404  -10.307 0.50 20.77 ? 87  GLU A OE1 1 
ATOM   548  O OE2 A GLU A 1 65  ? 6.524   -6.395  -8.954  0.50 19.88 ? 87  GLU A OE2 1 
ATOM   549  O OE2 B GLU A 1 65  ? 7.015   -6.314  -9.297  0.50 19.47 ? 87  GLU A OE2 1 
ATOM   550  N N   . GLY A 1 66  ? 8.431   -1.650  -10.072 1.00 8.18  ? 88  GLY A N   1 
ATOM   551  C CA  . GLY A 1 66  ? 9.622   -1.221  -10.786 1.00 8.83  ? 88  GLY A CA  1 
ATOM   552  C C   . GLY A 1 66  ? 9.935   0.238   -10.521 1.00 7.27  ? 88  GLY A C   1 
ATOM   553  O O   . GLY A 1 66  ? 10.974  0.716   -10.913 1.00 8.38  ? 88  GLY A O   1 
ATOM   554  N N   . ASN A 1 67  ? 9.051   0.964   -9.841  1.00 5.96  ? 89  ASN A N   1 
ATOM   555  C CA  . ASN A 1 67  ? 9.243   2.373   -9.527  1.00 5.42  ? 89  ASN A CA  1 
ATOM   556  C C   . ASN A 1 67  ? 8.643   2.723   -8.193  1.00 4.47  ? 89  ASN A C   1 
ATOM   557  O O   . ASN A 1 67  ? 7.975   1.901   -7.561  1.00 5.78  ? 89  ASN A O   1 
ATOM   558  C CB  . ASN A 1 67  ? 8.630   3.281   -10.603 1.00 6.15  ? 89  ASN A CB  1 
ATOM   559  C CG  . ASN A 1 67  ? 9.450   3.315   -11.896 1.00 7.60  ? 89  ASN A CG  1 
ATOM   560  O OD1 . ASN A 1 67  ? 10.461  4.019   -11.978 1.00 9.75  ? 89  ASN A OD1 1 
ATOM   561  N ND2 . ASN A 1 67  ? 9.034   2.566   -12.886 1.00 7.68  ? 89  ASN A ND2 1 
ATOM   562  N N   . VAL A 1 68  ? 8.935   3.931   -7.743  1.00 4.83  ? 90  VAL A N   1 
ATOM   563  C CA  . VAL A 1 68  ? 8.310   4.544   -6.557  1.00 4.27  ? 90  VAL A CA  1 
ATOM   564  C C   . VAL A 1 68  ? 7.514   5.744   -7.058  1.00 4.43  ? 90  VAL A C   1 
ATOM   565  O O   . VAL A 1 68  ? 8.042   6.569   -7.836  1.00 5.13  ? 90  VAL A O   1 
ATOM   566  C CB  . VAL A 1 68  ? 9.385   5.000   -5.562  1.00 4.09  ? 90  VAL A CB  1 
ATOM   567  C CG1 . VAL A 1 68  ? 8.797   5.748   -4.383  1.00 6.65  ? 90  VAL A CG1 1 
ATOM   568  C CG2 . VAL A 1 68  ? 10.183  3.819   -5.092  1.00 7.26  ? 90  VAL A CG2 1 
ATOM   569  N N   . VAL A 1 69  ? 6.227   5.803   -6.684  1.00 4.12  ? 91  VAL A N   1 
ATOM   570  C CA  . VAL A 1 69  ? 5.315   6.770   -7.292  1.00 4.09  ? 91  VAL A CA  1 
ATOM   571  C C   . VAL A 1 69  ? 4.384   7.429   -6.295  1.00 4.47  ? 91  VAL A C   1 
ATOM   572  O O   . VAL A 1 69  ? 4.224   6.955   -5.155  1.00 5.22  ? 91  VAL A O   1 
ATOM   573  C CB  . VAL A 1 69  ? 4.440   6.086   -8.420  1.00 4.31  ? 91  VAL A CB  1 
ATOM   574  C CG1 . VAL A 1 69  ? 5.317   5.377   -9.447  1.00 5.99  ? 91  VAL A CG1 1 
ATOM   575  C CG2 . VAL A 1 69  ? 3.426   5.079   -7.812  1.00 4.97  ? 91  VAL A CG2 1 
ATOM   576  N N   . ILE A 1 70  ? 3.709   8.476   -6.764  1.00 4.52  ? 92  ILE A N   1 
ATOM   577  C CA  . ILE A 1 70  ? 2.578   9.062   -6.069  1.00 5.61  ? 92  ILE A CA  1 
ATOM   578  C C   . ILE A 1 70  ? 1.498   9.316   -7.128  1.00 5.85  ? 92  ILE A C   1 
ATOM   579  O O   . ILE A 1 70  ? 1.716   10.088  -8.075  1.00 5.82  ? 92  ILE A O   1 
ATOM   580  C CB  . ILE A 1 70  ? 2.894   10.425  -5.439  1.00 5.76  ? 92  ILE A CB  1 
ATOM   581  C CG1 . ILE A 1 70  ? 4.155   10.359  -4.565  1.00 7.32  ? 92  ILE A CG1 1 
ATOM   582  C CG2 . ILE A 1 70  ? 1.674   10.933  -4.654  1.00 7.62  ? 92  ILE A CG2 1 
ATOM   583  C CD1 . ILE A 1 70  ? 4.496   11.674  -3.813  1.00 10.56 ? 92  ILE A CD1 1 
ATOM   584  N N   . PRO A 1 71  ? 0.312   8.686   -7.001  1.00 5.17  ? 93  PRO A N   1 
ATOM   585  C CA  . PRO A 1 71  ? -0.793  9.017   -7.915  1.00 5.38  ? 93  PRO A CA  1 
ATOM   586  C C   . PRO A 1 71  ? -1.444  10.316  -7.477  1.00 4.13  ? 93  PRO A C   1 
ATOM   587  O O   . PRO A 1 71  ? -1.784  10.482  -6.302  1.00 4.58  ? 93  PRO A O   1 
ATOM   588  C CB  . PRO A 1 71  ? -1.759  7.839   -7.718  1.00 5.56  ? 93  PRO A CB  1 
ATOM   589  C CG  . PRO A 1 71  ? -1.512  7.372   -6.289  1.00 5.42  ? 93  PRO A CG  1 
ATOM   590  C CD  . PRO A 1 71  ? -0.082  7.709   -5.974  1.00 6.37  ? 93  PRO A CD  1 
ATOM   591  N N   . ARG A 1 72  ? -1.626  11.217  -8.438  1.00 5.53  ? 94  ARG A N   1 
ATOM   592  C CA  . ARG A 1 72  ? -2.164  12.554  -8.178  1.00 6.38  ? 94  ARG A CA  1 
ATOM   593  C C   . ARG A 1 72  ? -3.278  12.877  -9.167  1.00 7.08  ? 94  ARG A C   1 
ATOM   594  O O   . ARG A 1 72  ? -3.080  12.814  -10.377 1.00 8.13  ? 94  ARG A O   1 
ATOM   595  C CB  . ARG A 1 72  ? -1.067  13.641  -8.297  1.00 7.58  ? 94  ARG A CB  1 
ATOM   596  C CG  . ARG A 1 72  ? 0.030   13.632  -7.218  1.00 7.56  ? 94  ARG A CG  1 
ATOM   597  C CD  . ARG A 1 72  ? -0.524  13.716  -5.798  1.00 7.59  ? 94  ARG A CD  1 
ATOM   598  N NE  . ARG A 1 72  ? -1.370  14.908  -5.635  1.00 9.24  ? 94  ARG A NE  1 
ATOM   599  C CZ  . ARG A 1 72  ? -2.236  15.060  -4.654  1.00 10.20 ? 94  ARG A CZ  1 
ATOM   600  N NH1 . ARG A 1 72  ? -2.364  14.119  -3.725  1.00 11.76 ? 94  ARG A NH1 1 
ATOM   601  N NH2 . ARG A 1 72  ? -2.968  16.180  -4.563  1.00 15.78 ? 94  ARG A NH2 1 
ATOM   602  N N   . ILE A 1 73  ? -4.420  13.256  -8.626  1.00 7.05  ? 95  ILE A N   1 
ATOM   603  C CA  . ILE A 1 73  ? -5.520  13.772  -9.444  1.00 8.75  ? 95  ILE A CA  1 
ATOM   604  C C   . ILE A 1 73  ? -5.555  15.301  -9.447  1.00 9.66  ? 95  ILE A C   1 
ATOM   605  O O   . ILE A 1 73  ? -5.570  15.918  -10.527 1.00 11.05 ? 95  ILE A O   1 
ATOM   606  C CB  . ILE A 1 73  ? -6.854  13.180  -9.021  1.00 7.87  ? 95  ILE A CB  1 
ATOM   607  C CG1 . ILE A 1 73  ? -6.830  11.670  -9.267  1.00 9.49  ? 95  ILE A CG1 1 
ATOM   608  C CG2 . ILE A 1 73  ? -8.028  13.850  -9.794  1.00 8.97  ? 95  ILE A CG2 1 
ATOM   609  C CD1 . ILE A 1 73  ? -7.999  10.933  -8.684  1.00 12.41 ? 95  ILE A CD1 1 
ATOM   610  N N   . HIS A 1 74  ? -5.541  15.898  -8.256  1.00 11.00 ? 96  HIS A N   1 
ATOM   611  C CA  . HIS A 1 74  ? -5.600  17.355  -8.083  1.00 13.28 ? 96  HIS A CA  1 
ATOM   612  C C   . HIS A 1 74  ? -4.208  17.914  -7.817  1.00 14.12 ? 96  HIS A C   1 
ATOM   613  O O   . HIS A 1 74  ? -3.458  17.352  -7.015  1.00 16.23 ? 96  HIS A O   1 
ATOM   614  C CB  . HIS A 1 74  ? -6.528  17.697  -6.917  1.00 14.09 ? 96  HIS A CB  1 
ATOM   615  C CG  . HIS A 1 74  ? -7.889  17.091  -7.050  1.00 16.96 ? 96  HIS A CG  1 
ATOM   616  N ND1 . HIS A 1 74  ? -8.254  15.923  -6.415  1.00 17.53 ? 96  HIS A ND1 1 
ATOM   617  C CD2 . HIS A 1 74  ? -8.957  17.455  -7.801  1.00 18.43 ? 96  HIS A CD2 1 
ATOM   618  C CE1 . HIS A 1 74  ? -9.492  15.605  -6.751  1.00 20.16 ? 96  HIS A CE1 1 
ATOM   619  N NE2 . HIS A 1 74  ? -9.946  16.526  -7.583  1.00 17.84 ? 96  HIS A NE2 1 
ATOM   620  N N   . PRO A 1 75  ? -3.832  19.002  -8.507  1.00 14.16 ? 97  PRO A N   1 
ATOM   621  C CA  . PRO A 1 75  ? -2.524  19.606  -8.278  1.00 15.48 ? 97  PRO A CA  1 
ATOM   622  C C   . PRO A 1 75  ? -2.478  20.134  -6.853  1.00 16.80 ? 97  PRO A C   1 
ATOM   623  O O   . PRO A 1 75  ? -3.436  20.771  -6.383  1.00 18.00 ? 97  PRO A O   1 
ATOM   624  C CB  . PRO A 1 75  ? -2.477  20.783  -9.272  1.00 15.90 ? 97  PRO A CB  1 
ATOM   625  C CG  . PRO A 1 75  ? -3.592  20.620  -10.173 1.00 15.43 ? 97  PRO A CG  1 
ATOM   626  C CD  . PRO A 1 75  ? -4.558  19.615  -9.636  1.00 13.88 ? 97  PRO A CD  1 
ATOM   627  N N   . ASN A 1 76  ? -1.412  19.795  -6.138  1.00 17.04 ? 98  ASN A N   1 
ATOM   628  C CA  . ASN A 1 76  ? -1.199  20.298  -4.786  1.00 18.50 ? 98  ASN A CA  1 
ATOM   629  C C   . ASN A 1 76  ? 0.289   20.553  -4.643  1.00 18.64 ? 98  ASN A C   1 
ATOM   630  O O   . ASN A 1 76  ? 1.119   19.682  -4.954  1.00 18.53 ? 98  ASN A O   1 
ATOM   631  C CB  . ASN A 1 76  ? -1.712  19.285  -3.756  1.00 19.07 ? 98  ASN A CB  1 
ATOM   632  C CG  . ASN A 1 76  ? -1.600  19.781  -2.326  1.00 22.07 ? 98  ASN A CG  1 
ATOM   633  O OD1 . ASN A 1 76  ? -0.622  20.420  -1.957  1.00 25.26 ? 98  ASN A OD1 1 
ATOM   634  N ND2 . ASN A 1 76  ? -2.583  19.449  -1.506  1.00 25.40 ? 98  ASN A ND2 1 
ATOM   635  N N   . ALA A 1 77  ? 0.636   21.758  -4.196  1.00 19.34 ? 99  ALA A N   1 
ATOM   636  C CA  . ALA A 1 77  ? 2.038   22.168  -4.149  1.00 20.04 ? 99  ALA A CA  1 
ATOM   637  C C   . ALA A 1 77  ? 2.944   21.313  -3.252  1.00 20.18 ? 99  ALA A C   1 
ATOM   638  O O   . ALA A 1 77  ? 4.122   21.167  -3.556  1.00 21.54 ? 99  ALA A O   1 
ATOM   639  C CB  . ALA A 1 77  ? 2.152   23.633  -3.765  1.00 20.34 ? 99  ALA A CB  1 
ATOM   640  N N   . ILE A 1 78  ? 2.394   20.760  -2.177  1.00 20.42 ? 100 ILE A N   1 
ATOM   641  C CA  . ILE A 1 78  ? 3.166   19.923  -1.239  1.00 20.89 ? 100 ILE A CA  1 
ATOM   642  C C   . ILE A 1 78  ? 3.017   18.405  -1.485  1.00 20.23 ? 100 ILE A C   1 
ATOM   643  O O   . ILE A 1 78  ? 3.406   17.589  -0.636  1.00 20.16 ? 100 ILE A O   1 
ATOM   644  C CB  . ILE A 1 78  ? 2.810   20.250  0.239   1.00 21.42 ? 100 ILE A CB  1 
ATOM   645  C CG1 . ILE A 1 78  ? 1.362   19.841  0.556   1.00 23.27 ? 100 ILE A CG1 1 
ATOM   646  C CG2 . ILE A 1 78  ? 3.080   21.735  0.537   1.00 22.36 ? 100 ILE A CG2 1 
ATOM   647  C CD1 . ILE A 1 78  ? 0.947   19.996  2.017   1.00 26.49 ? 100 ILE A CD1 1 
ATOM   648  N N   . CYS A 1 79  ? 2.456   18.033  -2.638  1.00 18.42 ? 101 CYS A N   1 
ATOM   649  C CA  . CYS A 1 79  ? 2.300   16.620  -3.012  1.00 17.66 ? 101 CYS A CA  1 
ATOM   650  C C   . CYS A 1 79  ? 2.793   16.437  -4.427  1.00 17.58 ? 101 CYS A C   1 
ATOM   651  O O   . CYS A 1 79  ? 2.116   16.847  -5.382  1.00 17.87 ? 101 CYS A O   1 
ATOM   652  C CB  . CYS A 1 79  ? 0.836   16.181  -2.948  1.00 17.27 ? 101 CYS A CB  1 
ATOM   653  S SG  . CYS A 1 79  ? 0.030   16.296  -1.344  1.00 16.15 ? 101 CYS A SG  1 
ATOM   654  N N   . ALA A 1 80  ? 3.967   15.834  -4.574  1.00 17.43 ? 102 ALA A N   1 
ATOM   655  C CA  . ALA A 1 80  ? 4.544   15.531  -5.878  1.00 18.08 ? 102 ALA A CA  1 
ATOM   656  C C   . ALA A 1 80  ? 4.792   16.800  -6.706  1.00 19.24 ? 102 ALA A C   1 
ATOM   657  O O   . ALA A 1 80  ? 4.677   16.790  -7.935  1.00 19.67 ? 102 ALA A O   1 
ATOM   658  C CB  . ALA A 1 80  ? 3.656   14.515  -6.653  1.00 18.21 ? 102 ALA A CB  1 
ATOM   659  N N   . ALA A 1 81  ? 5.134   17.883  -6.001  1.00 19.76 ? 103 ALA A N   1 
ATOM   660  C CA  . ALA A 1 81  ? 5.509   19.177  -6.600  1.00 19.93 ? 103 ALA A CA  1 
ATOM   661  C C   . ALA A 1 81  ? 4.478   19.664  -7.629  1.00 19.41 ? 103 ALA A C   1 
ATOM   662  O O   . ALA A 1 81  ? 4.831   20.046  -8.750  1.00 19.66 ? 103 ALA A O   1 
ATOM   663  C CB  . ALA A 1 81  ? 6.915   19.095  -7.219  1.00 20.85 ? 103 ALA A CB  1 
ATOM   664  N N   . ASN A 1 82  ? 3.207   19.612  -7.236  1.00 18.73 ? 104 ASN A N   1 
ATOM   665  C CA  . ASN A 1 82  ? 2.079   20.093  -8.038  1.00 17.78 ? 104 ASN A CA  1 
ATOM   666  C C   . ASN A 1 82  ? 1.757   19.309  -9.326  1.00 16.99 ? 104 ASN A C   1 
ATOM   667  O O   . ASN A 1 82  ? 0.946   19.747  -10.151 1.00 17.26 ? 104 ASN A O   1 
ATOM   668  C CB  . ASN A 1 82  ? 2.224   21.592  -8.341  1.00 18.33 ? 104 ASN A CB  1 
ATOM   669  C CG  . ASN A 1 82  ? 0.917   22.306  -8.300  1.00 17.95 ? 104 ASN A CG  1 
ATOM   670  O OD1 . ASN A 1 82  ? 0.155   22.196  -7.337  1.00 19.64 ? 104 ASN A OD1 1 
ATOM   671  N ND2 . ASN A 1 82  ? 0.640   23.078  -9.353  1.00 23.09 ? 104 ASN A ND2 1 
ATOM   672  N N   . HIS A 1 83  ? 2.341   18.126  -9.473  1.00 15.95 ? 105 HIS A N   1 
ATOM   673  C CA  . HIS A 1 83  ? 2.088   17.318  -10.661 1.00 14.69 ? 105 HIS A CA  1 
ATOM   674  C C   . HIS A 1 83  ? 0.761   16.581  -10.558 1.00 12.43 ? 105 HIS A C   1 
ATOM   675  O O   . HIS A 1 83  ? 0.214   16.419  -9.461  1.00 11.85 ? 105 HIS A O   1 
ATOM   676  C CB  . HIS A 1 83  ? 3.217   16.316  -10.863 1.00 15.97 ? 105 HIS A CB  1 
ATOM   677  C CG  . HIS A 1 83  ? 4.491   16.931  -11.360 1.00 18.72 ? 105 HIS A CG  1 
ATOM   678  N ND1 . HIS A 1 83  ? 5.455   17.432  -10.512 1.00 23.28 ? 105 HIS A ND1 1 
ATOM   679  C CD2 . HIS A 1 83  ? 4.963   17.109  -12.616 1.00 22.63 ? 105 HIS A CD2 1 
ATOM   680  C CE1 . HIS A 1 83  ? 6.465   17.898  -11.222 1.00 23.14 ? 105 HIS A CE1 1 
ATOM   681  N NE2 . HIS A 1 83  ? 6.192   17.716  -12.502 1.00 24.71 ? 105 HIS A NE2 1 
ATOM   682  N N   . THR A 1 84  ? 0.228   16.215  -11.717 1.00 11.51 ? 106 THR A N   1 
ATOM   683  C CA  . THR A 1 84  ? -0.915  15.298  -11.782 1.00 11.64 ? 106 THR A CA  1 
ATOM   684  C C   . THR A 1 84  ? -0.494  14.076  -12.581 1.00 10.81 ? 106 THR A C   1 
ATOM   685  O O   . THR A 1 84  ? 0.486   14.097  -13.308 1.00 12.39 ? 106 THR A O   1 
ATOM   686  C CB  . THR A 1 84  ? -2.172  15.919  -12.437 1.00 12.47 ? 106 THR A CB  1 
ATOM   687  O OG1 . THR A 1 84  ? -1.898  16.145  -13.817 1.00 15.25 ? 106 THR A OG1 1 
ATOM   688  C CG2 . THR A 1 84  ? -2.611  17.208  -11.738 1.00 15.00 ? 106 THR A CG2 1 
ATOM   689  N N   . GLY A 1 85  ? -1.260  13.000  -12.463 1.00 8.39  ? 107 GLY A N   1 
ATOM   690  C CA  . GLY A 1 85  ? -0.941  11.713  -13.086 1.00 7.97  ? 107 GLY A CA  1 
ATOM   691  C C   . GLY A 1 85  ? -0.175  10.823  -12.122 1.00 6.76  ? 107 GLY A C   1 
ATOM   692  O O   . GLY A 1 85  ? -0.118  11.110  -10.909 1.00 6.94  ? 107 GLY A O   1 
ATOM   693  N N   . VAL A 1 86  ? 0.408   9.741   -12.629 1.00 7.61  ? 108 VAL A N   1 
ATOM   694  C CA  . VAL A 1 86  ? 1.250   8.905   -11.783 1.00 7.96  ? 108 VAL A CA  1 
ATOM   695  C C   . VAL A 1 86  ? 2.644   9.507   -11.750 1.00 7.98  ? 108 VAL A C   1 
ATOM   696  O O   . VAL A 1 86  ? 3.417   9.324   -12.688 1.00 10.31 ? 108 VAL A O   1 
ATOM   697  C CB  . VAL A 1 86  ? 1.312   7.439   -12.245 1.00 8.07  ? 108 VAL A CB  1 
ATOM   698  C CG1 . VAL A 1 86  ? 2.162   6.670   -11.277 1.00 8.78  ? 108 VAL A CG1 1 
ATOM   699  C CG2 . VAL A 1 86  ? -0.087  6.821   -12.332 1.00 9.19  ? 108 VAL A CG2 1 
ATOM   700  N N   . TYR A 1 87  ? 2.950   10.242  -10.686 1.00 7.26  ? 109 TYR A N   1 
ATOM   701  C CA  . TYR A 1 87  ? 4.246   10.920  -10.574 1.00 7.58  ? 109 TYR A CA  1 
ATOM   702  C C   . TYR A 1 87  ? 5.315   9.910   -10.183 1.00 7.09  ? 109 TYR A C   1 
ATOM   703  O O   . TYR A 1 87  ? 5.169   9.178   -9.209  1.00 6.27  ? 109 TYR A O   1 
ATOM   704  C CB  . TYR A 1 87  ? 4.169   12.018  -9.530  1.00 9.03  ? 109 TYR A CB  1 
ATOM   705  C CG  . TYR A 1 87  ? 5.494   12.705  -9.280  1.00 11.50 ? 109 TYR A CG  1 
ATOM   706  C CD1 . TYR A 1 87  ? 5.945   13.708  -10.132 1.00 14.42 ? 109 TYR A CD1 1 
ATOM   707  C CD2 . TYR A 1 87  ? 6.277   12.362  -8.186  1.00 16.13 ? 109 TYR A CD2 1 
ATOM   708  C CE1 . TYR A 1 87  ? 7.180   14.336  -9.905  1.00 20.38 ? 109 TYR A CE1 1 
ATOM   709  C CE2 . TYR A 1 87  ? 7.505   12.980  -7.948  1.00 19.11 ? 109 TYR A CE2 1 
ATOM   710  C CZ  . TYR A 1 87  ? 7.942   13.965  -8.806  1.00 20.92 ? 109 TYR A CZ  1 
ATOM   711  O OH  . TYR A 1 87  ? 9.152   14.578  -8.549  1.00 24.58 ? 109 TYR A OH  1 
ATOM   712  N N   A ILE A 1 88  ? 6.401   9.890   -10.931 0.50 6.82  ? 110 ILE A N   1 
ATOM   713  N N   B ILE A 1 88  ? 6.379   9.849   -10.964 0.50 7.18  ? 110 ILE A N   1 
ATOM   714  C CA  A ILE A 1 88  ? 7.477   8.938   -10.704 0.50 6.83  ? 110 ILE A CA  1 
ATOM   715  C CA  B ILE A 1 88  ? 7.471   8.927   -10.688 0.50 7.57  ? 110 ILE A CA  1 
ATOM   716  C C   A ILE A 1 88  ? 8.642   9.609   -10.003 0.50 7.38  ? 110 ILE A C   1 
ATOM   717  C C   B ILE A 1 88  ? 8.625   9.621   -9.990  0.50 7.75  ? 110 ILE A C   1 
ATOM   718  O O   A ILE A 1 88  ? 9.176   10.606  -10.502 0.50 7.37  ? 110 ILE A O   1 
ATOM   719  O O   B ILE A 1 88  ? 9.141   10.632  -10.479 0.50 7.66  ? 110 ILE A O   1 
ATOM   720  C CB  A ILE A 1 88  ? 7.942   8.337   -12.041 0.50 6.81  ? 110 ILE A CB  1 
ATOM   721  C CB  B ILE A 1 88  ? 7.987   8.250   -11.973 0.50 7.88  ? 110 ILE A CB  1 
ATOM   722  C CG1 A ILE A 1 88  ? 6.754   7.779   -12.819 0.50 6.93  ? 110 ILE A CG1 1 
ATOM   723  C CG1 B ILE A 1 88  ? 6.919   7.340   -12.591 0.50 9.07  ? 110 ILE A CG1 1 
ATOM   724  C CG2 A ILE A 1 88  ? 8.958   7.216   -11.853 0.50 7.31  ? 110 ILE A CG2 1 
ATOM   725  C CG2 B ILE A 1 88  ? 9.237   7.446   -11.685 0.50 9.19  ? 110 ILE A CG2 1 
ATOM   726  C CD1 A ILE A 1 88  ? 7.157   7.222   -14.177 0.50 7.00  ? 110 ILE A CD1 1 
ATOM   727  C CD1 B ILE A 1 88  ? 5.762   8.093   -13.136 0.50 14.02 ? 110 ILE A CD1 1 
ATOM   728  N N   . LEU A 1 89  ? 9.015   9.078   -8.838  1.00 6.66  ? 111 LEU A N   1 
ATOM   729  C CA  . LEU A 1 89  ? 10.228  9.527   -8.137  1.00 6.82  ? 111 LEU A CA  1 
ATOM   730  C C   . LEU A 1 89  ? 11.461  9.206   -8.960  1.00 7.60  ? 111 LEU A C   1 
ATOM   731  O O   . LEU A 1 89  ? 11.681  8.071   -9.346  1.00 8.20  ? 111 LEU A O   1 
ATOM   732  C CB  . LEU A 1 89  ? 10.323  8.861   -6.759  1.00 7.33  ? 111 LEU A CB  1 
ATOM   733  C CG  . LEU A 1 89  ? 11.558  9.246   -5.921  1.00 8.30  ? 111 LEU A CG  1 
ATOM   734  C CD1 . LEU A 1 89  ? 11.574  10.691  -5.611  1.00 8.92  ? 111 LEU A CD1 1 
ATOM   735  C CD2 . LEU A 1 89  ? 11.487  8.451   -4.659  1.00 10.13 ? 111 LEU A CD2 1 
ATOM   736  N N   . VAL A 1 90  ? 12.234  10.234  -9.279  1.00 7.00  ? 112 VAL A N   1 
ATOM   737  C CA  . VAL A 1 90  ? 13.408  10.037  -10.120 1.00 7.41  ? 112 VAL A CA  1 
ATOM   738  C C   . VAL A 1 90  ? 14.674  9.944   -9.257  1.00 6.13  ? 112 VAL A C   1 
ATOM   739  O O   . VAL A 1 90  ? 15.453  9.037   -9.426  1.00 7.52  ? 112 VAL A O   1 
ATOM   740  C CB  . VAL A 1 90  ? 13.535  11.160  -11.152 1.00 7.15  ? 112 VAL A CB  1 
ATOM   741  C CG1 . VAL A 1 90  ? 14.841  11.035  -11.937 1.00 9.51  ? 112 VAL A CG1 1 
ATOM   742  C CG2 . VAL A 1 90  ? 12.308  11.154  -12.105 1.00 8.76  ? 112 VAL A CG2 1 
ATOM   743  N N   . THR A 1 91  ? 14.879  10.873  -8.339  1.00 6.42  ? 113 THR A N   1 
ATOM   744  C CA  . THR A 1 91  ? 16.158  11.005  -7.636  1.00 6.97  ? 113 THR A CA  1 
ATOM   745  C C   . THR A 1 91  ? 15.875  10.982  -6.146  1.00 6.02  ? 113 THR A C   1 
ATOM   746  O O   . THR A 1 91  ? 15.160  11.856  -5.615  1.00 7.23  ? 113 THR A O   1 
ATOM   747  C CB  . THR A 1 91  ? 16.855  12.316  -8.004  1.00 8.04  ? 113 THR A CB  1 
ATOM   748  O OG1 . THR A 1 91  ? 17.074  12.363  -9.423  1.00 11.22 ? 113 THR A OG1 1 
ATOM   749  C CG2 . THR A 1 91  ? 18.196  12.392  -7.279  1.00 9.73  ? 113 THR A CG2 1 
ATOM   750  N N   . SER A 1 92  ? 16.456  10.006  -5.464  1.00 4.93  ? 114 SER A N   1 
ATOM   751  C CA  . SER A 1 92  ? 16.375  9.964   -3.996  1.00 5.01  ? 114 SER A CA  1 
ATOM   752  C C   . SER A 1 92  ? 17.595  9.238   -3.466  1.00 5.09  ? 114 SER A C   1 
ATOM   753  O O   . SER A 1 92  ? 18.079  8.304   -4.100  1.00 5.74  ? 114 SER A O   1 
ATOM   754  C CB  . SER A 1 92  ? 15.102  9.212   -3.568  1.00 5.75  ? 114 SER A CB  1 
ATOM   755  O OG  . SER A 1 92  ? 15.078  9.047   -2.156  1.00 6.62  ? 114 SER A OG  1 
ATOM   756  N N   . ASN A 1 93  ? 18.075  9.627   -2.291  1.00 4.37  ? 115 ASN A N   1 
ATOM   757  C CA  . ASN A 1 93  ? 19.174  8.881   -1.661  1.00 4.64  ? 115 ASN A CA  1 
ATOM   758  C C   . ASN A 1 93  ? 18.746  7.563   -1.028  1.00 3.34  ? 115 ASN A C   1 
ATOM   759  O O   . ASN A 1 93  ? 19.556  6.715   -0.775  1.00 5.13  ? 115 ASN A O   1 
ATOM   760  C CB  . ASN A 1 93  ? 19.782  9.709   -0.486  1.00 4.41  ? 115 ASN A CB  1 
ATOM   761  C CG  . ASN A 1 93  ? 20.737  10.818  -0.909  1.00 3.40  ? 115 ASN A CG  1 
ATOM   762  O OD1 . ASN A 1 93  ? 21.225  10.891  -2.049  1.00 5.69  ? 115 ASN A OD1 1 
ATOM   763  N ND2 . ASN A 1 93  ? 20.996  11.717  0.056   1.00 4.52  ? 115 ASN A ND2 1 
ATOM   764  N N   . THR A 1 94  ? 17.465  7.472   -0.646  1.00 3.65  ? 116 THR A N   1 
ATOM   765  C CA  . THR A 1 94  ? 17.014  6.530   0.392   1.00 4.46  ? 116 THR A CA  1 
ATOM   766  C C   . THR A 1 94  ? 16.109  5.451   -0.174  1.00 3.16  ? 116 THR A C   1 
ATOM   767  O O   . THR A 1 94  ? 15.648  5.545   -1.317  1.00 4.19  ? 116 THR A O   1 
ATOM   768  C CB  . THR A 1 94  ? 16.262  7.282   1.501   1.00 4.09  ? 116 THR A CB  1 
ATOM   769  O OG1 . THR A 1 94  ? 15.167  7.992   0.928   1.00 6.63  ? 116 THR A OG1 1 
ATOM   770  C CG2 . THR A 1 94  ? 17.208  8.267   2.234   1.00 6.14  ? 116 THR A CG2 1 
ATOM   771  N N   . SER A 1 95  ? 15.899  4.390   0.600   1.00 4.26  ? 117 SER A N   1 
ATOM   772  C CA  . SER A 1 95  ? 15.347  3.150   0.081   1.00 4.90  ? 117 SER A CA  1 
ATOM   773  C C   . SER A 1 95  ? 14.032  2.717   0.715   1.00 5.94  ? 117 SER A C   1 
ATOM   774  O O   . SER A 1 95  ? 13.490  1.675   0.317   1.00 6.64  ? 117 SER A O   1 
ATOM   775  C CB  . SER A 1 95  ? 16.369  2.042   0.267   1.00 6.13  ? 117 SER A CB  1 
ATOM   776  O OG  . SER A 1 95  ? 16.518  1.801   1.654   1.00 8.57  ? 117 SER A OG  1 
ATOM   777  N N   . HIS A 1 96  ? 13.509  3.468   1.685   1.00 4.55  ? 118 HIS A N   1 
ATOM   778  C CA  . HIS A 1 96  ? 12.308  3.027   2.444   1.00 4.73  ? 118 HIS A CA  1 
ATOM   779  C C   . HIS A 1 96  ? 11.150  3.973   2.172   1.00 3.96  ? 118 HIS A C   1 
ATOM   780  O O   . HIS A 1 96  ? 11.245  5.192   2.341   1.00 5.50  ? 118 HIS A O   1 
ATOM   781  C CB  . HIS A 1 96  ? 12.598  2.956   3.938   1.00 6.30  ? 118 HIS A CB  1 
ATOM   782  C CG  . HIS A 1 96  ? 13.335  1.722   4.364   1.00 5.99  ? 118 HIS A CG  1 
ATOM   783  N ND1 . HIS A 1 96  ? 14.323  1.123   3.612   1.00 10.10 ? 118 HIS A ND1 1 
ATOM   784  C CD2 . HIS A 1 96  ? 13.243  0.990   5.501   1.00 12.17 ? 118 HIS A CD2 1 
ATOM   785  C CE1 . HIS A 1 96  ? 14.787  0.063   4.254   1.00 9.65  ? 118 HIS A CE1 1 
ATOM   786  N NE2 . HIS A 1 96  ? 14.133  -0.051  5.388   1.00 13.20 ? 118 HIS A NE2 1 
ATOM   787  N N   . TYR A 1 97  ? 10.013  3.398   1.749   1.00 3.95  ? 119 TYR A N   1 
ATOM   788  C CA  . TYR A 1 97  ? 8.839   4.211   1.378   1.00 4.42  ? 119 TYR A CA  1 
ATOM   789  C C   . TYR A 1 97  ? 7.597   3.555   1.966   1.00 4.28  ? 119 TYR A C   1 
ATOM   790  O O   . TYR A 1 97  ? 7.695   2.690   2.853   1.00 5.15  ? 119 TYR A O   1 
ATOM   791  C CB  . TYR A 1 97  ? 8.748   4.350   -0.155  1.00 4.84  ? 119 TYR A CB  1 
ATOM   792  C CG  . TYR A 1 97  ? 9.965   5.040   -0.745  1.00 4.27  ? 119 TYR A CG  1 
ATOM   793  C CD1 . TYR A 1 97  ? 10.099  6.425   -0.714  1.00 4.21  ? 119 TYR A CD1 1 
ATOM   794  C CD2 . TYR A 1 97  ? 11.002  4.300   -1.300  1.00 5.39  ? 119 TYR A CD2 1 
ATOM   795  C CE1 . TYR A 1 97  ? 11.235  7.068   -1.244  1.00 2.75  ? 119 TYR A CE1 1 
ATOM   796  C CE2 . TYR A 1 97  ? 12.162  4.931   -1.852  1.00 5.06  ? 119 TYR A CE2 1 
ATOM   797  C CZ  . TYR A 1 97  ? 12.241  6.304   -1.808  1.00 4.33  ? 119 TYR A CZ  1 
ATOM   798  O OH  . TYR A 1 97  ? 13.348  6.946   -2.342  1.00 6.65  ? 119 TYR A OH  1 
ATOM   799  N N   . ASP A 1 98  ? 6.422   3.945   1.492   1.00 3.33  ? 120 ASP A N   1 
ATOM   800  C CA  . ASP A 1 98  ? 5.211   3.163   1.723   1.00 3.93  ? 120 ASP A CA  1 
ATOM   801  C C   . ASP A 1 98  ? 5.121   2.132   0.589   1.00 3.78  ? 120 ASP A C   1 
ATOM   802  O O   . ASP A 1 98  ? 6.034   1.987   -0.225  1.00 4.13  ? 120 ASP A O   1 
ATOM   803  C CB  . ASP A 1 98  ? 3.970   4.064   1.724   1.00 3.94  ? 120 ASP A CB  1 
ATOM   804  C CG  . ASP A 1 98  ? 3.958   5.081   2.868   1.00 4.26  ? 120 ASP A CG  1 
ATOM   805  O OD1 . ASP A 1 98  ? 4.744   4.956   3.835   1.00 6.17  ? 120 ASP A OD1 1 
ATOM   806  O OD2 . ASP A 1 98  ? 3.141   6.031   2.775   1.00 7.11  ? 120 ASP A OD2 1 
ATOM   807  N N   . THR A 1 99  ? 4.024   1.389   0.509   1.00 4.06  ? 121 THR A N   1 
ATOM   808  C CA  . THR A 1 99  ? 3.806   0.546   -0.653  1.00 3.79  ? 121 THR A CA  1 
ATOM   809  C C   . THR A 1 99  ? 2.421   0.708   -1.198  1.00 3.34  ? 121 THR A C   1 
ATOM   810  O O   . THR A 1 99  ? 1.468   1.013   -0.461  1.00 4.51  ? 121 THR A O   1 
ATOM   811  C CB  . THR A 1 99  ? 4.153   -0.949  -0.419  1.00 4.77  ? 121 THR A CB  1 
ATOM   812  O OG1 . THR A 1 99  ? 4.277   -1.611  -1.689  1.00 6.26  ? 121 THR A OG1 1 
ATOM   813  C CG2 . THR A 1 99  ? 3.161   -1.651  0.465   1.00 7.84  ? 121 THR A CG2 1 
ATOM   814  N N   . TYR A 1 100 ? 2.288   0.444   -2.482  1.00 2.78  ? 122 TYR A N   1 
ATOM   815  C CA  . TYR A 1 100 ? 0.970   0.174   -3.051  1.00 3.34  ? 122 TYR A CA  1 
ATOM   816  C C   . TYR A 1 100 ? 0.850   -1.328  -3.223  1.00 3.75  ? 122 TYR A C   1 
ATOM   817  O O   . TYR A 1 100 ? 1.858   -2.040  -3.361  1.00 4.44  ? 122 TYR A O   1 
ATOM   818  C CB  . TYR A 1 100 ? 0.832   0.902   -4.380  1.00 3.18  ? 122 TYR A CB  1 
ATOM   819  C CG  . TYR A 1 100 ? 0.907   2.364   -4.180  1.00 2.46  ? 122 TYR A CG  1 
ATOM   820  C CD1 . TYR A 1 100 ? -0.182  3.080   -3.669  1.00 3.46  ? 122 TYR A CD1 1 
ATOM   821  C CD2 . TYR A 1 100 ? 2.107   3.038   -4.403  1.00 3.87  ? 122 TYR A CD2 1 
ATOM   822  C CE1 . TYR A 1 100 ? -0.092  4.450   -3.441  1.00 4.37  ? 122 TYR A CE1 1 
ATOM   823  C CE2 . TYR A 1 100 ? 2.198   4.392   -4.158  1.00 4.17  ? 122 TYR A CE2 1 
ATOM   824  C CZ  . TYR A 1 100 ? 1.111   5.084   -3.654  1.00 4.17  ? 122 TYR A CZ  1 
ATOM   825  O OH  . TYR A 1 100 ? 1.143   6.418   -3.329  1.00 5.93  ? 122 TYR A OH  1 
ATOM   826  N N   . CYS A 1 101 ? -0.387  -1.822  -3.224  1.00 3.75  ? 123 CYS A N   1 
ATOM   827  C CA  . CYS A 1 101 ? -0.684  -3.237  -3.444  1.00 4.18  ? 123 CYS A CA  1 
ATOM   828  C C   . CYS A 1 101 ? -1.873  -3.334  -4.392  1.00 4.14  ? 123 CYS A C   1 
ATOM   829  O O   . CYS A 1 101 ? -2.730  -2.426  -4.427  1.00 3.94  ? 123 CYS A O   1 
ATOM   830  C CB  . CYS A 1 101 ? -1.036  -3.933  -2.126  1.00 3.90  ? 123 CYS A CB  1 
ATOM   831  S SG  . CYS A 1 101 ? 0.342   -4.029  -0.937  1.00 8.56  ? 123 CYS A SG  1 
ATOM   832  N N   . PHE A 1 102 ? -1.962  -4.448  -5.106  1.00 3.46  ? 124 PHE A N   1 
ATOM   833  C CA  . PHE A 1 102 ? -3.032  -4.727  -6.045  1.00 3.14  ? 124 PHE A CA  1 
ATOM   834  C C   . PHE A 1 102 ? -3.685  -6.066  -5.757  1.00 4.07  ? 124 PHE A C   1 
ATOM   835  O O   . PHE A 1 102 ? -3.017  -7.073  -5.757  1.00 3.72  ? 124 PHE A O   1 
ATOM   836  C CB  . PHE A 1 102 ? -2.507  -4.716  -7.487  1.00 3.38  ? 124 PHE A CB  1 
ATOM   837  C CG  . PHE A 1 102 ? -3.497  -5.241  -8.452  1.00 4.05  ? 124 PHE A CG  1 
ATOM   838  C CD1 . PHE A 1 102 ? -4.679  -4.539  -8.696  1.00 5.10  ? 124 PHE A CD1 1 
ATOM   839  C CD2 . PHE A 1 102 ? -3.325  -6.484  -9.034  1.00 5.75  ? 124 PHE A CD2 1 
ATOM   840  C CE1 . PHE A 1 102 ? -5.670  -5.089  -9.531  1.00 5.82  ? 124 PHE A CE1 1 
ATOM   841  C CE2 . PHE A 1 102 ? -4.325  -7.023  -9.863  1.00 6.02  ? 124 PHE A CE2 1 
ATOM   842  C CZ  . PHE A 1 102 ? -5.463  -6.304  -10.114 1.00 6.58  ? 124 PHE A CZ  1 
ATOM   843  N N   A ASN A 1 103 ? -4.994  -6.015  -5.501  0.50 4.66  ? 125 ASN A N   1 
ATOM   844  N N   B ASN A 1 103 ? -4.982  -6.036  -5.462  0.50 4.60  ? 125 ASN A N   1 
ATOM   845  C CA  A ASN A 1 103 ? -5.834  -7.182  -5.236  0.50 5.33  ? 125 ASN A CA  1 
ATOM   846  C CA  B ASN A 1 103 ? -5.746  -7.259  -5.266  0.50 5.19  ? 125 ASN A CA  1 
ATOM   847  C C   A ASN A 1 103 ? -6.795  -7.380  -6.400  0.50 5.26  ? 125 ASN A C   1 
ATOM   848  C C   B ASN A 1 103 ? -6.778  -7.411  -6.366  0.50 5.22  ? 125 ASN A C   1 
ATOM   849  O O   A ASN A 1 103 ? -7.737  -6.598  -6.555  0.50 5.00  ? 125 ASN A O   1 
ATOM   850  O O   B ASN A 1 103 ? -7.740  -6.633  -6.444  0.50 4.83  ? 125 ASN A O   1 
ATOM   851  C CB  A ASN A 1 103 ? -6.626  -6.951  -3.946  0.50 5.35  ? 125 ASN A CB  1 
ATOM   852  C CB  B ASN A 1 103 ? -6.405  -7.282  -3.891  0.50 5.18  ? 125 ASN A CB  1 
ATOM   853  C CG  A ASN A 1 103 ? -7.662  -8.031  -3.681  0.50 8.36  ? 125 ASN A CG  1 
ATOM   854  C CG  B ASN A 1 103 ? -7.043  -8.617  -3.581  0.50 6.94  ? 125 ASN A CG  1 
ATOM   855  O OD1 A ASN A 1 103 ? -7.597  -9.133  -4.227  0.50 11.51 ? 125 ASN A OD1 1 
ATOM   856  O OD1 B ASN A 1 103 ? -7.533  -9.304  -4.479  0.50 8.73  ? 125 ASN A OD1 1 
ATOM   857  N ND2 A ASN A 1 103 ? -8.638  -7.701  -2.854  0.50 12.08 ? 125 ASN A ND2 1 
ATOM   858  N ND2 B ASN A 1 103 ? -7.054  -8.995  -2.310  0.50 8.88  ? 125 ASN A ND2 1 
ATOM   859  N N   . ALA A 1 104 ? -6.555  -8.415  -7.207  1.00 6.09  ? 126 ALA A N   1 
ATOM   860  C CA  . ALA A 1 104 ? -7.439  -8.683  -8.348  1.00 7.41  ? 126 ALA A CA  1 
ATOM   861  C C   . ALA A 1 104 ? -8.881  -9.031  -7.991  1.00 8.36  ? 126 ALA A C   1 
ATOM   862  O O   . ALA A 1 104 ? -9.767  -8.932  -8.858  1.00 10.48 ? 126 ALA A O   1 
ATOM   863  C CB  . ALA A 1 104 ? -6.830  -9.750  -9.248  1.00 8.39  ? 126 ALA A CB  1 
ATOM   864  N N   A SER A 1 105 ? -9.135  -9.432  -6.753  0.50 8.06  ? 127 SER A N   1 
ATOM   865  N N   B SER A 1 105 ? -9.145  -9.433  -6.754  0.50 8.24  ? 127 SER A N   1 
ATOM   866  C CA  A SER A 1 105 ? -10.486 -9.798  -6.331  0.50 8.39  ? 127 SER A CA  1 
ATOM   867  C CA  B SER A 1 105 ? -10.506 -9.797  -6.353  0.50 8.79  ? 127 SER A CA  1 
ATOM   868  C C   A SER A 1 105 ? -11.338 -8.624  -5.866  0.50 8.47  ? 127 SER A C   1 
ATOM   869  C C   B SER A 1 105 ? -11.298 -8.649  -5.725  0.50 8.65  ? 127 SER A C   1 
ATOM   870  O O   A SER A 1 105 ? -12.540 -8.778  -5.682  0.50 8.60  ? 127 SER A O   1 
ATOM   871  O O   B SER A 1 105 ? -12.405 -8.846  -5.262  0.50 8.98  ? 127 SER A O   1 
ATOM   872  C CB  A SER A 1 105 ? -10.436 -10.887 -5.263  0.50 9.30  ? 127 SER A CB  1 
ATOM   873  C CB  B SER A 1 105 ? -10.484 -10.990 -5.406  0.50 9.73  ? 127 SER A CB  1 
ATOM   874  O OG  A SER A 1 105 ? -9.806  -12.042 -5.789  0.50 11.04 ? 127 SER A OG  1 
ATOM   875  O OG  B SER A 1 105 ? -10.245 -10.551 -4.089  0.50 12.90 ? 127 SER A OG  1 
ATOM   876  N N   . ALA A 1 106 ? -10.735 -7.445  -5.705  1.00 7.73  ? 128 ALA A N   1 
ATOM   877  C CA  . ALA A 1 106 ? -11.446 -6.273  -5.252  1.00 7.46  ? 128 ALA A CA  1 
ATOM   878  C C   . ALA A 1 106 ? -12.447 -5.790  -6.311  1.00 7.92  ? 128 ALA A C   1 
ATOM   879  O O   . ALA A 1 106 ? -12.363 -6.211  -7.472  1.00 8.06  ? 128 ALA A O   1 
ATOM   880  C CB  . ALA A 1 106 ? -10.436 -5.167  -4.920  1.00 8.77  ? 128 ALA A CB  1 
ATOM   881  N N   . PRO A 1 107 ? -13.391 -4.913  -5.930  1.00 8.01  ? 129 PRO A N   1 
ATOM   882  C CA  . PRO A 1 107 ? -14.304 -4.334  -6.933  1.00 7.63  ? 129 PRO A CA  1 
ATOM   883  C C   . PRO A 1 107 ? -13.605 -3.528  -8.040  1.00 7.85  ? 129 PRO A C   1 
ATOM   884  O O   . PRO A 1 107 ? -12.484 -3.066  -7.857  1.00 6.74  ? 129 PRO A O   1 
ATOM   885  C CB  . PRO A 1 107 ? -15.187 -3.423  -6.105  1.00 8.27  ? 129 PRO A CB  1 
ATOM   886  C CG  . PRO A 1 107 ? -15.152 -4.035  -4.719  1.00 8.88  ? 129 PRO A CG  1 
ATOM   887  C CD  . PRO A 1 107 ? -13.709 -4.433  -4.567  1.00 9.34  ? 129 PRO A CD  1 
ATOM   888  N N   . PRO A 1 108 ? -14.246 -3.330  -9.198  1.00 6.25  ? 130 PRO A N   1 
ATOM   889  C CA  . PRO A 1 108 ? -13.529 -2.733  -10.335 1.00 6.21  ? 130 PRO A CA  1 
ATOM   890  C C   . PRO A 1 108 ? -13.295 -1.227  -10.193 1.00 6.15  ? 130 PRO A C   1 
ATOM   891  O O   . PRO A 1 108 ? -12.418 -0.677  -10.861 1.00 6.57  ? 130 PRO A O   1 
ATOM   892  C CB  . PRO A 1 108 ? -14.452 -3.040  -11.541 1.00 6.80  ? 130 PRO A CB  1 
ATOM   893  C CG  . PRO A 1 108 ? -15.837 -3.172  -10.891 1.00 7.68  ? 130 PRO A CG  1 
ATOM   894  C CD  . PRO A 1 108 ? -15.547 -3.896  -9.598  1.00 7.66  ? 130 PRO A CD  1 
ATOM   895  N N   . GLU A 1 109 ? -14.092 -0.556  -9.364  1.00 6.91  ? 131 GLU A N   1 
ATOM   896  C CA  . GLU A 1 109 ? -13.986 0.884   -9.254  1.00 8.32  ? 131 GLU A CA  1 
ATOM   897  C C   . GLU A 1 109 ? -13.581 1.285   -7.835  1.00 7.70  ? 131 GLU A C   1 
ATOM   898  O O   . GLU A 1 109 ? -12.669 0.669   -7.284  1.00 7.56  ? 131 GLU A O   1 
ATOM   899  C CB  . GLU A 1 109 ? -15.226 1.591   -9.834  1.00 9.90  ? 131 GLU A CB  1 
ATOM   900  C CG  . GLU A 1 109 ? -15.473 1.097   -11.286 1.00 14.16 ? 131 GLU A CG  1 
ATOM   901  C CD  . GLU A 1 109 ? -16.459 1.919   -12.058 1.00 21.35 ? 131 GLU A CD  1 
ATOM   902  O OE1 . GLU A 1 109 ? -17.676 1.773   -11.796 1.00 23.46 ? 131 GLU A OE1 1 
ATOM   903  O OE2 . GLU A 1 109 ? -16.007 2.668   -12.963 1.00 25.21 ? 131 GLU A OE2 1 
ATOM   904  N N   . GLU A 1 110 ? -14.250 2.251   -7.213  1.00 8.32  ? 132 GLU A N   1 
ATOM   905  C CA  . GLU A 1 110 ? -13.875 2.675   -5.874  1.00 9.01  ? 132 GLU A CA  1 
ATOM   906  C C   . GLU A 1 110 ? -14.497 1.768   -4.847  1.00 8.32  ? 132 GLU A C   1 
ATOM   907  O O   . GLU A 1 110 ? -15.718 1.560   -4.880  1.00 9.36  ? 132 GLU A O   1 
ATOM   908  C CB  . GLU A 1 110 ? -14.332 4.121   -5.649  1.00 11.24 ? 132 GLU A CB  1 
ATOM   909  C CG  . GLU A 1 110 ? -14.072 4.682   -4.257  1.00 15.08 ? 132 GLU A CG  1 
ATOM   910  C CD  . GLU A 1 110 ? -14.670 6.074   -4.098  1.00 19.73 ? 132 GLU A CD  1 
ATOM   911  O OE1 . GLU A 1 110 ? -15.910 6.201   -4.184  1.00 24.15 ? 132 GLU A OE1 1 
ATOM   912  O OE2 . GLU A 1 110 ? -13.895 7.026   -3.882  1.00 24.24 ? 132 GLU A OE2 1 
ATOM   913  N N   . ASP A 1 111 ? -13.710 1.258   -3.917  1.00 8.07  ? 133 ASP A N   1 
ATOM   914  C CA  . ASP A 1 111 ? -14.236 0.473   -2.802  1.00 7.42  ? 133 ASP A CA  1 
ATOM   915  C C   . ASP A 1 111 ? -13.725 1.093   -1.533  1.00 8.91  ? 133 ASP A C   1 
ATOM   916  O O   . ASP A 1 111 ? -12.553 0.884   -1.146  1.00 7.78  ? 133 ASP A O   1 
ATOM   917  C CB  . ASP A 1 111 ? -13.801 -0.980  -2.897  1.00 7.68  ? 133 ASP A CB  1 
ATOM   918  C CG  . ASP A 1 111 ? -14.252 -1.820  -1.720  1.00 9.38  ? 133 ASP A CG  1 
ATOM   919  O OD1 . ASP A 1 111 ? -15.097 -1.328  -0.931  1.00 10.85 ? 133 ASP A OD1 1 
ATOM   920  O OD2 . ASP A 1 111 ? -13.764 -2.967  -1.567  1.00 11.75 ? 133 ASP A OD2 1 
ATOM   921  N N   . CYS A 1 112 ? -14.588 1.863   -0.884  1.00 9.60  ? 134 CYS A N   1 
ATOM   922  C CA  . CYS A 1 112 ? -14.179 2.548   0.336   1.00 10.94 ? 134 CYS A CA  1 
ATOM   923  C C   . CYS A 1 112 ? -14.715 1.887   1.596   1.00 11.04 ? 134 CYS A C   1 
ATOM   924  O O   . CYS A 1 112 ? -14.901 2.552   2.618   1.00 12.81 ? 134 CYS A O   1 
ATOM   925  C CB  . CYS A 1 112 ? -14.526 4.038   0.261   1.00 12.11 ? 134 CYS A CB  1 
ATOM   926  S SG  . CYS A 1 112 ? -13.270 4.987   -0.665  1.00 15.28 ? 134 CYS A SG  1 
ATOM   927  N N   . THR A 1 113 ? -14.914 0.583   1.552   1.00 10.00 ? 135 THR A N   1 
ATOM   928  C CA  . THR A 1 113 ? -15.235 -0.168  2.728   1.00 10.09 ? 135 THR A CA  1 
ATOM   929  C C   . THR A 1 113 ? -13.938 -0.447  3.458   1.00 9.65  ? 135 THR A C   1 
ATOM   930  O O   . THR A 1 113 ? -12.823 -0.354  2.862   1.00 10.71 ? 135 THR A O   1 
ATOM   931  C CB  . THR A 1 113 ? -15.969 -1.484  2.387   1.00 9.85  ? 135 THR A CB  1 
ATOM   932  O OG1 . THR A 1 113 ? -15.110 -2.294  1.562   1.00 10.44 ? 135 THR A OG1 1 
ATOM   933  C CG2 . THR A 1 113 ? -17.302 -1.207  1.663   1.00 13.18 ? 135 THR A CG2 1 
ATOM   934  N N   A SER A 1 114 ? -14.063 -0.811  4.729   0.50 9.75  ? 136 SER A N   1 
ATOM   935  N N   B SER A 1 114 ? -14.060 -0.837  4.717   0.50 9.17  ? 136 SER A N   1 
ATOM   936  C CA  A SER A 1 114 ? -12.900 -1.132  5.555   0.50 10.43 ? 136 SER A CA  1 
ATOM   937  C CA  B SER A 1 114 ? -12.892 -1.081  5.556   0.50 9.42  ? 136 SER A CA  1 
ATOM   938  C C   A SER A 1 114 ? -12.292 -2.436  5.115   0.50 10.29 ? 136 SER A C   1 
ATOM   939  C C   B SER A 1 114 ? -12.349 -2.486  5.343   0.50 9.95  ? 136 SER A C   1 
ATOM   940  O O   A SER A 1 114 ? -12.953 -3.270  4.500   0.50 10.21 ? 136 SER A O   1 
ATOM   941  O O   B SER A 1 114 ? -13.111 -3.434  5.078   0.50 9.39  ? 136 SER A O   1 
ATOM   942  C CB  A SER A 1 114 ? -13.284 -1.240  7.028   0.50 11.35 ? 136 SER A CB  1 
ATOM   943  C CB  B SER A 1 114 ? -13.242 -0.818  7.022   0.50 9.55  ? 136 SER A CB  1 
ATOM   944  O OG  A SER A 1 114 ? -13.481 0.032   7.618   0.50 11.48 ? 136 SER A OG  1 
ATOM   945  O OG  B SER A 1 114 ? -14.469 -1.457  7.360   0.50 7.34  ? 136 SER A OG  1 
ATOM   946  N N   . VAL A 1 115 ? -11.025 -2.607  5.470   1.00 10.04 ? 137 VAL A N   1 
ATOM   947  C CA  . VAL A 1 115 ? -10.306 -3.868  5.328   1.00 11.20 ? 137 VAL A CA  1 
ATOM   948  C C   . VAL A 1 115 ? -10.332 -4.525  6.701   1.00 13.46 ? 137 VAL A C   1 
ATOM   949  O O   . VAL A 1 115 ? -9.974  -3.893  7.716   1.00 12.50 ? 137 VAL A O   1 
ATOM   950  C CB  . VAL A 1 115 ? -8.844  -3.599  4.892   1.00 10.83 ? 137 VAL A CB  1 
ATOM   951  C CG1 . VAL A 1 115 ? -8.043  -4.901  4.836   1.00 9.93  ? 137 VAL A CG1 1 
ATOM   952  C CG2 . VAL A 1 115 ? -8.800  -2.909  3.545   1.00 10.78 ? 137 VAL A CG2 1 
ATOM   953  N N   . THR A 1 116 ? -10.769 -5.784  6.763   1.00 16.93 ? 138 THR A N   1 
ATOM   954  C CA  . THR A 1 116 ? -10.945 -6.443  8.055   1.00 20.14 ? 138 THR A CA  1 
ATOM   955  C C   . THR A 1 116 ? -10.293 -7.819  8.109   1.00 20.47 ? 138 THR A C   1 
ATOM   956  O O   . THR A 1 116 ? -10.703 -8.681  8.895   1.00 21.72 ? 138 THR A O   1 
ATOM   957  C CB  . THR A 1 116 ? -12.431 -6.593  8.427   1.00 20.63 ? 138 THR A CB  1 
ATOM   958  O OG1 . THR A 1 116 ? -13.179 -6.925  7.256   1.00 24.01 ? 138 THR A OG1 1 
ATOM   959  C CG2 . THR A 1 116 ? -12.989 -5.299  9.060   1.00 23.73 ? 138 THR A CG2 1 
ATOM   960  N N   . ASP A 1 117 ? -9.305  -8.038  7.249   1.00 20.89 ? 139 ASP A N   1 
ATOM   961  C CA  . ASP A 1 117 ? -8.480  -9.233  7.338   1.00 22.03 ? 139 ASP A CA  1 
ATOM   962  C C   . ASP A 1 117 ? -7.168  -9.097  6.609   1.00 21.15 ? 139 ASP A C   1 
ATOM   963  O O   . ASP A 1 117 ? -6.983  -8.227  5.752   1.00 20.54 ? 139 ASP A O   1 
ATOM   964  C CB  . ASP A 1 117 ? -9.218  -10.527 6.930   1.00 24.09 ? 139 ASP A CB  1 
ATOM   965  C CG  . ASP A 1 117 ? -10.184 -10.337 5.784   1.00 27.18 ? 139 ASP A CG  1 
ATOM   966  O OD1 . ASP A 1 117 ? -11.396 -10.570 5.998   1.00 32.35 ? 139 ASP A OD1 1 
ATOM   967  O OD2 . ASP A 1 117 ? -9.741  -9.988  4.667   1.00 32.27 ? 139 ASP A OD2 1 
ATOM   968  N N   . LEU A 1 118 ? -6.241  -9.960  7.003   1.00 19.84 ? 140 LEU A N   1 
ATOM   969  C CA  . LEU A 1 118 ? -4.913  -10.020 6.440   1.00 18.34 ? 140 LEU A CA  1 
ATOM   970  C C   . LEU A 1 118 ? -4.756  -11.495 6.097   1.00 17.65 ? 140 LEU A C   1 
ATOM   971  O O   . LEU A 1 118 ? -4.113  -12.264 6.843   1.00 17.35 ? 140 LEU A O   1 
ATOM   972  C CB  . LEU A 1 118 ? -3.900  -9.538  7.474   1.00 18.45 ? 140 LEU A CB  1 
ATOM   973  C CG  . LEU A 1 118 ? -2.434  -9.482  7.061   1.00 17.08 ? 140 LEU A CG  1 
ATOM   974  C CD1 . LEU A 1 118 ? -2.161  -8.474  5.929   1.00 20.27 ? 140 LEU A CD1 1 
ATOM   975  C CD2 . LEU A 1 118 ? -1.552  -9.191  8.257   1.00 19.45 ? 140 LEU A CD2 1 
ATOM   976  N N   . PRO A 1 119 ? -5.374  -11.916 4.979   1.00 16.18 ? 141 PRO A N   1 
ATOM   977  C CA  . PRO A 1 119 ? -5.746  -13.323 4.814   1.00 16.39 ? 141 PRO A CA  1 
ATOM   978  C C   . PRO A 1 119 ? -4.575  -14.268 4.629   1.00 15.17 ? 141 PRO A C   1 
ATOM   979  O O   . PRO A 1 119 ? -4.719  -15.484 4.829   1.00 16.21 ? 141 PRO A O   1 
ATOM   980  C CB  . PRO A 1 119 ? -6.614  -13.314 3.548   1.00 16.13 ? 141 PRO A CB  1 
ATOM   981  C CG  . PRO A 1 119 ? -6.246  -12.075 2.824   1.00 16.85 ? 141 PRO A CG  1 
ATOM   982  C CD  . PRO A 1 119 ? -5.798  -11.080 3.830   1.00 16.13 ? 141 PRO A CD  1 
ATOM   983  N N   . ASN A 1 120 ? -3.425  -13.733 4.255   1.00 13.28 ? 142 ASN A N   1 
ATOM   984  C CA  . ASN A 1 120 ? -2.299  -14.568 3.908   1.00 12.52 ? 142 ASN A CA  1 
ATOM   985  C C   . ASN A 1 120 ? -1.080  -14.319 4.790   1.00 11.68 ? 142 ASN A C   1 
ATOM   986  O O   . ASN A 1 120 ? 0.040   -14.639 4.403   1.00 13.11 ? 142 ASN A O   1 
ATOM   987  C CB  . ASN A 1 120 ? -1.975  -14.404 2.428   1.00 13.33 ? 142 ASN A CB  1 
ATOM   988  C CG  . ASN A 1 120 ? -1.188  -15.552 1.877   1.00 15.36 ? 142 ASN A CG  1 
ATOM   989  O OD1 . ASN A 1 120 ? -1.412  -16.717 2.255   1.00 17.77 ? 142 ASN A OD1 1 
ATOM   990  N ND2 . ASN A 1 120 ? -0.251  -15.258 0.995   1.00 16.90 ? 142 ASN A ND2 1 
ATOM   991  N N   . SER A 1 121 ? -1.323  -13.779 5.982   1.00 11.01 ? 143 SER A N   1 
ATOM   992  C CA  . SER A 1 121 ? -0.258  -13.696 6.981   1.00 11.32 ? 143 SER A CA  1 
ATOM   993  C C   . SER A 1 121 ? 0.098   -15.102 7.461   1.00 10.98 ? 143 SER A C   1 
ATOM   994  O O   . SER A 1 121 ? -0.741  -16.026 7.437   1.00 11.93 ? 143 SER A O   1 
ATOM   995  C CB  . SER A 1 121 ? -0.723  -12.839 8.165   1.00 10.93 ? 143 SER A CB  1 
ATOM   996  O OG  . SER A 1 121 ? -1.862  -13.388 8.757   1.00 15.33 ? 143 SER A OG  1 
ATOM   997  N N   . PHE A 1 122 ? 1.334   -15.264 7.876   1.00 10.09 ? 144 PHE A N   1 
ATOM   998  C CA  . PHE A 1 122 ? 1.733   -16.580 8.373   1.00 10.43 ? 144 PHE A CA  1 
ATOM   999  C C   . PHE A 1 122 ? 1.865   -16.584 9.884   1.00 11.11 ? 144 PHE A C   1 
ATOM   1000 O O   . PHE A 1 122 ? 1.758   -15.538 10.524  1.00 11.16 ? 144 PHE A O   1 
ATOM   1001 C CB  . PHE A 1 122 ? 2.901   -17.211 7.593   1.00 13.45 ? 144 PHE A CB  1 
ATOM   1002 C CG  . PHE A 1 122 ? 4.111   -16.356 7.449   1.00 14.66 ? 144 PHE A CG  1 
ATOM   1003 C CD1 . PHE A 1 122 ? 5.074   -16.284 8.456   1.00 17.47 ? 144 PHE A CD1 1 
ATOM   1004 C CD2 . PHE A 1 122 ? 4.364   -15.713 6.246   1.00 17.55 ? 144 PHE A CD2 1 
ATOM   1005 C CE1 . PHE A 1 122 ? 6.244   -15.517 8.281   1.00 18.56 ? 144 PHE A CE1 1 
ATOM   1006 C CE2 . PHE A 1 122 ? 5.521   -14.954 6.059   1.00 19.10 ? 144 PHE A CE2 1 
ATOM   1007 C CZ  . PHE A 1 122 ? 6.452   -14.845 7.075   1.00 20.66 ? 144 PHE A CZ  1 
ATOM   1008 N N   . ASP A 1 123 ? 2.017   -17.771 10.470  1.00 10.30 ? 145 ASP A N   1 
ATOM   1009 C CA  . ASP A 1 123 ? 2.189   -17.872 11.922  1.00 9.87  ? 145 ASP A CA  1 
ATOM   1010 C C   . ASP A 1 123 ? 3.364   -17.007 12.389  1.00 9.48  ? 145 ASP A C   1 
ATOM   1011 O O   . ASP A 1 123 ? 4.411   -16.959 11.746  1.00 9.57  ? 145 ASP A O   1 
ATOM   1012 C CB  . ASP A 1 123 ? 2.480   -19.328 12.304  1.00 10.00 ? 145 ASP A CB  1 
ATOM   1013 C CG  . ASP A 1 123 ? 2.596   -19.532 13.788  1.00 13.09 ? 145 ASP A CG  1 
ATOM   1014 O OD1 . ASP A 1 123 ? 1.561   -19.701 14.444  1.00 14.75 ? 145 ASP A OD1 1 
ATOM   1015 O OD2 . ASP A 1 123 ? 3.738   -19.527 14.292  1.00 15.19 ? 145 ASP A OD2 1 
ATOM   1016 N N   . GLY A 1 124 ? 3.203   -16.359 13.529  1.00 9.96  ? 146 GLY A N   1 
ATOM   1017 C CA  . GLY A 1 124 ? 4.280   -15.543 14.071  1.00 11.41 ? 146 GLY A CA  1 
ATOM   1018 C C   . GLY A 1 124 ? 3.857   -14.821 15.339  1.00 11.40 ? 146 GLY A C   1 
ATOM   1019 O O   . GLY A 1 124 ? 2.693   -14.885 15.749  1.00 12.24 ? 146 GLY A O   1 
ATOM   1020 N N   . PRO A 1 125 ? 4.802   -14.092 15.945  1.00 12.29 ? 147 PRO A N   1 
ATOM   1021 C CA  . PRO A 1 125 ? 4.562   -13.530 17.260  1.00 12.81 ? 147 PRO A CA  1 
ATOM   1022 C C   . PRO A 1 125 ? 4.158   -12.063 17.266  1.00 12.91 ? 147 PRO A C   1 
ATOM   1023 O O   . PRO A 1 125 ? 3.937   -11.510 18.346  1.00 13.77 ? 147 PRO A O   1 
ATOM   1024 C CB  . PRO A 1 125 ? 5.930   -13.644 17.915  1.00 13.11 ? 147 PRO A CB  1 
ATOM   1025 C CG  . PRO A 1 125 ? 6.870   -13.379 16.807  1.00 13.56 ? 147 PRO A CG  1 
ATOM   1026 C CD  . PRO A 1 125 ? 6.203   -13.928 15.538  1.00 13.28 ? 147 PRO A CD  1 
ATOM   1027 N N   . VAL A 1 126 ? 4.074   -11.428 16.097  1.00 11.90 ? 148 VAL A N   1 
ATOM   1028 C CA  . VAL A 1 126 ? 3.809   -9.989  16.024  1.00 11.98 ? 148 VAL A CA  1 
ATOM   1029 C C   . VAL A 1 126 ? 2.309   -9.725  16.072  1.00 10.72 ? 148 VAL A C   1 
ATOM   1030 O O   . VAL A 1 126 ? 1.528   -10.380 15.376  1.00 10.48 ? 148 VAL A O   1 
ATOM   1031 C CB  . VAL A 1 126 ? 4.408   -9.391  14.730  1.00 12.37 ? 148 VAL A CB  1 
ATOM   1032 C CG1 . VAL A 1 126 ? 4.221   -7.886  14.696  1.00 12.40 ? 148 VAL A CG1 1 
ATOM   1033 C CG2 . VAL A 1 126 ? 5.892   -9.770  14.583  1.00 13.84 ? 148 VAL A CG2 1 
ATOM   1034 N N   . THR A 1 127 ? 1.888   -8.752  16.871  1.00 10.97 ? 149 THR A N   1 
ATOM   1035 C CA  . THR A 1 127 ? 0.515   -8.271  16.789  1.00 11.34 ? 149 THR A CA  1 
ATOM   1036 C C   . THR A 1 127 ? 0.426   -7.301  15.605  1.00 9.82  ? 149 THR A C   1 
ATOM   1037 O O   . THR A 1 127 ? 1.014   -6.230  15.619  1.00 10.26 ? 149 THR A O   1 
ATOM   1038 C CB  . THR A 1 127 ? 0.064   -7.575  18.082  1.00 12.07 ? 149 THR A CB  1 
ATOM   1039 O OG1 . THR A 1 127 ? 0.060   -8.542  19.141  1.00 14.97 ? 149 THR A OG1 1 
ATOM   1040 C CG2 . THR A 1 127 ? -1.367  -7.043  17.934  1.00 13.86 ? 149 THR A CG2 1 
ATOM   1041 N N   . ILE A 1 128 ? -0.280  -7.712  14.569  1.00 8.78  ? 150 ILE A N   1 
ATOM   1042 C CA  . ILE A 1 128 ? -0.412  -6.899  13.363  1.00 8.69  ? 150 ILE A CA  1 
ATOM   1043 C C   . ILE A 1 128 ? -1.783  -6.285  13.376  1.00 9.19  ? 150 ILE A C   1 
ATOM   1044 O O   . ILE A 1 128 ? -2.783  -7.000  13.434  1.00 9.30  ? 150 ILE A O   1 
ATOM   1045 C CB  . ILE A 1 128 ? -0.218  -7.738  12.092  1.00 9.01  ? 150 ILE A CB  1 
ATOM   1046 C CG1 . ILE A 1 128 ? 1.124   -8.463  12.131  1.00 10.10 ? 150 ILE A CG1 1 
ATOM   1047 C CG2 . ILE A 1 128 ? -0.346  -6.866  10.845  1.00 9.82  ? 150 ILE A CG2 1 
ATOM   1048 C CD1 . ILE A 1 128 ? 1.237   -9.573  11.107  1.00 13.98 ? 150 ILE A CD1 1 
ATOM   1049 N N   . THR A 1 129 ? -1.838  -4.964  13.315  1.00 7.59  ? 151 THR A N   1 
ATOM   1050 C CA  . THR A 1 129 ? -3.109  -4.262  13.340  1.00 8.12  ? 151 THR A CA  1 
ATOM   1051 C C   . THR A 1 129 ? -3.349  -3.505  12.035  1.00 7.39  ? 151 THR A C   1 
ATOM   1052 O O   . THR A 1 129 ? -2.568  -2.620  11.672  1.00 8.25  ? 151 THR A O   1 
ATOM   1053 C CB  . THR A 1 129 ? -3.156  -3.293  14.537  1.00 9.04  ? 151 THR A CB  1 
ATOM   1054 O OG1 . THR A 1 129 ? -3.006  -4.051  15.756  1.00 11.22 ? 151 THR A OG1 1 
ATOM   1055 C CG2 . THR A 1 129 ? -4.484  -2.602  14.604  1.00 9.91  ? 151 THR A CG2 1 
ATOM   1056 N N   A ILE A 1 130 ? -4.422  -3.856  11.337  0.50 6.68  ? 152 ILE A N   1 
ATOM   1057 N N   B ILE A 1 130 ? -4.434  -3.835  11.344  0.50 6.54  ? 152 ILE A N   1 
ATOM   1058 C CA  A ILE A 1 130 ? -4.897  -3.071  10.213  0.50 6.56  ? 152 ILE A CA  1 
ATOM   1059 C CA  B ILE A 1 130 ? -4.878  -3.058  10.195  0.50 6.26  ? 152 ILE A CA  1 
ATOM   1060 C C   A ILE A 1 130 ? -5.655  -1.887  10.780  0.50 5.59  ? 152 ILE A C   1 
ATOM   1061 C C   B ILE A 1 130 ? -5.730  -1.898  10.668  0.50 5.38  ? 152 ILE A C   1 
ATOM   1062 O O   A ILE A 1 130 ? -6.521  -2.055  11.648  0.50 5.07  ? 152 ILE A O   1 
ATOM   1063 O O   B ILE A 1 130 ? -6.763  -2.099  11.342  0.50 5.68  ? 152 ILE A O   1 
ATOM   1064 C CB  A ILE A 1 130 ? -5.840  -3.902  9.332   0.50 6.72  ? 152 ILE A CB  1 
ATOM   1065 C CB  B ILE A 1 130 ? -5.714  -3.912  9.248   0.50 6.48  ? 152 ILE A CB  1 
ATOM   1066 C CG1 A ILE A 1 130 ? -5.167  -5.236  8.979   0.50 7.92  ? 152 ILE A CG1 1 
ATOM   1067 C CG1 B ILE A 1 130 ? -4.798  -4.918  8.532   0.50 6.26  ? 152 ILE A CG1 1 
ATOM   1068 C CG2 A ILE A 1 130 ? -6.231  -3.100  8.080   0.50 8.88  ? 152 ILE A CG2 1 
ATOM   1069 C CG2 B ILE A 1 130 ? -6.478  -3.002  8.264   0.50 8.10  ? 152 ILE A CG2 1 
ATOM   1070 C CD1 A ILE A 1 130 ? -3.759  -5.068  8.461   0.50 10.02 ? 152 ILE A CD1 1 
ATOM   1071 C CD1 B ILE A 1 130 ? -5.535  -6.012  7.831   0.50 7.88  ? 152 ILE A CD1 1 
ATOM   1072 N N   . VAL A 1 131 ? -5.276  -0.686  10.357  1.00 5.01  ? 153 VAL A N   1 
ATOM   1073 C CA  . VAL A 1 131 ? -5.983  0.533   10.739  1.00 4.73  ? 153 VAL A CA  1 
ATOM   1074 C C   . VAL A 1 131 ? -6.587  1.160   9.490   1.00 5.33  ? 153 VAL A C   1 
ATOM   1075 O O   . VAL A 1 131 ? -5.865  1.550   8.574   1.00 5.51  ? 153 VAL A O   1 
ATOM   1076 C CB  . VAL A 1 131 ? -5.020  1.528   11.392  1.00 5.58  ? 153 VAL A CB  1 
ATOM   1077 C CG1 . VAL A 1 131 ? -5.809  2.709   11.974  1.00 6.10  ? 153 VAL A CG1 1 
ATOM   1078 C CG2 . VAL A 1 131 ? -4.227  0.825   12.529  1.00 5.76  ? 153 VAL A CG2 1 
ATOM   1079 N N   . ASN A 1 132 ? -7.903  1.284   9.446   1.00 4.53  ? 154 ASN A N   1 
ATOM   1080 C CA  . ASN A 1 132 ? -8.570  1.944   8.341   1.00 5.15  ? 154 ASN A CA  1 
ATOM   1081 C C   . ASN A 1 132 ? -8.658  3.444   8.574   1.00 4.64  ? 154 ASN A C   1 
ATOM   1082 O O   . ASN A 1 132 ? -8.507  3.913   9.716   1.00 5.42  ? 154 ASN A O   1 
ATOM   1083 C CB  . ASN A 1 132 ? -9.960  1.323   8.216   1.00 5.13  ? 154 ASN A CB  1 
ATOM   1084 C CG  . ASN A 1 132 ? -9.880  -0.077  7.691   1.00 5.67  ? 154 ASN A CG  1 
ATOM   1085 O OD1 . ASN A 1 132 ? -9.737  -0.281  6.485   1.00 6.98  ? 154 ASN A OD1 1 
ATOM   1086 N ND2 . ASN A 1 132 ? -9.978  -1.060  8.585   1.00 6.36  ? 154 ASN A ND2 1 
ATOM   1087 N N   . ARG A 1 133 ? -8.909  4.210   7.513   1.00 4.83  ? 155 ARG A N   1 
ATOM   1088 C CA  . ARG A 1 133 ? -8.944  5.662   7.647   1.00 5.79  ? 155 ARG A CA  1 
ATOM   1089 C C   . ARG A 1 133 ? -10.065 6.148   8.589   1.00 4.69  ? 155 ARG A C   1 
ATOM   1090 O O   . ARG A 1 133 ? -9.917  7.174   9.269   1.00 5.53  ? 155 ARG A O   1 
ATOM   1091 C CB  . ARG A 1 133 ? -8.978  6.343   6.262   1.00 6.22  ? 155 ARG A CB  1 
ATOM   1092 C CG  . ARG A 1 133 ? -8.917  7.882   6.265   1.00 8.18  ? 155 ARG A CG  1 
ATOM   1093 C CD  . ARG A 1 133 ? -7.651  8.503   6.843   1.00 13.80 ? 155 ARG A CD  1 
ATOM   1094 N NE  . ARG A 1 133 ? -7.636  8.442   8.306   1.00 16.51 ? 155 ARG A NE  1 
ATOM   1095 C CZ  . ARG A 1 133 ? -6.807  9.113   9.091   1.00 18.43 ? 155 ARG A CZ  1 
ATOM   1096 N NH1 . ARG A 1 133 ? -6.899  8.970   10.404  1.00 19.33 ? 155 ARG A NH1 1 
ATOM   1097 N NH2 . ARG A 1 133 ? -5.907  9.937   8.562   1.00 18.98 ? 155 ARG A NH2 1 
ATOM   1098 N N   . ASP A 1 134 ? -11.168 5.376   8.672   1.00 5.12  ? 156 ASP A N   1 
ATOM   1099 C CA  . ASP A 1 134 ? -12.279 5.695   9.557   1.00 5.72  ? 156 ASP A CA  1 
ATOM   1100 C C   . ASP A 1 134 ? -12.040 5.198   10.979  1.00 6.17  ? 156 ASP A C   1 
ATOM   1101 O O   . ASP A 1 134 ? -12.931 5.318   11.827  1.00 7.11  ? 156 ASP A O   1 
ATOM   1102 C CB  . ASP A 1 134 ? -13.597 5.166   8.976   1.00 6.34  ? 156 ASP A CB  1 
ATOM   1103 C CG  . ASP A 1 134 ? -13.747 3.657   9.056   1.00 6.30  ? 156 ASP A CG  1 
ATOM   1104 O OD1 . ASP A 1 134 ? -12.874 2.936   9.554   1.00 7.07  ? 156 ASP A OD1 1 
ATOM   1105 O OD2 . ASP A 1 134 ? -14.827 3.182   8.612   1.00 7.95  ? 156 ASP A OD2 1 
ATOM   1106 N N   . GLY A 1 135 ? -10.855 4.662   11.237  1.00 5.64  ? 157 GLY A N   1 
ATOM   1107 C CA  . GLY A 1 135 ? -10.476 4.230   12.575  1.00 5.47  ? 157 GLY A CA  1 
ATOM   1108 C C   . GLY A 1 135 ? -10.731 2.776   12.906  1.00 4.91  ? 157 GLY A C   1 
ATOM   1109 O O   . GLY A 1 135 ? -10.189 2.269   13.874  1.00 6.50  ? 157 GLY A O   1 
ATOM   1110 N N   A THR A 1 136 ? -11.545 2.122   12.071  0.50 5.10  ? 158 THR A N   1 
ATOM   1111 N N   B THR A 1 136 ? -11.525 2.091   12.118  0.50 5.75  ? 158 THR A N   1 
ATOM   1112 C CA  A THR A 1 136 ? -11.885 0.701   12.232  0.50 4.99  ? 158 THR A CA  1 
ATOM   1113 C CA  B THR A 1 136 ? -11.813 0.730   12.500  0.50 6.14  ? 158 THR A CA  1 
ATOM   1114 C C   A THR A 1 136 ? -10.571 -0.096  12.292  0.50 5.06  ? 158 THR A C   1 
ATOM   1115 C C   B THR A 1 136 ? -10.557 -0.114  12.356  0.50 5.89  ? 158 THR A C   1 
ATOM   1116 O O   A THR A 1 136 ? -9.687  0.113   11.454  0.50 5.44  ? 158 THR A O   1 
ATOM   1117 O O   B THR A 1 136 ? -9.792  0.040   11.391  0.50 6.15  ? 158 THR A O   1 
ATOM   1118 C CB  A THR A 1 136 ? -12.789 0.175   11.067  0.50 5.01  ? 158 THR A CB  1 
ATOM   1119 C CB  B THR A 1 136 ? -12.950 0.184   11.698  0.50 6.99  ? 158 THR A CB  1 
ATOM   1120 O OG1 A THR A 1 136 ? -13.997 0.943   10.976  0.50 4.49  ? 158 THR A OG1 1 
ATOM   1121 O OG1 B THR A 1 136 ? -12.588 0.202   10.314  0.50 6.61  ? 158 THR A OG1 1 
ATOM   1122 C CG2 A THR A 1 136 ? -13.157 -1.295  11.303  0.50 4.88  ? 158 THR A CG2 1 
ATOM   1123 C CG2 B THR A 1 136 ? -14.182 1.048   11.925  0.50 6.59  ? 158 THR A CG2 1 
ATOM   1124 N N   A ARG A 1 137 ? -10.435 -0.983  13.272  0.50 6.20  ? 159 ARG A N   1 
ATOM   1125 N N   B ARG A 1 137 ? -10.350 -0.983  13.335  0.50 6.78  ? 159 ARG A N   1 
ATOM   1126 C CA  A ARG A 1 137 ? -9.220  -1.791  13.423  0.50 7.31  ? 159 ARG A CA  1 
ATOM   1127 C CA  B ARG A 1 137 ? -9.150  -1.792  13.417  0.50 7.62  ? 159 ARG A CA  1 
ATOM   1128 C C   A ARG A 1 137 ? -9.514  -3.278  13.396  0.50 8.23  ? 159 ARG A C   1 
ATOM   1129 C C   B ARG A 1 137 ? -9.492  -3.265  13.403  0.50 8.40  ? 159 ARG A C   1 
ATOM   1130 O O   A ARG A 1 137 ? -10.584 -3.715  13.842  0.50 9.46  ? 159 ARG A O   1 
ATOM   1131 O O   B ARG A 1 137 ? -10.574 -3.676  13.848  0.50 9.54  ? 159 ARG A O   1 
ATOM   1132 C CB  A ARG A 1 137 ? -8.467  -1.439  14.708  0.50 7.62  ? 159 ARG A CB  1 
ATOM   1133 C CB  B ARG A 1 137 ? -8.351  -1.451  14.676  0.50 7.87  ? 159 ARG A CB  1 
ATOM   1134 C CG  A ARG A 1 137 ? -7.760  -0.108  14.645  0.50 7.66  ? 159 ARG A CG  1 
ATOM   1135 C CG  B ARG A 1 137 ? -7.793  -0.042  14.672  0.50 7.88  ? 159 ARG A CG  1 
ATOM   1136 C CD  A ARG A 1 137 ? -7.013  0.209   15.954  0.50 7.68  ? 159 ARG A CD  1 
ATOM   1137 C CD  B ARG A 1 137 ? -7.216  0.322   16.048  0.50 7.79  ? 159 ARG A CD  1 
ATOM   1138 N NE  A ARG A 1 137 ? -6.394  1.526   15.852  0.50 8.78  ? 159 ARG A NE  1 
ATOM   1139 N NE  B ARG A 1 137 ? -6.207  1.374   15.942  0.50 8.45  ? 159 ARG A NE  1 
ATOM   1140 C CZ  A ARG A 1 137 ? -5.114  1.800   16.066  0.50 9.09  ? 159 ARG A CZ  1 
ATOM   1141 C CZ  B ARG A 1 137 ? -6.475  2.648   15.671  0.50 9.56  ? 159 ARG A CZ  1 
ATOM   1142 N NH1 A ARG A 1 137 ? -4.240  0.863   16.472  0.50 9.33  ? 159 ARG A NH1 1 
ATOM   1143 N NH1 B ARG A 1 137 ? -7.735  3.087   15.477  0.50 8.19  ? 159 ARG A NH1 1 
ATOM   1144 N NH2 A ARG A 1 137 ? -4.722  3.050   15.913  0.50 6.90  ? 159 ARG A NH2 1 
ATOM   1145 N NH2 B ARG A 1 137 ? -5.444  3.494   15.617  0.50 9.78  ? 159 ARG A NH2 1 
ATOM   1146 N N   . TYR A 1 138 ? -8.554  -4.038  12.880  1.00 8.18  ? 160 TYR A N   1 
ATOM   1147 C CA  . TYR A 1 138 ? -8.576  -5.501  12.922  1.00 9.49  ? 160 TYR A CA  1 
ATOM   1148 C C   . TYR A 1 138 ? -7.172  -5.940  13.288  1.00 10.49 ? 160 TYR A C   1 
ATOM   1149 O O   . TYR A 1 138 ? -6.203  -5.550  12.641  1.00 10.84 ? 160 TYR A O   1 
ATOM   1150 C CB  . TYR A 1 138 ? -8.954  -6.058  11.548  1.00 10.91 ? 160 TYR A CB  1 
ATOM   1151 C CG  . TYR A 1 138 ? -8.718  -7.540  11.430  1.00 15.48 ? 160 TYR A CG  1 
ATOM   1152 C CD1 . TYR A 1 138 ? -9.645  -8.450  11.953  1.00 19.45 ? 160 TYR A CD1 1 
ATOM   1153 C CD2 . TYR A 1 138 ? -7.569  -8.040  10.821  1.00 17.61 ? 160 TYR A CD2 1 
ATOM   1154 C CE1 . TYR A 1 138 ? -9.436  -9.826  11.862  1.00 19.53 ? 160 TYR A CE1 1 
ATOM   1155 C CE2 . TYR A 1 138 ? -7.349  -9.424  10.732  1.00 19.50 ? 160 TYR A CE2 1 
ATOM   1156 C CZ  . TYR A 1 138 ? -8.291  -10.306 11.247  1.00 19.90 ? 160 TYR A CZ  1 
ATOM   1157 O OH  . TYR A 1 138 ? -8.073  -11.668 11.157  1.00 23.14 ? 160 TYR A OH  1 
ATOM   1158 N N   . SER A 1 139 ? -7.066  -6.817  14.267  1.00 11.23 ? 161 SER A N   1 
ATOM   1159 C CA  . SER A 1 139 ? -5.767  -7.268  14.749  1.00 12.06 ? 161 SER A CA  1 
ATOM   1160 C C   . SER A 1 139 ? -5.658  -8.785  14.696  1.00 12.83 ? 161 SER A C   1 
ATOM   1161 O O   . SER A 1 139 ? -6.651  -9.495  14.886  1.00 11.78 ? 161 SER A O   1 
ATOM   1162 C CB  . SER A 1 139 ? -5.521  -6.818  16.196  1.00 13.99 ? 161 SER A CB  1 
ATOM   1163 O OG  . SER A 1 139 ? -5.388  -5.411  16.290  1.00 17.64 ? 161 SER A OG  1 
ATOM   1164 N N   . LYS A 1 140 ? -4.450  -9.273  14.463  1.00 11.95 ? 162 LYS A N   1 
ATOM   1165 C CA  . LYS A 1 140 ? -4.183  -10.699 14.527  1.00 13.69 ? 162 LYS A CA  1 
ATOM   1166 C C   . LYS A 1 140 ? -2.707  -10.876 14.828  1.00 13.64 ? 162 LYS A C   1 
ATOM   1167 O O   . LYS A 1 140 ? -1.888  -9.981  14.589  1.00 14.39 ? 162 LYS A O   1 
ATOM   1168 C CB  . LYS A 1 140 ? -4.561  -11.373 13.218  1.00 14.42 ? 162 LYS A CB  1 
ATOM   1169 C CG  . LYS A 1 140 ? -3.679  -11.025 12.034  1.00 16.76 ? 162 LYS A CG  1 
ATOM   1170 C CD  . LYS A 1 140 ? -4.257  -11.562 10.720  1.00 20.73 ? 162 LYS A CD  1 
ATOM   1171 C CE  . LYS A 1 140 ? -4.283  -13.100 10.670  1.00 21.41 ? 162 LYS A CE  1 
ATOM   1172 N NZ  . LYS A 1 140 ? -4.644  -13.663 9.314   1.00 23.42 ? 162 LYS A NZ  1 
ATOM   1173 N N   . LYS A 1 141 ? -2.371  -12.040 15.362  1.00 13.37 ? 163 LYS A N   1 
ATOM   1174 C CA  . LYS A 1 141 ? -1.001  -12.411 15.636  1.00 13.61 ? 163 LYS A CA  1 
ATOM   1175 C C   . LYS A 1 141 ? -0.459  -13.115 14.401  1.00 11.92 ? 163 LYS A C   1 
ATOM   1176 O O   . LYS A 1 141 ? -1.113  -13.972 13.826  1.00 13.12 ? 163 LYS A O   1 
ATOM   1177 C CB  . LYS A 1 141 ? -0.960  -13.359 16.841  1.00 14.93 ? 163 LYS A CB  1 
ATOM   1178 C CG  . LYS A 1 141 ? 0.376   -13.529 17.520  1.00 19.80 ? 163 LYS A CG  1 
ATOM   1179 C CD  . LYS A 1 141 ? 0.250   -14.488 18.723  1.00 25.15 ? 163 LYS A CD  1 
ATOM   1180 C CE  . LYS A 1 141 ? 1.296   -15.617 18.715  1.00 27.31 ? 163 LYS A CE  1 
ATOM   1181 N NZ  . LYS A 1 141 ? 1.044   -16.638 17.634  1.00 28.74 ? 163 LYS A NZ  1 
ATOM   1182 N N   . GLY A 1 142 ? 0.722   -12.726 13.966  1.00 10.08 ? 164 GLY A N   1 
ATOM   1183 C CA  . GLY A 1 142 ? 1.347   -13.387 12.850  1.00 9.67  ? 164 GLY A CA  1 
ATOM   1184 C C   . GLY A 1 142 ? 2.661   -12.761 12.454  1.00 10.15 ? 164 GLY A C   1 
ATOM   1185 O O   . GLY A 1 142 ? 3.344   -12.130 13.273  1.00 10.60 ? 164 GLY A O   1 
ATOM   1186 N N   . GLU A 1 143 ? 3.023   -12.958 11.191  1.00 9.33  ? 165 GLU A N   1 
ATOM   1187 C CA  . GLU A 1 143 ? 4.214   -12.405 10.582  1.00 9.85  ? 165 GLU A CA  1 
ATOM   1188 C C   . GLU A 1 143 ? 3.964   -12.377 9.073   1.00 9.58  ? 165 GLU A C   1 
ATOM   1189 O O   . GLU A 1 143 ? 3.147   -13.157 8.547   1.00 9.69  ? 165 GLU A O   1 
ATOM   1190 C CB  . GLU A 1 143 ? 5.427   -13.263 10.958  1.00 10.17 ? 165 GLU A CB  1 
ATOM   1191 C CG  . GLU A 1 143 ? 6.775   -12.825 10.361  1.00 12.52 ? 165 GLU A CG  1 
ATOM   1192 C CD  . GLU A 1 143 ? 7.139   -11.390 10.701  1.00 14.71 ? 165 GLU A CD  1 
ATOM   1193 O OE1 . GLU A 1 143 ? 7.747   -11.147 11.770  1.00 15.48 ? 165 GLU A OE1 1 
ATOM   1194 O OE2 . GLU A 1 143 ? 6.825   -10.468 9.895   1.00 12.87 ? 165 GLU A OE2 1 
ATOM   1195 N N   . TYR A 1 144 ? 4.647   -11.471 8.381   1.00 9.93  ? 166 TYR A N   1 
ATOM   1196 C CA  . TYR A 1 144 ? 4.612   -11.450 6.911   1.00 9.73  ? 166 TYR A CA  1 
ATOM   1197 C C   . TYR A 1 144 ? 5.990   -11.335 6.265   1.00 9.73  ? 166 TYR A C   1 
ATOM   1198 O O   . TYR A 1 144 ? 6.127   -11.584 5.068   1.00 9.78  ? 166 TYR A O   1 
ATOM   1199 C CB  . TYR A 1 144 ? 3.679   -10.352 6.360   1.00 9.32  ? 166 TYR A CB  1 
ATOM   1200 C CG  . TYR A 1 144 ? 4.129   -8.978  6.759   1.00 9.90  ? 166 TYR A CG  1 
ATOM   1201 C CD1 . TYR A 1 144 ? 5.023   -8.257  5.961   1.00 9.86  ? 166 TYR A CD1 1 
ATOM   1202 C CD2 . TYR A 1 144 ? 3.669   -8.384  7.930   1.00 11.37 ? 166 TYR A CD2 1 
ATOM   1203 C CE1 . TYR A 1 144 ? 5.468   -6.996  6.332   1.00 11.32 ? 166 TYR A CE1 1 
ATOM   1204 C CE2 . TYR A 1 144 ? 4.119   -7.122  8.314   1.00 14.98 ? 166 TYR A CE2 1 
ATOM   1205 C CZ  . TYR A 1 144 ? 4.998   -6.435  7.496   1.00 11.81 ? 166 TYR A CZ  1 
ATOM   1206 O OH  . TYR A 1 144 ? 5.443   -5.188  7.878   1.00 15.41 ? 166 TYR A OH  1 
ATOM   1207 N N   . ARG A 1 145 ? 7.019   -11.015 7.057   1.00 11.12 ? 167 ARG A N   1 
ATOM   1208 C CA  . ARG A 1 145 ? 8.346   -10.747 6.488   1.00 12.51 ? 167 ARG A CA  1 
ATOM   1209 C C   . ARG A 1 145 ? 9.087   -12.048 6.273   1.00 13.86 ? 167 ARG A C   1 
ATOM   1210 O O   . ARG A 1 145 ? 9.141   -12.867 7.184   1.00 15.79 ? 167 ARG A O   1 
ATOM   1211 C CB  . ARG A 1 145 ? 9.128   -9.811  7.416   1.00 12.71 ? 167 ARG A CB  1 
ATOM   1212 C CG  . ARG A 1 145 ? 8.514   -8.409  7.488   1.00 13.15 ? 167 ARG A CG  1 
ATOM   1213 C CD  . ARG A 1 145 ? 8.950   -7.599  8.707   1.00 14.97 ? 167 ARG A CD  1 
ATOM   1214 N NE  . ARG A 1 145 ? 8.586   -8.247  9.971   1.00 15.23 ? 167 ARG A NE  1 
ATOM   1215 C CZ  . ARG A 1 145 ? 8.935   -7.800  11.174  1.00 17.71 ? 167 ARG A CZ  1 
ATOM   1216 N NH1 . ARG A 1 145 ? 9.640   -6.679  11.301  1.00 16.91 ? 167 ARG A NH1 1 
ATOM   1217 N NH2 . ARG A 1 145 ? 8.554   -8.455  12.258  1.00 17.51 ? 167 ARG A NH2 1 
ATOM   1218 N N   . THR A 1 146 ? 9.628   -12.243 5.078   1.00 14.98 ? 168 THR A N   1 
ATOM   1219 C CA  . THR A 1 146 ? 10.361  -13.464 4.737   1.00 17.81 ? 168 THR A CA  1 
ATOM   1220 C C   . THR A 1 146 ? 11.873  -13.238 4.646   1.00 19.51 ? 168 THR A C   1 
ATOM   1221 O O   . THR A 1 146 ? 12.628  -14.209 4.557   1.00 20.59 ? 168 THR A O   1 
ATOM   1222 C CB  . THR A 1 146 ? 9.868   -14.104 3.418   1.00 17.58 ? 168 THR A CB  1 
ATOM   1223 O OG1 . THR A 1 146 ? 10.256  -13.283 2.314   1.00 17.79 ? 168 THR A OG1 1 
ATOM   1224 C CG2 . THR A 1 146 ? 8.353   -14.305 3.428   1.00 17.92 ? 168 THR A CG2 1 
ATOM   1225 N N   . HIS A 1 147 ? 12.314  -11.978 4.684   1.00 20.38 ? 169 HIS A N   1 
ATOM   1226 C CA  . HIS A 1 147 ? 13.739  -11.626 4.563   1.00 22.80 ? 169 HIS A CA  1 
ATOM   1227 C C   . HIS A 1 147 ? 14.298  -11.157 5.902   1.00 23.96 ? 169 HIS A C   1 
ATOM   1228 O O   . HIS A 1 147 ? 13.763  -10.227 6.507   1.00 24.21 ? 169 HIS A O   1 
ATOM   1229 C CB  . HIS A 1 147 ? 13.934  -10.520 3.520   1.00 22.44 ? 169 HIS A CB  1 
ATOM   1230 C CG  . HIS A 1 147 ? 13.659  -10.955 2.117   1.00 23.31 ? 169 HIS A CG  1 
ATOM   1231 N ND1 . HIS A 1 147 ? 12.397  -10.923 1.562   1.00 24.61 ? 169 HIS A ND1 1 
ATOM   1232 C CD2 . HIS A 1 147 ? 14.483  -11.421 1.148   1.00 24.90 ? 169 HIS A CD2 1 
ATOM   1233 C CE1 . HIS A 1 147 ? 12.455  -11.357 0.314   1.00 24.17 ? 169 HIS A CE1 1 
ATOM   1234 N NE2 . HIS A 1 147 ? 13.709  -11.668 0.041   1.00 26.49 ? 169 HIS A NE2 1 
ATOM   1235 N N   . GLN A 1 148 ? 15.378  -11.791 6.364   1.00 26.33 ? 170 GLN A N   1 
ATOM   1236 C CA  . GLN A 1 148 ? 15.992  -11.440 7.657   1.00 28.08 ? 170 GLN A CA  1 
ATOM   1237 C C   . GLN A 1 148 ? 16.439  -9.976  7.742   1.00 28.82 ? 170 GLN A C   1 
ATOM   1238 O O   . GLN A 1 148 ? 16.289  -9.343  8.791   1.00 29.07 ? 170 GLN A O   1 
ATOM   1239 C CB  . GLN A 1 148 ? 17.160  -12.386 7.993   1.00 28.54 ? 170 GLN A CB  1 
ATOM   1240 C CG  . GLN A 1 148 ? 17.678  -12.290 9.447   1.00 30.60 ? 170 GLN A CG  1 
ATOM   1241 C CD  . GLN A 1 148 ? 16.583  -12.447 10.509  1.00 32.71 ? 170 GLN A CD  1 
ATOM   1242 O OE1 . GLN A 1 148 ? 15.676  -13.276 10.384  1.00 34.71 ? 170 GLN A OE1 1 
ATOM   1243 N NE2 . GLN A 1 148 ? 16.679  -11.650 11.569  1.00 34.01 ? 170 GLN A NE2 1 
ATOM   1244 N N   . GLU A 1 149 ? 16.970  -9.446  6.638   1.00 29.69 ? 171 GLU A N   1 
ATOM   1245 C CA  . GLU A 1 149 ? 17.347  -8.026  6.543   1.00 30.65 ? 171 GLU A CA  1 
ATOM   1246 C C   . GLU A 1 149 ? 16.214  -7.075  6.959   1.00 30.15 ? 171 GLU A C   1 
ATOM   1247 O O   . GLU A 1 149 ? 16.475  -5.962  7.412   1.00 30.37 ? 171 GLU A O   1 
ATOM   1248 C CB  . GLU A 1 149 ? 17.854  -7.670  5.138   1.00 31.25 ? 171 GLU A CB  1 
ATOM   1249 C CG  . GLU A 1 149 ? 16.923  -8.070  3.983   1.00 34.34 ? 171 GLU A CG  1 
ATOM   1250 C CD  . GLU A 1 149 ? 17.251  -9.435  3.384   1.00 37.39 ? 171 GLU A CD  1 
ATOM   1251 O OE1 . GLU A 1 149 ? 17.287  -10.444 4.128   1.00 38.64 ? 171 GLU A OE1 1 
ATOM   1252 O OE2 . GLU A 1 149 ? 17.465  -9.497  2.152   1.00 38.89 ? 171 GLU A OE2 1 
ATOM   1253 N N   . ASP A 1 150 ? 14.968  -7.525  6.809   1.00 29.50 ? 172 ASP A N   1 
ATOM   1254 C CA  . ASP A 1 150 ? 13.796  -6.749  7.230   1.00 28.97 ? 172 ASP A CA  1 
ATOM   1255 C C   . ASP A 1 150 ? 13.334  -7.072  8.655   1.00 29.74 ? 172 ASP A C   1 
ATOM   1256 O O   . ASP A 1 150 ? 12.541  -6.329  9.231   1.00 30.34 ? 172 ASP A O   1 
ATOM   1257 C CB  . ASP A 1 150 ? 12.627  -6.975  6.257   1.00 27.71 ? 172 ASP A CB  1 
ATOM   1258 C CG  . ASP A 1 150 ? 12.942  -6.531  4.843   1.00 25.45 ? 172 ASP A CG  1 
ATOM   1259 O OD1 . ASP A 1 150 ? 13.601  -5.484  4.674   1.00 23.61 ? 172 ASP A OD1 1 
ATOM   1260 O OD2 . ASP A 1 150 ? 12.518  -7.221  3.895   1.00 18.42 ? 172 ASP A OD2 1 
ATOM   1261 N N   . ILE A 1 151 ? 13.850  -8.168  9.216   1.00 30.30 ? 173 ILE A N   1 
ATOM   1262 C CA  . ILE A 1 151 ? 13.324  -8.800  10.442  1.00 31.00 ? 173 ILE A CA  1 
ATOM   1263 C C   . ILE A 1 151 ? 11.958  -9.436  10.176  1.00 30.90 ? 173 ILE A C   1 
ATOM   1264 O O   . ILE A 1 151 ? 11.855  -10.647 9.971   1.00 31.06 ? 173 ILE A O   1 
ATOM   1265 C CB  . ILE A 1 151 ? 13.245  -7.845  11.669  1.00 31.14 ? 173 ILE A CB  1 
ATOM   1266 C CG1 . ILE A 1 151 ? 14.641  -7.400  12.115  1.00 31.59 ? 173 ILE A CG1 1 
ATOM   1267 C CG2 . ILE A 1 151 ? 12.526  -8.527  12.834  1.00 31.74 ? 173 ILE A CG2 1 
ATOM   1268 C CD1 . ILE A 1 151 ? 15.003  -5.993  11.709  1.00 33.76 ? 173 ILE A CD1 1 
HETATM 1269 C CAF . 4WU B 2 .   ? -2.972  7.926   8.770   1.00 21.40 ? 201 4WU A CAF 1 
HETATM 1270 C CAE . 4WU B 2 .   ? -2.453  8.905   7.711   1.00 23.02 ? 201 4WU A CAE 1 
HETATM 1271 N NAH . 4WU B 2 .   ? -2.164  8.252   6.423   1.00 22.99 ? 201 4WU A NAH 1 
HETATM 1272 C CAG . 4WU B 2 .   ? -3.351  7.535   5.892   1.00 20.33 ? 201 4WU A CAG 1 
HETATM 1273 C CAK . 4WU B 2 .   ? -3.986  6.703   6.854   1.00 17.45 ? 201 4WU A CAK 1 
HETATM 1274 C CAJ . 4WU B 2 .   ? -3.798  6.908   8.233   1.00 18.38 ? 201 4WU A CAJ 1 
HETATM 1275 C CAD . 4WU B 2 .   ? -4.453  6.067   9.141   1.00 18.42 ? 201 4WU A CAD 1 
HETATM 1276 C CAB . 4WU B 2 .   ? -5.280  5.033   8.693   1.00 16.65 ? 201 4WU A CAB 1 
HETATM 1277 C CAC . 4WU B 2 .   ? -5.493  4.791   7.330   1.00 11.02 ? 201 4WU A CAC 1 
HETATM 1278 C CAI . 4WU B 2 .   ? -4.841  5.657   6.434   1.00 15.61 ? 201 4WU A CAI 1 
HETATM 1279 N NAA . 4WU B 2 .   ? -4.970  5.493   5.113   1.00 15.62 ? 201 4WU A NAA 1 
HETATM 1280 S S   . DMS C 3 .   ? -12.149 2.660   5.311   1.00 12.51 ? 202 DMS A S   1 
HETATM 1281 O O   . DMS C 3 .   ? -11.777 4.076   6.234   1.00 10.12 ? 202 DMS A O   1 
HETATM 1282 C C1  . DMS C 3 .   ? -13.943 2.598   5.553   1.00 11.41 ? 202 DMS A C1  1 
HETATM 1283 C C2  . DMS C 3 .   ? -11.967 3.249   3.626   1.00 10.50 ? 202 DMS A C2  1 
HETATM 1284 C C1  . GOL D 4 .   ? -2.189  4.370   13.227  1.00 22.08 ? 203 GOL A C1  1 
HETATM 1285 O O1  . GOL D 4 .   ? -2.835  4.917   12.111  1.00 25.57 ? 203 GOL A O1  1 
HETATM 1286 C C2  . GOL D 4 .   ? -0.753  4.879   13.340  1.00 24.29 ? 203 GOL A C2  1 
HETATM 1287 O O2  . GOL D 4 .   ? -0.357  5.649   12.232  1.00 21.01 ? 203 GOL A O2  1 
HETATM 1288 C C3  . GOL D 4 .   ? 0.158   3.668   13.349  1.00 25.38 ? 203 GOL A C3  1 
HETATM 1289 O O3  . GOL D 4 .   ? 1.407   3.978   13.913  1.00 25.52 ? 203 GOL A O3  1 
HETATM 1290 C C1  . GOL E 4 .   ? 5.234   13.562  1.299   1.00 26.48 ? 204 GOL A C1  1 
HETATM 1291 O O1  . GOL E 4 .   ? 6.340   12.687  1.400   1.00 20.57 ? 204 GOL A O1  1 
HETATM 1292 C C2  . GOL E 4 .   ? 5.426   14.615  0.208   1.00 27.92 ? 204 GOL A C2  1 
HETATM 1293 O O2  . GOL E 4 .   ? 6.748   15.111  0.180   1.00 31.31 ? 204 GOL A O2  1 
HETATM 1294 C C3  . GOL E 4 .   ? 5.032   14.062  -1.153  1.00 28.32 ? 204 GOL A C3  1 
HETATM 1295 O O3  . GOL E 4 .   ? 5.620   14.831  -2.183  1.00 26.40 ? 204 GOL A O3  1 
HETATM 1296 C C1  . GOL F 4 .   ? -8.457  -14.522 -9.653  1.00 33.51 ? 205 GOL A C1  1 
HETATM 1297 O O1  . GOL F 4 .   ? -8.643  -13.186 -9.215  1.00 32.41 ? 205 GOL A O1  1 
HETATM 1298 C C2  . GOL F 4 .   ? -9.759  -15.307 -9.841  1.00 33.06 ? 205 GOL A C2  1 
HETATM 1299 O O2  . GOL F 4 .   ? -10.453 -15.403 -8.617  1.00 33.55 ? 205 GOL A O2  1 
HETATM 1300 C C3  . GOL F 4 .   ? -10.663 -14.681 -10.896 1.00 32.68 ? 205 GOL A C3  1 
HETATM 1301 O O3  . GOL F 4 .   ? -11.020 -15.599 -11.909 1.00 31.94 ? 205 GOL A O3  1 
HETATM 1302 S S   . SO4 G 5 .   ? -7.536  -5.850  0.072   1.00 37.38 ? 206 SO4 A S   1 
HETATM 1303 O O1  . SO4 G 5 .   ? -8.586  -6.520  0.847   1.00 39.57 ? 206 SO4 A O1  1 
HETATM 1304 O O2  . SO4 G 5 .   ? -8.135  -5.339  -1.160  1.00 38.21 ? 206 SO4 A O2  1 
HETATM 1305 O O3  . SO4 G 5 .   ? -6.967  -4.777  0.889   1.00 39.65 ? 206 SO4 A O3  1 
HETATM 1306 O O4  . SO4 G 5 .   ? -6.486  -6.824  -0.241  1.00 35.79 ? 206 SO4 A O4  1 
HETATM 1307 O O   . HOH H 6 .   ? -5.392  5.824   14.854  1.00 10.92 ? 301 HOH A O   1 
HETATM 1308 O O   . HOH H 6 .   ? 10.683  -4.647  9.179   1.00 23.44 ? 302 HOH A O   1 
HETATM 1309 O O   . HOH H 6 .   ? 11.314  -2.487  5.662   1.00 18.53 ? 303 HOH A O   1 
HETATM 1310 O O   . HOH H 6 .   ? 2.059   -14.088 2.934   1.00 24.51 ? 304 HOH A O   1 
HETATM 1311 O O   . HOH H 6 .   ? -5.023  6.240   12.179  1.00 14.36 ? 305 HOH A O   1 
HETATM 1312 O O   . HOH H 6 .   ? -13.513 -6.982  -9.652  1.00 9.43  ? 306 HOH A O   1 
HETATM 1313 O O   . HOH H 6 .   ? -15.614 0.651   8.936   1.00 12.11 ? 307 HOH A O   1 
HETATM 1314 O O   . HOH H 6 .   ? 12.428  5.773   7.449   1.00 26.44 ? 308 HOH A O   1 
HETATM 1315 O O   . HOH H 6 .   ? 0.795   2.889   9.994   1.00 27.52 ? 309 HOH A O   1 
HETATM 1316 O O   . HOH H 6 .   ? -0.666  8.238   12.006  1.00 15.45 ? 310 HOH A O   1 
HETATM 1317 O O   . HOH H 6 .   ? -12.677 -13.901 -13.016 1.00 16.38 ? 311 HOH A O   1 
HETATM 1318 O O   . HOH H 6 .   ? 8.740   -12.623 13.714  1.00 25.87 ? 312 HOH A O   1 
HETATM 1319 O O   . HOH H 6 .   ? 5.491   2.960   5.562   1.00 7.23  ? 313 HOH A O   1 
HETATM 1320 O O   . HOH H 6 .   ? 0.501   -6.523  -10.116 1.00 12.69 ? 314 HOH A O   1 
HETATM 1321 O O   . HOH H 6 .   ? -3.982  -3.370  -16.165 1.00 24.59 ? 315 HOH A O   1 
HETATM 1322 O O   . HOH H 6 .   ? 0.020   17.319  -6.974  1.00 11.47 ? 316 HOH A O   1 
HETATM 1323 O O   . HOH H 6 .   ? 6.854   1.093   -13.250 1.00 16.55 ? 317 HOH A O   1 
HETATM 1324 O O   . HOH H 6 .   ? -12.467 6.416   5.177   1.00 10.65 ? 318 HOH A O   1 
HETATM 1325 O O   . HOH H 6 .   ? -2.310  14.027  -15.381 1.00 18.24 ? 319 HOH A O   1 
HETATM 1326 O O   . HOH H 6 .   ? 10.743  -9.234  4.327   1.00 18.68 ? 320 HOH A O   1 
HETATM 1327 O O   . HOH H 6 .   ? -11.298 -1.655  -5.927  1.00 6.24  ? 321 HOH A O   1 
HETATM 1328 O O   . HOH H 6 .   ? -9.155  2.460   5.130   1.00 11.37 ? 322 HOH A O   1 
HETATM 1329 O O   . HOH H 6 .   ? -11.827 -6.056  14.361  1.00 21.19 ? 323 HOH A O   1 
HETATM 1330 O O   . HOH H 6 .   ? -16.652 4.619   7.232   1.00 6.18  ? 324 HOH A O   1 
HETATM 1331 O O   . HOH H 6 .   ? 16.016  11.269  -0.916  1.00 9.78  ? 325 HOH A O   1 
HETATM 1332 O O   . HOH H 6 .   ? 3.822   -9.496  -3.592  1.00 20.27 ? 326 HOH A O   1 
HETATM 1333 O O   . HOH H 6 .   ? -2.527  4.328   4.074   1.00 10.60 ? 327 HOH A O   1 
HETATM 1334 O O   . HOH H 6 .   ? -11.366 -4.276  -1.708  1.00 12.97 ? 328 HOH A O   1 
HETATM 1335 O O   . HOH H 6 .   ? -3.426  -16.194 7.967   1.00 21.20 ? 329 HOH A O   1 
HETATM 1336 O O   . HOH H 6 .   ? 9.158   11.737  -13.002 1.00 13.52 ? 330 HOH A O   1 
HETATM 1337 O O   . HOH H 6 .   ? 10.156  -1.020  9.165   1.00 19.81 ? 331 HOH A O   1 
HETATM 1338 O O   . HOH H 6 .   ? -11.462 4.517   -15.998 1.00 28.63 ? 332 HOH A O   1 
HETATM 1339 O O   . HOH H 6 .   ? -6.974  -12.070 8.608   1.00 24.67 ? 333 HOH A O   1 
HETATM 1340 O O   . HOH H 6 .   ? 4.264   -12.389 3.188   1.00 11.49 ? 334 HOH A O   1 
HETATM 1341 O O   . HOH H 6 .   ? -9.362  -7.455  15.656  1.00 28.90 ? 335 HOH A O   1 
HETATM 1342 O O   . HOH H 6 .   ? -17.313 1.985   -1.345  1.00 20.38 ? 336 HOH A O   1 
HETATM 1343 O O   . HOH H 6 .   ? 20.100  6.782   -5.226  1.00 9.84  ? 337 HOH A O   1 
HETATM 1344 O O   . HOH H 6 .   ? -1.050  -14.911 10.956  1.00 15.60 ? 338 HOH A O   1 
HETATM 1345 O O   . HOH H 6 .   ? -1.709  10.237  1.343   1.00 19.74 ? 339 HOH A O   1 
HETATM 1346 O O   . HOH H 6 .   ? -4.724  7.163   -15.847 1.00 18.52 ? 340 HOH A O   1 
HETATM 1347 O O   . HOH H 6 .   ? -15.691 -4.961  -1.059  1.00 24.37 ? 341 HOH A O   1 
HETATM 1348 O O   . HOH H 6 .   ? -14.610 5.229   -9.613  1.00 23.20 ? 342 HOH A O   1 
HETATM 1349 O O   . HOH H 6 .   ? -4.733  -10.669 -6.053  1.00 24.23 ? 343 HOH A O   1 
HETATM 1350 O O   . HOH H 6 .   ? 5.285   10.246  9.112   1.00 25.96 ? 344 HOH A O   1 
HETATM 1351 O O   . HOH H 6 .   ? 7.941   1.218   11.056  1.00 26.01 ? 345 HOH A O   1 
HETATM 1352 O O   . HOH H 6 .   ? -3.474  -9.447  -7.253  1.00 18.85 ? 346 HOH A O   1 
HETATM 1353 O O   . HOH H 6 .   ? -0.002  9.073   -15.388 1.00 19.88 ? 347 HOH A O   1 
HETATM 1354 O O   . HOH H 6 .   ? 9.275   3.583   -15.563 1.00 19.61 ? 348 HOH A O   1 
HETATM 1355 O O   . HOH H 6 .   ? -5.867  7.677   -0.717  1.00 23.63 ? 349 HOH A O   1 
HETATM 1356 O O   . HOH H 6 .   ? -8.274  8.669   -3.522  1.00 15.29 ? 350 HOH A O   1 
HETATM 1357 O O   . HOH H 6 .   ? 2.503   -1.338  -16.862 1.00 14.39 ? 351 HOH A O   1 
HETATM 1358 O O   . HOH H 6 .   ? -1.911  -9.883  -9.144  1.00 24.04 ? 352 HOH A O   1 
HETATM 1359 O O   . HOH H 6 .   ? 4.515   -8.315  -5.970  1.00 14.30 ? 353 HOH A O   1 
HETATM 1360 O O   . HOH H 6 .   ? -8.047  -4.465  16.998  1.00 28.54 ? 354 HOH A O   1 
HETATM 1361 O O   . HOH H 6 .   ? -1.515  -8.621  -11.542 1.00 15.71 ? 355 HOH A O   1 
HETATM 1362 O O   . HOH H 6 .   ? 6.503   11.613  -13.321 1.00 15.51 ? 356 HOH A O   1 
HETATM 1363 O O   . HOH H 6 .   ? 1.247   9.070   10.142  1.00 21.40 ? 357 HOH A O   1 
HETATM 1364 O O   . HOH H 6 .   ? 0.259   -16.487 14.540  1.00 16.53 ? 358 HOH A O   1 
HETATM 1365 O O   . HOH H 6 .   ? -16.682 -1.129  -8.036  1.00 13.03 ? 359 HOH A O   1 
HETATM 1366 O O   . HOH H 6 .   ? 9.989   -0.766  -7.046  1.00 11.21 ? 360 HOH A O   1 
HETATM 1367 O O   . HOH H 6 .   ? 6.399   -19.797 12.970  1.00 21.48 ? 361 HOH A O   1 
HETATM 1368 O O   . HOH H 6 .   ? 5.042   -1.700  -14.535 1.00 26.23 ? 362 HOH A O   1 
HETATM 1369 O O   . HOH H 6 .   ? -6.644  7.307   3.410   1.00 22.14 ? 363 HOH A O   1 
HETATM 1370 O O   . HOH H 6 .   ? 12.540  6.932   -11.989 1.00 11.52 ? 364 HOH A O   1 
HETATM 1371 O O   . HOH H 6 .   ? 5.464   -13.674 1.039   1.00 29.41 ? 365 HOH A O   1 
HETATM 1372 O O   . HOH H 6 .   ? -14.268 -10.776 -3.838  1.00 26.16 ? 366 HOH A O   1 
HETATM 1373 O O   . HOH H 6 .   ? -8.717  5.879   2.078   1.00 11.91 ? 367 HOH A O   1 
HETATM 1374 O O   . HOH H 6 .   ? 7.192   9.549   7.136   1.00 18.90 ? 368 HOH A O   1 
HETATM 1375 O O   . HOH H 6 .   ? 12.238  14.070  -8.232  1.00 18.68 ? 369 HOH A O   1 
HETATM 1376 O O   . HOH H 6 .   ? -3.205  7.690   1.390   1.00 27.31 ? 370 HOH A O   1 
HETATM 1377 O O   . HOH H 6 .   ? -8.242  6.697   -0.655  1.00 20.90 ? 371 HOH A O   1 
HETATM 1378 O O   . HOH H 6 .   ? 16.576  8.000   -13.588 1.00 15.34 ? 372 HOH A O   1 
HETATM 1379 O O   . HOH H 6 .   ? 10.289  10.258  -14.924 1.00 22.85 ? 373 HOH A O   1 
HETATM 1380 O O   . HOH H 6 .   ? -15.844 7.169   2.125   1.00 18.24 ? 374 HOH A O   1 
HETATM 1381 O O   . HOH H 6 .   ? -13.344 8.099   1.087   1.00 27.22 ? 375 HOH A O   1 
# 
